data_8OJA
#
_entry.id   8OJA
#
_cell.length_a   1.00
_cell.length_b   1.00
_cell.length_c   1.00
_cell.angle_alpha   90.00
_cell.angle_beta   90.00
_cell.angle_gamma   90.00
#
_symmetry.space_group_name_H-M   'P 1'
#
loop_
_entity.id
_entity.type
_entity.pdbx_description
1 polymer 'DNA polymerase catalytic subunit'
2 polymer 'DNA polymerase processivity factor'
3 polymer 'DNA (47-MER)'
4 polymer 'DNA (68-MER)'
5 non-polymer 'CALCIUM ION'
6 water water
#
loop_
_entity_poly.entity_id
_entity_poly.type
_entity_poly.pdbx_seq_one_letter_code
_entity_poly.pdbx_strand_id
1 'polypeptide(L)'
;MFSGGGGPLSPGGKSAARAASGFFAPAGPRGASRGPPPCLRQNFYNPYLAPVGTQQKPTGPTQRHTYYSECDEFRFIAPR
VLDEDAPPEKRAGVHDGHLKRAPKVYCGGDERDVLRVGSGGFWPRRSRLWGGVDHAPAGFNPTVTVFHVYDILENVEHAY
GMRAAQFHARFMDAITPTGTVITLLGLTPEGHRVAVHVYGTRQYFYMNKEEVDRHLQCRAPRDLCERMAAALRESPGASF
RGISADHFEAEVVERTDVYYYETRPALFYRVYVRSGRVLSYLCDNFCPAIKKYEGGVDATTRFILDNPGFVTFGWYRLKP
GRNNTLAQPRAPMAFGTSSDVEFNCTADNLAIEGGMSDLPAYKLMCFDIECKAGGEDELAFPVAGHPEDLVIQISCLLYD
LSTTALEHVLLFSLGSCDLPESHLNELAARGLPTPVVLEFDSEFEMLLAFMTLVKQYGPEFVTGYNIINFDWPFLLAKLT
DIYKVPLDGYGRMNGRGVFRVWDIGQSHFQKRSKIKVNGMVNIDMYGIITDKIKLSSYKLNAVAEAVLKDKKKDLSYRDI
PAYYAAGPAQRGVIGEYCIQDSLLVGQLFFKFLPHLELSAVARLAGINITRTIYDGQQIRVFTCLLRLADQKGFILPDTQ
GRFRGAGGEAPKRPAAAREDEERPEEEGEDEDEREEGGGEREPEGARETAGRHVGYQGARVLDPTSGFHVNPVVVFDFAS
LYPSIIQAHNLCFSTLSLRADAVAHLEAGKDYLEIEVGGRRLFFVKAHVRESLLSILLRDWLAMRKQIRSRIPQSSPEEA
VLLDKQQAAIKVVCNSVYGFTGVQHGLLPCLHVAATVTTIGREMLLATREYVHARWAAFEQLLADFPEAADMRAPGPYSM
RIIYGDTDSIFVLCRGLTAAGLTAVGDKMASHISRALFLPPIKLECEKTFTKLLLIAKKKYIGVIYGGKMLIKGVDLVRK
NNCAFINRTSRALVDLLFYDDTVSGAAAALAERPAEEWLARPLPEGLQAFGAVLVDAHRRITDPERDIQDFVLTAELSRH
PRAYTNKRLAHLTVYYKLMARRAQVPSIKDRIPYVIVAQTREVEETVARLAALRELDAAAPGDEPAPPAALPSPAKRPRE
TPSPADPPGGASKPRKLLVSELAEDPAYAIAHGVALNTDYYFSHLLGAACVTFKALFGNNAKITESLLKRFIPEVWHPPD
DVAARLRTAGFGAVGAGATAEETRRMLHRAFDTLA
;
A
2 'polypeptide(L)'
;MTDSPGGVAPASPVEDASDASLGQPEEGAPCQVVLQGAELNGILQAFAPLRTSLLDSLLVMGDRGILIHNTIFGEQVFLP
LEHSQFSRYRWRGPTAAFLSLVDQKRSLLSVFRANQYPDLRRVELAITGQAPFRTLVQRIWTTTSDGEAVELASETLMKR
ELTSFVVLVPQGTPDVQLRLTRPQLTKVLNATGADSATPTTFELGVNGKFSVFTTSTCVTFAAREEGVSSSTSTQVQILS
NALTKAGQAAANAKTVYGENTHRTFSVVVDDCSMRAVLRRLQVGGGTLKFFLTTPVPSLCVTATGPNAVSAVFLLKPQKI
CLDWLGHSQGSPSAGSSASRASGSEPTDSQDSASDAVSHGDPEDLDGAARAGEAGALHACPMPSSTTRVTPTTKRGRSGG
EDARADTALKKPKTGSPTAPPPADPVPLDTEDDSDAADGTAARPAAPDARSGSRYACYFRDLPTGEASPGAFSAFRGGPQ
TPYGFGFP
;
B
3 'polydeoxyribonucleotide'
;(DG)(DC)(DC)(DA)(DC)(DT)(DA)(DC)(DG)(DA)(DC)(DA)(DC)(DC)(DT)(DT)(DG)(DA)(DT)(DC)
(DG)(DC)(DC)(DT)(DC)(DG)(DC)(DA)(DG)(DC)(DC)(DG)(DT)(DC)(DC)(DA)(DA)(DC)(DC)(DA)
(DA)(DC)(DT)(DC)(DA)(DA)(AS)
;
C
4 'polydeoxyribonucleotide'
;(DA)(DT)(DT)(DT)(DG)(DC)(DT)(DG)(DA)(DC)(DC)(DT)(DT)(DT)(DG)(DT)(DT)(DC)(DT)(DG)
(DG)(DG)(DG)(DT)(DG)(DA)(DG)(DT)(DT)(DG)(DG)(DT)(DT)(DG)(DG)(DA)(DC)(DG)(DG)(DC)
(DT)(DG)(DC)(DG)(DA)(DG)(DG)(DC)(DG)(DA)(DT)(DC)(DA)(DA)(DG)(DG)(DT)(DG)(DT)(DC)
(DG)(DT)(DA)(DG)(DT)(DG)(DG)(DC)
;
D
#
loop_
_chem_comp.id
_chem_comp.type
_chem_comp.name
_chem_comp.formula
AS DNA linking '2-DEOXY-ADENOSINE -5'-THIO-MONOPHOSPHATE' 'C10 H14 N5 O5 P S'
CA non-polymer 'CALCIUM ION' 'Ca 2'
DA DNA linking 2'-DEOXYADENOSINE-5'-MONOPHOSPHATE 'C10 H14 N5 O6 P'
DC DNA linking 2'-DEOXYCYTIDINE-5'-MONOPHOSPHATE 'C9 H14 N3 O7 P'
DG DNA linking 2'-DEOXYGUANOSINE-5'-MONOPHOSPHATE 'C10 H14 N5 O7 P'
DT DNA linking THYMIDINE-5'-MONOPHOSPHATE 'C10 H15 N2 O8 P'
#
# COMPACT_ATOMS: atom_id res chain seq x y z
N THR A 59 -47.61 18.11 35.40
CA THR A 59 -46.48 19.03 35.11
C THR A 59 -45.58 18.43 34.02
N GLY A 60 -44.86 17.36 34.37
CA GLY A 60 -43.99 16.67 33.43
C GLY A 60 -42.66 17.41 33.23
N PRO A 61 -41.74 16.86 32.41
CA PRO A 61 -40.42 17.47 32.22
C PRO A 61 -40.44 18.93 31.74
N THR A 62 -39.52 19.73 32.30
CA THR A 62 -39.31 21.11 31.90
C THR A 62 -38.96 21.17 30.42
N GLN A 63 -38.03 20.30 30.00
CA GLN A 63 -37.65 20.16 28.60
C GLN A 63 -38.10 18.79 28.12
N ARG A 64 -38.83 18.74 27.00
CA ARG A 64 -39.48 17.53 26.53
C ARG A 64 -38.44 16.47 26.15
N HIS A 65 -38.67 15.25 26.59
CA HIS A 65 -37.92 14.07 26.20
C HIS A 65 -38.34 13.65 24.79
N THR A 66 -37.41 13.55 23.84
CA THR A 66 -37.74 13.29 22.43
C THR A 66 -37.48 11.84 22.00
N TYR A 67 -36.79 11.05 22.79
CA TYR A 67 -36.74 9.60 22.56
C TYR A 67 -38.13 9.00 22.76
N TYR A 68 -38.39 7.80 22.21
CA TYR A 68 -39.69 7.16 22.37
C TYR A 68 -39.82 6.52 23.76
N SER A 69 -40.85 6.94 24.51
CA SER A 69 -41.24 6.29 25.76
C SER A 69 -42.59 5.57 25.60
N GLU A 70 -43.32 5.89 24.53
CA GLU A 70 -44.49 5.14 24.11
C GLU A 70 -44.58 5.15 22.58
N CYS A 71 -45.26 4.14 22.04
CA CYS A 71 -45.35 3.88 20.61
C CYS A 71 -46.46 2.85 20.41
N ASP A 72 -47.40 3.11 19.49
CA ASP A 72 -48.56 2.24 19.34
C ASP A 72 -48.86 1.93 17.88
N GLU A 73 -48.03 2.42 16.96
CA GLU A 73 -48.06 2.03 15.57
C GLU A 73 -46.67 2.20 14.98
N PHE A 74 -46.35 1.37 13.99
CA PHE A 74 -45.05 1.40 13.35
C PHE A 74 -45.03 0.61 12.05
N ARG A 75 -44.04 0.92 11.23
CA ARG A 75 -43.79 0.21 10.00
C ARG A 75 -43.23 -1.18 10.33
N PHE A 76 -44.05 -2.21 10.07
CA PHE A 76 -43.68 -3.59 10.29
C PHE A 76 -42.99 -4.14 9.04
N ILE A 77 -41.68 -4.42 9.13
CA ILE A 77 -40.93 -5.07 8.08
C ILE A 77 -40.27 -6.35 8.62
N ALA A 78 -40.60 -7.50 8.03
CA ALA A 78 -40.02 -8.78 8.39
C ALA A 78 -39.87 -9.71 7.19
N PRO A 79 -38.84 -10.60 7.14
CA PRO A 79 -38.77 -11.61 6.10
C PRO A 79 -39.94 -12.59 6.21
N ARG A 80 -40.57 -12.87 5.06
CA ARG A 80 -41.71 -13.77 5.00
C ARG A 80 -41.31 -15.20 5.41
N VAL A 81 -40.04 -15.56 5.25
CA VAL A 81 -39.58 -16.90 5.61
C VAL A 81 -39.84 -17.24 7.09
N LEU A 82 -40.01 -16.21 7.95
CA LEU A 82 -40.27 -16.42 9.37
C LEU A 82 -41.68 -16.98 9.58
N ASP A 83 -42.56 -16.82 8.59
CA ASP A 83 -43.87 -17.46 8.59
C ASP A 83 -43.65 -18.92 8.16
N GLU A 84 -43.03 -19.70 9.06
CA GLU A 84 -42.53 -21.04 8.74
C GLU A 84 -43.70 -22.02 8.62
N ASP A 85 -44.92 -21.52 8.84
CA ASP A 85 -46.16 -22.28 8.65
C ASP A 85 -46.79 -22.03 7.28
N ALA A 86 -46.35 -20.95 6.59
CA ALA A 86 -46.95 -20.51 5.34
C ALA A 86 -46.49 -21.37 4.17
N PRO A 87 -47.27 -21.45 3.06
CA PRO A 87 -46.86 -22.24 1.89
C PRO A 87 -45.67 -21.65 1.15
N PRO A 88 -44.84 -22.47 0.46
CA PRO A 88 -43.60 -22.02 -0.16
C PRO A 88 -43.70 -20.82 -1.12
N GLU A 89 -44.87 -20.66 -1.76
CA GLU A 89 -45.12 -19.57 -2.70
C GLU A 89 -45.04 -18.20 -2.01
N LYS A 90 -45.15 -18.16 -0.68
CA LYS A 90 -45.19 -16.90 0.06
C LYS A 90 -44.08 -16.84 1.12
N ARG A 91 -42.91 -17.43 0.83
CA ARG A 91 -41.79 -17.46 1.76
C ARG A 91 -40.67 -16.51 1.36
N ALA A 92 -40.71 -15.96 0.14
CA ALA A 92 -39.70 -15.00 -0.31
C ALA A 92 -40.10 -13.57 0.03
N GLY A 93 -39.13 -12.65 0.02
CA GLY A 93 -39.39 -11.23 0.17
C GLY A 93 -39.68 -10.82 1.60
N VAL A 94 -39.96 -9.52 1.82
CA VAL A 94 -40.31 -9.01 3.13
C VAL A 94 -41.75 -8.55 3.15
N HIS A 95 -42.45 -8.75 4.27
CA HIS A 95 -43.65 -7.96 4.54
C HIS A 95 -43.20 -6.53 4.78
N ASP A 96 -43.97 -5.55 4.28
CA ASP A 96 -43.73 -4.15 4.57
C ASP A 96 -45.04 -3.38 4.62
N GLY A 97 -45.55 -3.12 5.82
CA GLY A 97 -46.78 -2.38 6.02
C GLY A 97 -46.86 -1.80 7.43
N HIS A 98 -47.76 -0.84 7.66
CA HIS A 98 -47.94 -0.31 9.01
C HIS A 98 -48.71 -1.29 9.86
N LEU A 99 -48.41 -1.28 11.17
CA LEU A 99 -49.06 -2.16 12.14
C LEU A 99 -49.45 -1.36 13.38
N LYS A 100 -50.68 -1.60 13.86
CA LYS A 100 -51.25 -0.87 14.99
C LYS A 100 -51.16 -1.71 16.26
N ARG A 101 -49.96 -1.77 16.85
CA ARG A 101 -49.79 -2.25 18.21
C ARG A 101 -48.47 -1.74 18.80
N ALA A 102 -48.34 -1.88 20.12
CA ALA A 102 -47.11 -1.48 20.81
C ALA A 102 -45.97 -2.39 20.38
N PRO A 103 -44.75 -1.86 20.10
CA PRO A 103 -43.60 -2.72 19.82
C PRO A 103 -43.36 -3.72 20.94
N LYS A 104 -43.09 -4.97 20.55
CA LYS A 104 -42.98 -6.09 21.45
C LYS A 104 -41.59 -6.75 21.39
N VAL A 105 -41.18 -7.34 22.51
CA VAL A 105 -39.98 -8.14 22.59
C VAL A 105 -40.32 -9.46 23.29
N TYR A 106 -39.77 -10.55 22.81
CA TYR A 106 -39.96 -11.85 23.42
C TYR A 106 -38.61 -12.35 23.95
N CYS A 107 -38.65 -12.97 25.11
CA CYS A 107 -37.45 -13.49 25.70
C CYS A 107 -37.75 -14.68 26.62
N GLY A 108 -37.20 -15.84 26.26
CA GLY A 108 -37.34 -17.06 27.04
C GLY A 108 -38.78 -17.53 27.24
N GLY A 109 -39.64 -17.29 26.25
CA GLY A 109 -41.05 -17.64 26.39
C GLY A 109 -41.92 -16.54 26.99
N ASP A 110 -41.31 -15.50 27.57
CA ASP A 110 -42.06 -14.35 28.06
C ASP A 110 -42.10 -13.25 27.00
N GLU A 111 -43.06 -12.33 27.15
CA GLU A 111 -43.32 -11.25 26.21
C GLU A 111 -43.52 -9.94 26.99
N ARG A 112 -43.01 -8.83 26.43
CA ARG A 112 -43.08 -7.51 27.04
C ARG A 112 -43.13 -6.44 25.95
N ASP A 113 -43.74 -5.28 26.26
CA ASP A 113 -43.60 -4.11 25.43
C ASP A 113 -42.15 -3.62 25.50
N VAL A 114 -41.55 -3.35 24.34
CA VAL A 114 -40.18 -2.82 24.28
C VAL A 114 -40.02 -1.60 25.23
N LEU A 115 -40.99 -0.69 25.22
CA LEU A 115 -40.89 0.63 25.84
C LEU A 115 -41.42 0.66 27.28
N ARG A 116 -41.80 -0.50 27.83
CA ARG A 116 -42.27 -0.57 29.21
C ARG A 116 -41.07 -0.62 30.16
N VAL A 117 -41.09 0.24 31.19
CA VAL A 117 -40.09 0.22 32.24
C VAL A 117 -40.73 -0.19 33.56
N GLY A 118 -40.08 -1.17 34.21
CA GLY A 118 -40.53 -1.80 35.43
C GLY A 118 -39.67 -3.02 35.75
N SER A 119 -40.15 -3.85 36.69
CA SER A 119 -39.30 -4.81 37.39
C SER A 119 -38.80 -5.92 36.47
N GLY A 120 -39.61 -6.37 35.51
CA GLY A 120 -39.28 -7.61 34.82
C GLY A 120 -38.58 -7.44 33.46
N GLY A 121 -37.79 -6.36 33.29
CA GLY A 121 -37.13 -6.07 32.02
C GLY A 121 -36.18 -7.16 31.53
N PHE A 122 -35.99 -7.27 30.21
CA PHE A 122 -35.12 -8.30 29.65
C PHE A 122 -33.68 -7.85 29.52
N TRP A 123 -33.41 -6.55 29.67
CA TRP A 123 -32.06 -6.01 29.54
C TRP A 123 -31.78 -5.06 30.72
N PRO A 124 -30.52 -4.82 31.12
CA PRO A 124 -30.25 -3.96 32.27
C PRO A 124 -30.57 -2.49 31.96
N ARG A 125 -30.86 -1.73 33.00
CA ARG A 125 -31.09 -0.29 32.93
C ARG A 125 -30.29 0.44 34.01
N ARG A 126 -29.82 1.63 33.63
CA ARG A 126 -29.14 2.59 34.50
C ARG A 126 -29.85 3.92 34.30
N SER A 127 -31.14 3.87 34.47
CA SER A 127 -32.08 4.90 34.06
C SER A 127 -32.82 5.33 35.31
N ARG A 128 -32.96 6.63 35.52
CA ARG A 128 -33.81 7.09 36.59
C ARG A 128 -35.17 7.50 36.01
N LEU A 129 -35.17 8.50 35.13
CA LEU A 129 -36.40 8.90 34.45
C LEU A 129 -36.62 8.01 33.23
N TRP A 130 -37.89 7.74 32.95
CA TRP A 130 -38.31 7.20 31.67
C TRP A 130 -39.58 7.90 31.24
N GLY A 131 -39.51 8.66 30.14
CA GLY A 131 -40.63 9.43 29.64
C GLY A 131 -41.10 10.52 30.63
N GLY A 132 -40.23 10.94 31.56
CA GLY A 132 -40.61 11.89 32.59
C GLY A 132 -41.31 11.27 33.81
N VAL A 133 -41.20 9.95 33.98
CA VAL A 133 -41.59 9.28 35.22
C VAL A 133 -40.31 8.91 35.98
N ASP A 134 -40.28 9.26 37.28
CA ASP A 134 -39.13 9.00 38.14
C ASP A 134 -39.23 7.60 38.73
N HIS A 135 -38.36 6.68 38.28
CA HIS A 135 -38.35 5.31 38.77
C HIS A 135 -37.28 5.09 39.85
N ALA A 136 -36.78 6.16 40.47
CA ALA A 136 -35.78 6.00 41.52
C ALA A 136 -36.43 5.36 42.73
N PRO A 137 -35.67 4.61 43.57
CA PRO A 137 -36.20 4.09 44.84
C PRO A 137 -36.74 5.21 45.74
N ALA A 138 -37.58 4.82 46.69
CA ALA A 138 -38.19 5.75 47.64
C ALA A 138 -37.10 6.50 48.43
N GLY A 139 -37.15 7.83 48.34
CA GLY A 139 -36.25 8.69 49.10
C GLY A 139 -34.81 8.70 48.58
N PHE A 140 -34.61 8.25 47.33
CA PHE A 140 -33.30 8.26 46.69
C PHE A 140 -32.75 9.69 46.70
N ASN A 141 -31.63 9.91 47.40
CA ASN A 141 -31.09 11.25 47.58
C ASN A 141 -29.61 11.14 47.94
N PRO A 142 -28.74 10.65 47.02
CA PRO A 142 -27.33 10.46 47.34
C PRO A 142 -26.63 11.81 47.45
N THR A 143 -25.75 11.93 48.46
CA THR A 143 -24.93 13.12 48.60
C THR A 143 -23.77 13.03 47.61
N VAL A 144 -23.55 14.09 46.82
CA VAL A 144 -22.43 14.12 45.90
C VAL A 144 -21.38 15.10 46.40
N THR A 145 -20.14 14.61 46.51
CA THR A 145 -19.01 15.43 46.86
C THR A 145 -18.02 15.38 45.69
N VAL A 146 -17.48 14.20 45.41
CA VAL A 146 -16.54 13.99 44.33
C VAL A 146 -17.25 13.26 43.18
N PHE A 147 -16.81 13.59 41.96
CA PHE A 147 -17.36 12.98 40.77
C PHE A 147 -16.32 13.06 39.66
N HIS A 148 -16.34 12.06 38.80
CA HIS A 148 -15.45 11.97 37.66
C HIS A 148 -16.15 12.53 36.42
N VAL A 149 -15.42 13.27 35.60
CA VAL A 149 -15.94 13.81 34.35
C VAL A 149 -15.27 13.07 33.22
N TYR A 150 -16.06 12.53 32.28
CA TYR A 150 -15.49 11.93 31.08
C TYR A 150 -15.81 12.70 29.80
N ASP A 151 -16.84 13.54 29.85
CA ASP A 151 -17.32 14.27 28.68
C ASP A 151 -17.91 15.60 29.14
N ILE A 152 -17.95 16.57 28.22
CA ILE A 152 -18.50 17.89 28.52
C ILE A 152 -19.33 18.35 27.34
N LEU A 153 -20.59 18.69 27.59
CA LEU A 153 -21.46 19.21 26.57
C LEU A 153 -21.54 20.73 26.72
N GLU A 154 -21.93 21.39 25.63
CA GLU A 154 -22.09 22.84 25.58
C GLU A 154 -23.47 23.09 25.00
N ASN A 155 -24.36 23.74 25.75
CA ASN A 155 -25.72 23.99 25.31
C ASN A 155 -26.16 25.40 25.68
N VAL A 156 -27.16 25.92 25.00
CA VAL A 156 -27.76 27.18 25.38
C VAL A 156 -29.03 26.92 26.16
N GLU A 157 -29.19 27.59 27.30
CA GLU A 157 -30.46 27.59 28.01
C GLU A 157 -31.01 29.03 27.98
N HIS A 158 -32.32 29.14 28.15
CA HIS A 158 -33.01 30.42 28.14
C HIS A 158 -33.82 30.55 29.43
N ALA A 159 -33.65 31.68 30.11
CA ALA A 159 -34.32 31.93 31.37
C ALA A 159 -35.83 31.65 31.23
N TYR A 160 -36.44 32.06 30.10
CA TYR A 160 -37.87 31.90 29.90
C TYR A 160 -38.23 30.41 29.89
N GLY A 161 -37.50 29.63 29.11
CA GLY A 161 -37.68 28.19 29.06
C GLY A 161 -37.56 27.51 30.42
N MET A 162 -36.72 28.06 31.31
CA MET A 162 -36.40 27.45 32.59
C MET A 162 -37.20 28.09 33.73
N ARG A 163 -38.13 29.01 33.43
CA ARG A 163 -38.88 29.72 34.46
C ARG A 163 -39.64 28.76 35.40
N ALA A 164 -40.09 27.60 34.88
CA ALA A 164 -40.89 26.67 35.68
C ALA A 164 -39.99 25.64 36.37
N ALA A 165 -38.69 25.60 36.05
CA ALA A 165 -37.70 24.91 36.87
C ALA A 165 -37.35 25.80 38.05
N GLN A 166 -36.97 25.21 39.17
CA GLN A 166 -36.83 25.99 40.40
C GLN A 166 -35.37 26.39 40.61
N PHE A 167 -34.68 26.87 39.57
CA PHE A 167 -33.26 27.17 39.67
C PHE A 167 -33.03 28.42 40.52
N HIS A 168 -31.98 28.43 41.35
CA HIS A 168 -31.60 29.62 42.11
C HIS A 168 -31.35 30.78 41.15
N ALA A 169 -31.60 31.99 41.67
CA ALA A 169 -31.52 33.22 40.90
C ALA A 169 -30.19 33.35 40.19
N ARG A 170 -29.09 32.92 40.82
CA ARG A 170 -27.77 33.15 40.27
C ARG A 170 -27.59 32.42 38.94
N PHE A 171 -28.28 31.28 38.77
CA PHE A 171 -28.21 30.51 37.53
C PHE A 171 -29.11 31.16 36.48
N MET A 172 -30.33 31.52 36.86
CA MET A 172 -31.26 32.22 35.98
C MET A 172 -30.66 33.50 35.40
N ASP A 173 -30.01 34.32 36.24
CA ASP A 173 -29.35 35.53 35.79
C ASP A 173 -28.33 35.23 34.66
N ALA A 174 -27.57 34.14 34.81
CA ALA A 174 -26.58 33.72 33.83
C ALA A 174 -27.19 33.31 32.49
N ILE A 175 -28.48 32.95 32.47
CA ILE A 175 -29.15 32.58 31.23
C ILE A 175 -30.24 33.58 30.87
N THR A 176 -30.12 34.83 31.37
CA THR A 176 -31.13 35.85 31.10
C THR A 176 -30.61 36.79 30.02
N PRO A 177 -31.26 36.93 28.83
CA PRO A 177 -32.32 36.05 28.35
C PRO A 177 -31.85 34.70 27.77
N THR A 178 -30.53 34.60 27.59
CA THR A 178 -29.91 33.41 27.04
C THR A 178 -28.52 33.28 27.65
N GLY A 179 -28.02 32.05 27.72
CA GLY A 179 -26.66 31.83 28.17
C GLY A 179 -26.17 30.45 27.84
N THR A 180 -24.85 30.30 27.74
CA THR A 180 -24.24 29.03 27.49
C THR A 180 -24.10 28.29 28.81
N VAL A 181 -24.53 27.03 28.82
CA VAL A 181 -24.38 26.17 29.97
C VAL A 181 -23.42 25.02 29.63
N ILE A 182 -22.38 24.86 30.41
CA ILE A 182 -21.42 23.79 30.24
C ILE A 182 -21.86 22.60 31.11
N THR A 183 -22.16 21.45 30.51
CA THR A 183 -22.62 20.30 31.27
C THR A 183 -21.52 19.25 31.39
N LEU A 184 -21.04 19.04 32.61
CA LEU A 184 -20.04 18.02 32.88
C LEU A 184 -20.79 16.69 33.12
N LEU A 185 -20.41 15.66 32.41
CA LEU A 185 -21.05 14.33 32.54
C LEU A 185 -20.06 13.36 33.18
N GLY A 186 -20.54 12.61 34.19
CA GLY A 186 -19.78 11.44 34.60
C GLY A 186 -20.46 10.62 35.71
N LEU A 187 -19.64 10.18 36.67
CA LEU A 187 -20.02 9.18 37.66
C LEU A 187 -19.48 9.54 39.04
N THR A 188 -20.27 9.24 40.08
CA THR A 188 -19.79 9.27 41.44
C THR A 188 -19.01 7.99 41.73
N PRO A 189 -18.24 7.95 42.84
CA PRO A 189 -17.64 6.71 43.29
C PRO A 189 -18.64 5.57 43.49
N GLU A 190 -19.89 5.87 43.86
CA GLU A 190 -20.92 4.85 44.05
C GLU A 190 -21.54 4.41 42.72
N GLY A 191 -21.06 4.98 41.60
CA GLY A 191 -21.54 4.62 40.28
C GLY A 191 -22.85 5.31 39.89
N HIS A 192 -23.25 6.38 40.60
CA HIS A 192 -24.37 7.20 40.20
C HIS A 192 -23.94 8.03 38.98
N ARG A 193 -24.76 8.04 37.93
CA ARG A 193 -24.54 8.91 36.79
C ARG A 193 -24.92 10.35 37.17
N VAL A 194 -24.01 11.28 36.92
CA VAL A 194 -24.21 12.68 37.30
C VAL A 194 -24.10 13.58 36.06
N ALA A 195 -24.84 14.69 36.08
CA ALA A 195 -24.61 15.82 35.20
C ALA A 195 -24.51 17.11 36.05
N VAL A 196 -23.43 17.84 35.90
CA VAL A 196 -23.22 19.08 36.60
C VAL A 196 -23.23 20.23 35.58
N HIS A 197 -24.22 21.08 35.69
CA HIS A 197 -24.47 22.19 34.78
C HIS A 197 -23.76 23.45 35.33
N VAL A 198 -22.71 23.88 34.63
CA VAL A 198 -21.93 25.07 35.01
C VAL A 198 -22.46 26.30 34.24
N TYR A 199 -22.84 27.32 34.98
CA TYR A 199 -23.41 28.58 34.53
C TYR A 199 -22.34 29.68 34.56
N GLY A 200 -22.46 30.69 33.70
CA GLY A 200 -21.64 31.89 33.83
C GLY A 200 -20.44 31.92 32.88
N THR A 201 -20.10 30.83 32.19
CA THR A 201 -19.09 30.87 31.14
C THR A 201 -19.63 31.66 29.94
N ARG A 202 -18.83 32.61 29.43
CA ARG A 202 -19.13 33.33 28.20
C ARG A 202 -17.97 33.24 27.21
N GLN A 203 -18.26 32.96 25.94
CA GLN A 203 -17.27 33.10 24.89
C GLN A 203 -16.94 34.59 24.72
N TYR A 204 -15.77 34.86 24.18
CA TYR A 204 -15.34 36.22 23.86
C TYR A 204 -14.30 36.20 22.73
N PHE A 205 -14.30 37.32 22.02
CA PHE A 205 -13.36 37.59 20.93
C PHE A 205 -12.87 39.04 21.07
N TYR A 206 -11.82 39.39 20.31
CA TYR A 206 -11.25 40.73 20.37
C TYR A 206 -11.26 41.38 18.97
N MET A 207 -11.30 42.71 18.96
CA MET A 207 -11.15 43.51 17.74
C MET A 207 -10.34 44.76 18.06
N ASN A 208 -9.52 45.21 17.10
CA ASN A 208 -8.63 46.32 17.33
C ASN A 208 -9.47 47.56 17.59
N LYS A 209 -9.20 48.27 18.69
CA LYS A 209 -10.02 49.41 19.10
C LYS A 209 -9.97 50.52 18.04
N GLU A 210 -8.76 50.82 17.54
CA GLU A 210 -8.55 51.89 16.58
C GLU A 210 -9.33 51.59 15.30
N GLU A 211 -9.22 50.37 14.79
CA GLU A 211 -9.91 49.94 13.58
C GLU A 211 -11.44 50.04 13.74
N VAL A 212 -11.96 49.61 14.90
CA VAL A 212 -13.39 49.62 15.18
C VAL A 212 -13.90 51.06 15.30
N ASP A 213 -13.22 51.88 16.11
CA ASP A 213 -13.60 53.28 16.31
C ASP A 213 -13.59 54.05 14.98
N ARG A 214 -12.55 53.83 14.17
CA ARG A 214 -12.38 54.53 12.90
C ARG A 214 -13.47 54.13 11.90
N HIS A 215 -13.92 52.87 11.95
CA HIS A 215 -14.95 52.35 11.06
C HIS A 215 -16.34 52.79 11.52
N LEU A 216 -16.73 52.37 12.73
CA LEU A 216 -18.11 52.46 13.19
C LEU A 216 -18.39 53.76 13.95
N GLN A 217 -17.39 54.63 14.09
CA GLN A 217 -17.52 55.93 14.76
C GLN A 217 -17.85 55.77 16.24
N CYS A 218 -17.52 54.60 16.80
CA CYS A 218 -17.75 54.24 18.20
C CYS A 218 -16.91 55.13 19.12
N ARG A 219 -17.53 55.61 20.22
CA ARG A 219 -16.85 56.44 21.20
C ARG A 219 -16.69 55.71 22.54
N ALA A 220 -17.58 54.74 22.82
CA ALA A 220 -17.56 53.99 24.08
C ALA A 220 -18.00 52.54 23.85
N PRO A 221 -17.59 51.57 24.71
CA PRO A 221 -18.01 50.17 24.59
C PRO A 221 -19.51 49.95 24.46
N ARG A 222 -20.31 50.83 25.08
CA ARG A 222 -21.77 50.84 24.92
C ARG A 222 -22.14 50.87 23.44
N ASP A 223 -21.55 51.82 22.69
CA ASP A 223 -21.86 52.04 21.28
C ASP A 223 -21.57 50.78 20.45
N LEU A 224 -20.42 50.15 20.67
CA LEU A 224 -20.06 48.95 19.91
C LEU A 224 -21.11 47.86 20.11
N CYS A 225 -21.58 47.67 21.36
CA CYS A 225 -22.61 46.68 21.64
C CYS A 225 -23.89 46.97 20.87
N GLU A 226 -24.25 48.26 20.71
CA GLU A 226 -25.39 48.66 19.89
C GLU A 226 -25.18 48.26 18.43
N ARG A 227 -23.97 48.50 17.88
CA ARG A 227 -23.67 48.19 16.49
C ARG A 227 -23.83 46.71 16.20
N MET A 228 -23.31 45.86 17.09
CA MET A 228 -23.37 44.40 16.95
C MET A 228 -24.82 43.92 17.07
N ALA A 229 -25.55 44.43 18.06
CA ALA A 229 -26.96 44.10 18.26
C ALA A 229 -27.78 44.48 17.02
N ALA A 230 -27.53 45.68 16.47
CA ALA A 230 -28.18 46.15 15.26
C ALA A 230 -27.89 45.22 14.08
N ALA A 231 -26.63 44.80 13.93
CA ALA A 231 -26.21 43.94 12.83
C ALA A 231 -26.86 42.56 12.91
N LEU A 232 -27.26 42.15 14.12
CA LEU A 232 -27.97 40.90 14.31
C LEU A 232 -29.47 41.09 14.06
N ARG A 233 -30.05 42.20 14.54
CA ARG A 233 -31.44 42.54 14.23
C ARG A 233 -31.66 42.59 12.72
N GLU A 234 -30.71 43.22 12.02
CA GLU A 234 -30.77 43.42 10.58
C GLU A 234 -30.27 42.20 9.80
N SER A 235 -29.95 41.09 10.48
CA SER A 235 -29.40 39.90 9.84
C SER A 235 -30.40 39.28 8.85
N PRO A 236 -29.91 38.66 7.75
CA PRO A 236 -30.77 37.88 6.86
C PRO A 236 -31.45 36.72 7.61
N GLY A 237 -32.75 36.53 7.35
CA GLY A 237 -33.51 35.47 8.00
C GLY A 237 -34.06 35.87 9.38
N ALA A 238 -33.57 37.00 9.92
CA ALA A 238 -34.10 37.65 11.11
C ALA A 238 -34.00 36.78 12.37
N SER A 239 -33.09 35.79 12.35
CA SER A 239 -33.03 34.75 13.38
C SER A 239 -32.34 35.24 14.66
N PHE A 240 -32.23 36.55 14.84
CA PHE A 240 -31.74 37.13 16.08
C PHE A 240 -32.59 38.33 16.53
N ARG A 241 -33.75 38.57 15.90
CA ARG A 241 -34.57 39.70 16.32
C ARG A 241 -35.07 39.42 17.74
N GLY A 242 -34.95 40.43 18.61
CA GLY A 242 -35.04 40.24 20.04
C GLY A 242 -33.72 40.53 20.74
N ILE A 243 -32.59 40.44 20.01
CA ILE A 243 -31.27 40.74 20.58
C ILE A 243 -31.13 42.26 20.73
N SER A 244 -30.44 42.66 21.82
CA SER A 244 -30.18 44.04 22.15
C SER A 244 -28.73 44.20 22.63
N ALA A 245 -28.30 45.46 22.82
CA ALA A 245 -26.95 45.75 23.27
C ALA A 245 -26.67 45.17 24.66
N ASP A 246 -27.72 44.75 25.38
CA ASP A 246 -27.60 44.18 26.71
C ASP A 246 -27.03 42.75 26.64
N HIS A 247 -27.23 42.06 25.50
CA HIS A 247 -26.74 40.71 25.29
C HIS A 247 -25.21 40.67 25.08
N PHE A 248 -24.55 41.84 25.08
CA PHE A 248 -23.12 41.98 24.88
C PHE A 248 -22.48 42.70 26.05
N GLU A 249 -21.19 42.45 26.25
CA GLU A 249 -20.38 43.27 27.11
C GLU A 249 -19.05 43.49 26.38
N ALA A 250 -18.69 44.76 26.17
CA ALA A 250 -17.42 45.12 25.57
C ALA A 250 -16.55 45.80 26.61
N GLU A 251 -15.25 45.45 26.62
CA GLU A 251 -14.30 46.12 27.49
C GLU A 251 -12.99 46.37 26.74
N VAL A 252 -12.28 47.43 27.13
CA VAL A 252 -11.02 47.77 26.48
C VAL A 252 -9.90 47.11 27.26
N VAL A 253 -9.04 46.38 26.53
CA VAL A 253 -7.90 45.72 27.11
C VAL A 253 -6.68 45.99 26.24
N GLU A 254 -5.48 45.92 26.83
CA GLU A 254 -4.25 45.97 26.06
C GLU A 254 -3.78 44.54 25.81
N ARG A 255 -3.52 44.22 24.54
CA ARG A 255 -3.02 42.92 24.12
C ARG A 255 -2.05 43.11 22.95
N THR A 256 -1.35 42.04 22.59
CA THR A 256 -0.51 42.04 21.42
C THR A 256 -0.91 40.92 20.48
N ASP A 257 -1.12 41.21 19.19
CA ASP A 257 -1.18 40.20 18.13
C ASP A 257 -0.01 39.24 18.27
N VAL A 258 -0.24 37.92 18.14
CA VAL A 258 0.80 36.93 18.37
C VAL A 258 1.83 36.94 17.23
N TYR A 259 1.47 37.43 16.05
CA TYR A 259 2.36 37.43 14.91
C TYR A 259 3.39 38.56 14.96
N TYR A 260 4.68 38.19 14.89
CA TYR A 260 5.87 39.02 14.62
C TYR A 260 6.41 39.77 15.83
N TYR A 261 7.73 39.88 15.84
CA TYR A 261 8.49 40.45 16.93
C TYR A 261 8.25 41.95 17.07
N GLU A 262 8.18 42.66 15.95
CA GLU A 262 8.08 44.12 15.98
C GLU A 262 6.69 44.59 16.45
N THR A 263 5.69 43.69 16.44
CA THR A 263 4.30 44.05 16.74
C THR A 263 4.22 44.70 18.12
N ARG A 264 3.62 45.90 18.19
CA ARG A 264 3.46 46.62 19.45
C ARG A 264 2.15 46.24 20.15
N PRO A 265 2.10 46.29 21.49
CA PRO A 265 0.84 46.18 22.22
C PRO A 265 -0.14 47.28 21.79
N ALA A 266 -1.41 46.89 21.60
CA ALA A 266 -2.44 47.85 21.20
C ALA A 266 -3.71 47.63 22.02
N LEU A 267 -4.63 48.57 21.88
CA LEU A 267 -5.87 48.53 22.61
C LEU A 267 -6.88 47.75 21.79
N PHE A 268 -7.53 46.79 22.45
CA PHE A 268 -8.54 45.97 21.83
C PHE A 268 -9.83 46.05 22.63
N TYR A 269 -10.94 45.89 21.93
CA TYR A 269 -12.18 45.61 22.59
C TYR A 269 -12.25 44.10 22.79
N ARG A 270 -12.43 43.65 24.03
CA ARG A 270 -12.80 42.26 24.24
C ARG A 270 -14.32 42.23 24.37
N VAL A 271 -14.97 41.45 23.52
CA VAL A 271 -16.40 41.36 23.49
C VAL A 271 -16.85 39.98 24.01
N TYR A 272 -17.67 39.98 25.08
CA TYR A 272 -18.33 38.79 25.59
C TYR A 272 -19.67 38.60 24.88
N VAL A 273 -19.98 37.34 24.53
CA VAL A 273 -21.27 36.98 23.97
C VAL A 273 -21.85 35.77 24.72
N ARG A 274 -23.18 35.69 24.77
CA ARG A 274 -23.89 34.67 25.54
C ARG A 274 -24.11 33.37 24.76
N SER A 275 -23.90 33.39 23.44
CA SER A 275 -24.23 32.25 22.58
C SER A 275 -23.17 32.00 21.50
N GLY A 276 -22.86 30.72 21.26
CA GLY A 276 -21.98 30.32 20.19
C GLY A 276 -22.56 30.65 18.80
N ARG A 277 -23.88 30.51 18.66
CA ARG A 277 -24.60 30.85 17.45
C ARG A 277 -24.36 32.32 17.10
N VAL A 278 -24.59 33.22 18.08
CA VAL A 278 -24.38 34.64 17.93
C VAL A 278 -22.93 34.94 17.54
N LEU A 279 -21.99 34.31 18.25
CA LEU A 279 -20.57 34.54 18.01
C LEU A 279 -20.24 34.21 16.56
N SER A 280 -20.69 33.04 16.10
CA SER A 280 -20.37 32.51 14.79
C SER A 280 -20.87 33.44 13.67
N TYR A 281 -22.05 34.05 13.87
CA TYR A 281 -22.56 35.03 12.92
C TYR A 281 -21.71 36.29 12.92
N LEU A 282 -21.48 36.89 14.09
CA LEU A 282 -20.75 38.15 14.12
C LEU A 282 -19.41 37.92 13.42
N CYS A 283 -18.67 36.88 13.83
CA CYS A 283 -17.34 36.68 13.30
C CYS A 283 -17.38 36.51 11.77
N ASP A 284 -18.49 35.98 11.23
CA ASP A 284 -18.55 35.69 9.81
C ASP A 284 -19.39 36.73 9.05
N ASN A 285 -19.72 37.88 9.67
CA ASN A 285 -20.59 38.86 9.04
C ASN A 285 -20.38 40.28 9.56
N PHE A 286 -20.02 40.48 10.85
CA PHE A 286 -19.88 41.83 11.38
C PHE A 286 -18.52 42.44 10.99
N CYS A 287 -18.53 43.69 10.50
CA CYS A 287 -17.33 44.42 10.11
C CYS A 287 -16.24 43.50 9.53
N PRO A 288 -16.50 42.83 8.37
CA PRO A 288 -15.53 41.93 7.73
C PRO A 288 -14.12 42.43 7.41
N ALA A 289 -13.92 43.74 7.32
CA ALA A 289 -12.59 44.33 7.13
C ALA A 289 -11.78 44.32 8.42
N ILE A 290 -12.44 44.21 9.58
CA ILE A 290 -11.77 44.25 10.88
C ILE A 290 -11.50 42.83 11.37
N LYS A 291 -10.22 42.51 11.54
CA LYS A 291 -9.76 41.18 11.94
C LYS A 291 -10.26 40.81 13.35
N LYS A 292 -10.82 39.61 13.47
CA LYS A 292 -11.28 39.08 14.74
C LYS A 292 -10.21 38.18 15.36
N TYR A 293 -10.18 38.15 16.70
CA TYR A 293 -9.26 37.28 17.41
C TYR A 293 -10.03 36.33 18.33
N GLU A 294 -9.74 35.03 18.21
CA GLU A 294 -10.21 34.00 19.13
C GLU A 294 -11.73 33.82 19.08
N GLY A 295 -12.37 34.29 18.02
CA GLY A 295 -13.76 33.95 17.76
C GLY A 295 -13.98 32.45 17.51
N GLY A 296 -12.94 31.72 17.19
CA GLY A 296 -13.16 30.30 17.01
C GLY A 296 -13.23 29.54 18.35
N VAL A 297 -12.96 30.19 19.48
CA VAL A 297 -12.71 29.49 20.73
C VAL A 297 -14.05 29.17 21.42
N ASP A 298 -14.35 27.88 21.64
CA ASP A 298 -15.64 27.46 22.16
C ASP A 298 -15.75 27.69 23.67
N ALA A 299 -16.98 27.64 24.20
CA ALA A 299 -17.21 27.93 25.61
C ALA A 299 -16.49 26.90 26.49
N THR A 300 -16.42 25.65 26.04
CA THR A 300 -15.78 24.62 26.84
C THR A 300 -14.31 24.97 27.04
N THR A 301 -13.63 25.39 25.94
CA THR A 301 -12.25 25.85 26.03
C THR A 301 -12.14 27.01 27.01
N ARG A 302 -13.01 28.02 26.93
CA ARG A 302 -12.92 29.14 27.86
C ARG A 302 -13.14 28.68 29.32
N PHE A 303 -14.08 27.75 29.53
CA PHE A 303 -14.26 27.17 30.86
C PHE A 303 -12.97 26.48 31.36
N ILE A 304 -12.37 25.65 30.53
CA ILE A 304 -11.16 24.95 30.92
C ILE A 304 -10.01 25.95 31.15
N LEU A 305 -9.74 26.84 30.20
CA LEU A 305 -8.54 27.68 30.30
C LEU A 305 -8.66 28.76 31.36
N ASP A 306 -9.86 29.29 31.60
CA ASP A 306 -10.05 30.40 32.53
C ASP A 306 -10.15 29.92 33.98
N ASN A 307 -10.10 28.60 34.21
CA ASN A 307 -10.13 28.04 35.56
C ASN A 307 -8.89 27.18 35.74
N PRO A 308 -7.79 27.74 36.29
CA PRO A 308 -6.51 27.03 36.34
C PRO A 308 -6.61 25.60 36.89
N GLY A 309 -6.02 24.66 36.19
CA GLY A 309 -5.98 23.28 36.65
C GLY A 309 -7.18 22.44 36.16
N PHE A 310 -8.28 23.08 35.70
CA PHE A 310 -9.43 22.30 35.23
C PHE A 310 -9.03 21.43 34.04
N VAL A 311 -9.68 20.27 33.94
CA VAL A 311 -9.43 19.26 32.92
C VAL A 311 -10.76 18.79 32.32
N THR A 312 -10.68 18.27 31.12
CA THR A 312 -11.82 17.75 30.39
C THR A 312 -12.12 16.29 30.73
N PHE A 313 -11.23 15.64 31.50
CA PHE A 313 -11.38 14.24 31.90
C PHE A 313 -10.64 14.03 33.22
N GLY A 314 -11.36 13.77 34.29
CA GLY A 314 -10.75 13.58 35.59
C GLY A 314 -11.70 13.83 36.74
N TRP A 315 -11.16 13.76 37.97
CA TRP A 315 -11.95 13.92 39.18
C TRP A 315 -12.10 15.38 39.58
N TYR A 316 -13.30 15.73 40.02
CA TYR A 316 -13.65 17.00 40.58
C TYR A 316 -14.34 16.83 41.93
N ARG A 317 -14.44 17.93 42.65
CA ARG A 317 -15.17 18.04 43.89
C ARG A 317 -16.09 19.25 43.82
N LEU A 318 -17.33 19.10 44.24
CA LEU A 318 -18.17 20.22 44.53
C LEU A 318 -17.67 20.91 45.81
N LYS A 319 -17.58 22.24 45.79
CA LYS A 319 -17.17 23.00 46.98
C LYS A 319 -17.96 24.29 47.10
N PRO A 320 -17.92 24.95 48.28
CA PRO A 320 -18.44 26.32 48.39
C PRO A 320 -17.78 27.29 47.42
N GLY A 321 -18.58 28.19 46.85
CA GLY A 321 -18.11 29.27 46.01
C GLY A 321 -17.94 30.57 46.79
N ARG A 322 -17.77 31.69 46.09
CA ARG A 322 -17.34 32.94 46.69
C ARG A 322 -18.22 33.38 47.87
N ASN A 323 -19.51 33.64 47.62
CA ASN A 323 -20.38 34.16 48.68
C ASN A 323 -20.95 33.00 49.51
N ASN A 324 -20.09 32.01 49.79
CA ASN A 324 -20.47 30.70 50.32
C ASN A 324 -21.58 30.05 49.49
N THR A 325 -21.57 30.23 48.17
CA THR A 325 -22.58 29.64 47.31
C THR A 325 -22.38 28.12 47.26
N LEU A 326 -23.45 27.36 47.03
CA LEU A 326 -23.32 25.91 46.85
C LEU A 326 -23.94 25.49 45.52
N ALA A 327 -23.49 24.36 44.97
CA ALA A 327 -24.19 23.70 43.88
C ALA A 327 -25.62 23.36 44.33
N GLN A 328 -26.59 23.59 43.44
CA GLN A 328 -27.99 23.31 43.67
C GLN A 328 -28.37 22.00 42.99
N PRO A 329 -28.90 20.98 43.70
CA PRO A 329 -29.43 19.80 43.02
C PRO A 329 -30.65 20.20 42.20
N ARG A 330 -30.75 19.78 40.94
CA ARG A 330 -31.99 19.95 40.18
C ARG A 330 -33.05 18.95 40.68
N ALA A 331 -34.33 19.32 40.55
CA ALA A 331 -35.44 18.39 40.69
C ALA A 331 -35.48 17.45 39.49
N PRO A 332 -35.94 16.19 39.63
CA PRO A 332 -36.02 15.26 38.49
C PRO A 332 -36.72 15.80 37.24
N MET A 333 -37.81 16.56 37.38
CA MET A 333 -38.51 17.08 36.21
C MET A 333 -37.74 18.20 35.51
N ALA A 334 -36.67 18.73 36.14
CA ALA A 334 -35.76 19.65 35.44
C ALA A 334 -34.47 18.97 34.95
N PHE A 335 -34.32 17.65 35.05
CA PHE A 335 -33.13 16.96 34.54
C PHE A 335 -33.02 17.16 33.02
N GLY A 336 -31.81 17.46 32.53
CA GLY A 336 -31.60 17.64 31.10
C GLY A 336 -31.13 16.36 30.43
N THR A 337 -30.70 15.38 31.23
CA THR A 337 -30.04 14.18 30.77
C THR A 337 -30.58 12.92 31.44
N SER A 338 -30.23 11.77 30.86
CA SER A 338 -30.44 10.48 31.49
C SER A 338 -29.36 10.23 32.56
N SER A 339 -29.42 10.99 33.66
CA SER A 339 -28.52 10.83 34.78
C SER A 339 -29.32 10.45 36.04
N ASP A 340 -28.64 10.01 37.10
CA ASP A 340 -29.27 9.74 38.38
C ASP A 340 -29.46 11.03 39.19
N VAL A 341 -28.48 11.93 39.16
CA VAL A 341 -28.54 13.22 39.82
C VAL A 341 -27.96 14.34 38.95
N GLU A 342 -28.52 15.53 39.10
CA GLU A 342 -28.07 16.71 38.36
C GLU A 342 -27.92 17.90 39.32
N PHE A 343 -27.03 18.80 38.97
CA PHE A 343 -26.68 19.96 39.78
C PHE A 343 -26.51 21.19 38.89
N ASN A 344 -26.81 22.35 39.47
CA ASN A 344 -26.44 23.65 38.92
C ASN A 344 -25.33 24.24 39.76
N CYS A 345 -24.31 24.79 39.10
CA CYS A 345 -23.24 25.47 39.83
C CYS A 345 -22.57 26.50 38.92
N THR A 346 -21.67 27.27 39.50
CA THR A 346 -20.74 28.10 38.75
C THR A 346 -19.35 27.51 38.94
N ALA A 347 -18.38 27.95 38.14
CA ALA A 347 -17.03 27.42 38.16
C ALA A 347 -16.36 27.49 39.55
N ASP A 348 -16.70 28.51 40.36
CA ASP A 348 -16.13 28.64 41.69
C ASP A 348 -16.67 27.58 42.67
N ASN A 349 -17.73 26.85 42.31
CA ASN A 349 -18.16 25.67 43.08
C ASN A 349 -17.39 24.39 42.73
N LEU A 350 -16.35 24.45 41.90
CA LEU A 350 -15.64 23.26 41.48
C LEU A 350 -14.15 23.35 41.79
N ALA A 351 -13.57 22.24 42.20
CA ALA A 351 -12.13 22.09 42.32
C ALA A 351 -11.73 20.74 41.76
N ILE A 352 -10.55 20.67 41.16
CA ILE A 352 -9.95 19.40 40.81
C ILE A 352 -9.65 18.63 42.10
N GLU A 353 -10.02 17.34 42.11
CA GLU A 353 -9.71 16.48 43.24
C GLU A 353 -8.35 15.83 42.96
N GLY A 354 -7.32 16.27 43.69
CA GLY A 354 -6.02 15.64 43.60
C GLY A 354 -6.00 14.30 44.32
N GLY A 355 -5.12 13.41 43.87
CA GLY A 355 -4.96 12.12 44.52
C GLY A 355 -5.87 11.04 43.92
N MET A 356 -7.12 11.42 43.58
CA MET A 356 -8.02 10.50 42.90
C MET A 356 -7.61 10.39 41.43
N SER A 357 -7.45 9.15 40.96
CA SER A 357 -6.99 8.90 39.60
C SER A 357 -7.67 7.67 38.98
N ASP A 358 -8.16 6.72 39.80
CA ASP A 358 -8.82 5.53 39.27
C ASP A 358 -10.10 5.91 38.54
N LEU A 359 -10.33 5.29 37.38
CA LEU A 359 -11.56 5.47 36.60
C LEU A 359 -12.75 4.94 37.41
N PRO A 360 -13.93 5.61 37.42
CA PRO A 360 -15.10 5.05 38.08
C PRO A 360 -15.66 3.92 37.21
N ALA A 361 -16.79 3.37 37.65
CA ALA A 361 -17.42 2.22 37.02
C ALA A 361 -18.23 2.62 35.78
N TYR A 362 -17.57 3.22 34.80
CA TYR A 362 -18.18 3.49 33.51
C TYR A 362 -18.50 2.16 32.82
N LYS A 363 -19.52 2.15 31.94
CA LYS A 363 -19.83 0.96 31.17
C LYS A 363 -19.37 1.11 29.73
N LEU A 364 -18.94 0.00 29.16
CA LEU A 364 -18.62 -0.13 27.76
C LEU A 364 -19.64 -1.05 27.07
N MET A 365 -20.22 -0.61 25.97
CA MET A 365 -21.00 -1.46 25.11
C MET A 365 -20.17 -1.82 23.87
N CYS A 366 -19.96 -3.10 23.64
CA CYS A 366 -19.32 -3.56 22.42
C CYS A 366 -20.38 -4.23 21.54
N PHE A 367 -20.62 -3.71 20.34
CA PHE A 367 -21.75 -4.19 19.54
C PHE A 367 -21.38 -4.42 18.09
N ASP A 368 -22.11 -5.33 17.44
CA ASP A 368 -21.90 -5.68 16.04
C ASP A 368 -23.25 -6.04 15.43
N ILE A 369 -23.52 -5.59 14.21
CA ILE A 369 -24.78 -5.93 13.59
C ILE A 369 -24.53 -6.93 12.48
N GLU A 370 -25.57 -7.73 12.21
CA GLU A 370 -25.64 -8.54 11.01
C GLU A 370 -26.87 -8.14 10.18
N CYS A 371 -26.68 -8.00 8.87
CA CYS A 371 -27.73 -7.58 7.95
C CYS A 371 -27.98 -8.67 6.90
N LYS A 372 -29.16 -8.67 6.30
CA LYS A 372 -29.52 -9.63 5.26
C LYS A 372 -30.04 -8.86 4.04
N ALA A 373 -29.34 -8.98 2.91
CA ALA A 373 -29.85 -8.37 1.67
C ALA A 373 -31.11 -9.10 1.22
N GLY A 374 -32.15 -8.34 0.90
CA GLY A 374 -33.48 -8.88 0.67
C GLY A 374 -34.03 -8.66 -0.75
N GLY A 375 -33.20 -8.09 -1.64
CA GLY A 375 -33.59 -7.89 -3.03
C GLY A 375 -33.59 -9.18 -3.85
N GLU A 376 -33.36 -9.05 -5.16
CA GLU A 376 -33.37 -10.19 -6.07
C GLU A 376 -32.11 -11.04 -5.89
N ASP A 377 -31.02 -10.42 -5.41
CA ASP A 377 -29.77 -11.12 -5.12
C ASP A 377 -29.48 -11.03 -3.62
N GLU A 378 -29.55 -12.17 -2.92
CA GLU A 378 -29.32 -12.22 -1.48
C GLU A 378 -27.84 -12.08 -1.15
N LEU A 379 -26.96 -12.13 -2.17
CA LEU A 379 -25.52 -12.02 -1.96
C LEU A 379 -25.02 -10.59 -2.21
N ALA A 380 -25.91 -9.66 -2.61
CA ALA A 380 -25.56 -8.26 -2.79
C ALA A 380 -25.28 -7.59 -1.45
N PHE A 381 -24.43 -6.56 -1.43
CA PHE A 381 -24.12 -5.83 -0.21
C PHE A 381 -25.37 -5.05 0.21
N PRO A 382 -25.80 -5.14 1.50
CA PRO A 382 -27.07 -4.55 1.91
C PRO A 382 -26.99 -3.02 1.95
N VAL A 383 -28.08 -2.39 1.53
CA VAL A 383 -28.16 -0.95 1.45
C VAL A 383 -29.27 -0.48 2.38
N ALA A 384 -28.95 0.43 3.29
CA ALA A 384 -29.87 0.77 4.37
C ALA A 384 -31.15 1.42 3.83
N GLY A 385 -31.00 2.21 2.76
CA GLY A 385 -32.15 2.83 2.09
C GLY A 385 -33.10 1.84 1.43
N HIS A 386 -32.66 0.59 1.16
CA HIS A 386 -33.56 -0.45 0.66
C HIS A 386 -34.37 -1.02 1.81
N PRO A 387 -35.71 -0.85 1.87
CA PRO A 387 -36.51 -1.36 2.97
C PRO A 387 -36.39 -2.87 3.17
N GLU A 388 -36.13 -3.62 2.09
CA GLU A 388 -36.01 -5.07 2.15
C GLU A 388 -34.63 -5.52 2.63
N ASP A 389 -33.66 -4.62 2.74
CA ASP A 389 -32.36 -5.02 3.26
C ASP A 389 -32.34 -4.79 4.77
N LEU A 390 -32.39 -5.88 5.54
CA LEU A 390 -32.75 -5.80 6.96
C LEU A 390 -31.53 -5.94 7.86
N VAL A 391 -31.54 -5.24 9.00
CA VAL A 391 -30.72 -5.65 10.13
C VAL A 391 -31.39 -6.89 10.71
N ILE A 392 -30.71 -8.02 10.80
CA ILE A 392 -31.37 -9.22 11.31
C ILE A 392 -30.88 -9.63 12.70
N GLN A 393 -29.67 -9.22 13.10
CA GLN A 393 -29.26 -9.41 14.49
C GLN A 393 -28.33 -8.30 14.96
N ILE A 394 -28.26 -8.15 16.28
CA ILE A 394 -27.36 -7.21 16.93
C ILE A 394 -26.80 -7.92 18.17
N SER A 395 -25.49 -8.12 18.22
CA SER A 395 -24.87 -8.59 19.46
C SER A 395 -24.50 -7.33 20.25
N CYS A 396 -24.69 -7.39 21.55
CA CYS A 396 -24.44 -6.26 22.42
C CYS A 396 -23.84 -6.81 23.73
N LEU A 397 -22.53 -6.62 23.91
CA LEU A 397 -21.84 -7.04 25.11
C LEU A 397 -21.59 -5.81 26.01
N LEU A 398 -21.95 -5.88 27.28
CA LEU A 398 -21.77 -4.76 28.20
C LEU A 398 -20.73 -5.14 29.25
N TYR A 399 -19.69 -4.32 29.33
CA TYR A 399 -18.57 -4.51 30.24
C TYR A 399 -18.49 -3.36 31.25
N ASP A 400 -17.98 -3.67 32.44
CA ASP A 400 -17.53 -2.63 33.35
C ASP A 400 -16.13 -2.20 32.93
N LEU A 401 -15.97 -0.92 32.63
CA LEU A 401 -14.72 -0.43 32.07
C LEU A 401 -13.63 -0.35 33.15
N SER A 402 -14.00 -0.26 34.43
CA SER A 402 -13.02 -0.18 35.52
C SER A 402 -12.43 -1.57 35.85
N THR A 403 -13.26 -2.61 35.92
CA THR A 403 -12.81 -3.97 36.26
C THR A 403 -12.53 -4.83 35.04
N THR A 404 -12.96 -4.37 33.86
CA THR A 404 -12.95 -5.07 32.58
C THR A 404 -13.95 -6.24 32.53
N ALA A 405 -14.74 -6.47 33.58
CA ALA A 405 -15.63 -7.63 33.60
C ALA A 405 -16.73 -7.50 32.53
N LEU A 406 -16.95 -8.57 31.78
CA LEU A 406 -18.15 -8.71 30.98
C LEU A 406 -19.35 -8.99 31.89
N GLU A 407 -20.38 -8.16 31.79
CA GLU A 407 -21.50 -8.23 32.70
C GLU A 407 -22.76 -8.75 32.01
N HIS A 408 -22.96 -8.43 30.74
CA HIS A 408 -24.14 -8.88 30.01
C HIS A 408 -23.77 -9.25 28.57
N VAL A 409 -24.39 -10.32 28.08
CA VAL A 409 -24.26 -10.73 26.69
C VAL A 409 -25.69 -10.76 26.14
N LEU A 410 -26.03 -9.80 25.29
CA LEU A 410 -27.36 -9.69 24.72
C LEU A 410 -27.28 -9.99 23.22
N LEU A 411 -28.26 -10.72 22.71
CA LEU A 411 -28.44 -10.92 21.28
C LEU A 411 -29.84 -10.50 20.88
N PHE A 412 -29.92 -9.47 20.04
CA PHE A 412 -31.17 -9.02 19.46
C PHE A 412 -31.34 -9.79 18.15
N SER A 413 -32.48 -10.42 17.96
CA SER A 413 -32.72 -11.30 16.84
C SER A 413 -34.04 -10.99 16.16
N LEU A 414 -33.97 -10.72 14.86
CA LEU A 414 -35.19 -10.63 14.06
C LEU A 414 -35.59 -12.06 13.71
N GLY A 415 -36.65 -12.54 14.35
CA GLY A 415 -37.06 -13.93 14.22
C GLY A 415 -36.58 -14.76 15.40
N SER A 416 -37.22 -15.90 15.62
CA SER A 416 -36.82 -16.81 16.69
C SER A 416 -35.39 -17.30 16.50
N CYS A 417 -34.69 -17.52 17.60
CA CYS A 417 -33.26 -17.76 17.58
C CYS A 417 -32.89 -18.63 18.77
N ASP A 418 -32.38 -19.85 18.52
CA ASP A 418 -31.95 -20.73 19.59
C ASP A 418 -30.43 -20.94 19.52
N LEU A 419 -29.68 -20.30 20.42
CA LEU A 419 -28.23 -20.39 20.42
C LEU A 419 -27.77 -21.85 20.56
N PRO A 420 -26.70 -22.31 19.87
CA PRO A 420 -26.26 -23.70 19.99
C PRO A 420 -25.78 -24.03 21.41
N GLU A 421 -26.17 -25.21 21.89
CA GLU A 421 -25.81 -25.71 23.21
C GLU A 421 -24.29 -25.68 23.41
N SER A 422 -23.52 -25.98 22.36
CA SER A 422 -22.07 -25.92 22.42
C SER A 422 -21.59 -24.52 22.78
N HIS A 423 -22.21 -23.49 22.17
CA HIS A 423 -21.86 -22.10 22.43
C HIS A 423 -22.12 -21.79 23.90
N LEU A 424 -23.31 -22.17 24.38
CA LEU A 424 -23.73 -21.89 25.74
C LEU A 424 -22.78 -22.55 26.75
N ASN A 425 -22.43 -23.82 26.49
CA ASN A 425 -21.45 -24.56 27.30
C ASN A 425 -20.09 -23.87 27.30
N GLU A 426 -19.61 -23.45 26.13
CA GLU A 426 -18.32 -22.80 26.03
C GLU A 426 -18.30 -21.51 26.86
N LEU A 427 -19.37 -20.69 26.75
CA LEU A 427 -19.40 -19.42 27.47
C LEU A 427 -19.42 -19.68 28.98
N ALA A 428 -20.17 -20.71 29.40
CA ALA A 428 -20.26 -21.09 30.81
C ALA A 428 -18.88 -21.51 31.31
N ALA A 429 -18.14 -22.28 30.51
CA ALA A 429 -16.82 -22.78 30.88
C ALA A 429 -15.82 -21.64 31.00
N ARG A 430 -15.94 -20.61 30.14
CA ARG A 430 -15.13 -19.40 30.21
C ARG A 430 -15.55 -18.50 31.39
N GLY A 431 -16.63 -18.80 32.09
CA GLY A 431 -17.09 -17.99 33.21
C GLY A 431 -17.82 -16.70 32.79
N LEU A 432 -18.29 -16.65 31.52
CA LEU A 432 -18.90 -15.44 30.99
C LEU A 432 -20.40 -15.50 31.22
N PRO A 433 -21.13 -14.34 31.18
CA PRO A 433 -22.57 -14.36 31.44
C PRO A 433 -23.30 -15.23 30.41
N THR A 434 -24.39 -15.84 30.84
CA THR A 434 -25.24 -16.57 29.91
C THR A 434 -25.92 -15.57 28.96
N PRO A 435 -25.83 -15.76 27.62
CA PRO A 435 -26.52 -14.88 26.68
C PRO A 435 -28.02 -14.77 26.93
N VAL A 436 -28.52 -13.54 26.87
CA VAL A 436 -29.94 -13.28 26.80
C VAL A 436 -30.33 -13.07 25.33
N VAL A 437 -31.27 -13.86 24.83
CA VAL A 437 -31.70 -13.74 23.46
C VAL A 437 -33.03 -12.99 23.41
N LEU A 438 -33.01 -11.81 22.82
CA LEU A 438 -34.19 -10.97 22.64
C LEU A 438 -34.68 -11.19 21.21
N GLU A 439 -35.88 -11.74 21.09
CA GLU A 439 -36.49 -12.02 19.79
C GLU A 439 -37.53 -10.96 19.45
N PHE A 440 -37.63 -10.65 18.15
CA PHE A 440 -38.53 -9.66 17.61
C PHE A 440 -39.21 -10.18 16.33
N ASP A 441 -40.42 -9.71 16.05
CA ASP A 441 -41.17 -10.05 14.84
C ASP A 441 -40.80 -9.15 13.67
N SER A 442 -40.18 -7.98 13.90
CA SER A 442 -39.88 -7.04 12.83
C SER A 442 -38.58 -6.28 13.10
N GLU A 443 -38.05 -5.71 12.03
CA GLU A 443 -36.84 -4.92 12.12
C GLU A 443 -37.05 -3.72 13.06
N PHE A 444 -38.13 -2.97 12.88
CA PHE A 444 -38.37 -1.77 13.70
C PHE A 444 -38.37 -2.12 15.20
N GLU A 445 -39.09 -3.17 15.60
CA GLU A 445 -39.18 -3.53 17.01
C GLU A 445 -37.78 -3.81 17.57
N MET A 446 -36.96 -4.53 16.81
CA MET A 446 -35.62 -4.85 17.22
C MET A 446 -34.80 -3.55 17.32
N LEU A 447 -34.77 -2.72 16.27
CA LEU A 447 -33.99 -1.48 16.31
C LEU A 447 -34.41 -0.55 17.44
N LEU A 448 -35.72 -0.37 17.64
CA LEU A 448 -36.25 0.39 18.75
C LEU A 448 -35.78 -0.15 20.12
N ALA A 449 -35.84 -1.47 20.32
CA ALA A 449 -35.32 -2.10 21.53
C ALA A 449 -33.81 -1.78 21.73
N PHE A 450 -33.02 -1.94 20.68
CA PHE A 450 -31.61 -1.64 20.76
C PHE A 450 -31.39 -0.16 21.19
N MET A 451 -32.05 0.78 20.53
CA MET A 451 -31.88 2.21 20.89
C MET A 451 -32.45 2.47 22.29
N THR A 452 -33.47 1.70 22.69
CA THR A 452 -34.01 1.80 24.04
C THR A 452 -32.92 1.41 25.03
N LEU A 453 -32.23 0.29 24.78
CA LEU A 453 -31.11 -0.15 25.60
C LEU A 453 -30.05 0.96 25.65
N VAL A 454 -29.61 1.45 24.49
CA VAL A 454 -28.66 2.55 24.44
C VAL A 454 -29.07 3.74 25.35
N LYS A 455 -30.32 4.15 25.33
CA LYS A 455 -30.77 5.27 26.13
C LYS A 455 -30.86 4.89 27.63
N GLN A 456 -31.45 3.74 27.93
CA GLN A 456 -31.68 3.33 29.32
C GLN A 456 -30.38 2.87 30.05
N TYR A 457 -29.50 2.20 29.37
CA TYR A 457 -28.26 1.71 29.95
C TYR A 457 -27.19 2.78 29.82
N GLY A 458 -27.29 3.61 28.75
CA GLY A 458 -26.44 4.77 28.59
C GLY A 458 -24.96 4.42 28.69
N PRO A 459 -24.41 3.49 27.88
CA PRO A 459 -23.00 3.13 27.96
C PRO A 459 -22.20 4.39 27.65
N GLU A 460 -21.35 4.81 28.61
CA GLU A 460 -20.52 5.97 28.38
C GLU A 460 -19.52 5.76 27.23
N PHE A 461 -19.06 4.53 27.04
CA PHE A 461 -18.12 4.21 25.98
C PHE A 461 -18.73 3.09 25.11
N VAL A 462 -18.53 3.18 23.81
CA VAL A 462 -19.05 2.23 22.85
C VAL A 462 -17.92 1.83 21.94
N THR A 463 -17.84 0.54 21.67
CA THR A 463 -16.85 0.03 20.75
C THR A 463 -17.49 -1.02 19.86
N GLY A 464 -16.70 -1.42 18.91
CA GLY A 464 -17.02 -2.43 17.93
C GLY A 464 -15.94 -2.38 16.85
N TYR A 465 -16.17 -3.08 15.77
CA TYR A 465 -15.23 -3.15 14.66
C TYR A 465 -15.93 -2.65 13.41
N ASN A 466 -15.39 -1.53 12.91
CA ASN A 466 -15.94 -0.77 11.79
C ASN A 466 -17.33 -0.23 12.12
N ILE A 467 -17.60 0.05 13.38
CA ILE A 467 -18.91 0.59 13.75
C ILE A 467 -19.10 2.01 13.21
N ILE A 468 -18.04 2.81 13.03
CA ILE A 468 -18.25 4.19 12.56
C ILE A 468 -18.59 4.15 11.08
N ASN A 469 -17.89 3.33 10.30
CA ASN A 469 -18.05 3.31 8.86
C ASN A 469 -19.20 2.40 8.40
N PHE A 470 -19.63 1.41 9.21
CA PHE A 470 -20.72 0.56 8.79
C PHE A 470 -21.90 0.52 9.77
N ASP A 471 -21.71 -0.08 10.96
CA ASP A 471 -22.82 -0.45 11.85
C ASP A 471 -23.67 0.78 12.23
N TRP A 472 -23.04 1.81 12.82
CA TRP A 472 -23.80 2.99 13.19
C TRP A 472 -24.51 3.60 11.98
N PRO A 473 -23.82 3.96 10.88
CA PRO A 473 -24.50 4.58 9.74
C PRO A 473 -25.64 3.73 9.21
N PHE A 474 -25.48 2.40 9.15
CA PHE A 474 -26.55 1.53 8.69
C PHE A 474 -27.76 1.58 9.62
N LEU A 475 -27.53 1.43 10.94
CA LEU A 475 -28.59 1.54 11.93
C LEU A 475 -29.30 2.89 11.84
N LEU A 476 -28.52 3.97 11.81
CA LEU A 476 -29.10 5.30 11.89
C LEU A 476 -29.80 5.67 10.57
N ALA A 477 -29.33 5.15 9.44
CA ALA A 477 -30.04 5.29 8.16
C ALA A 477 -31.40 4.60 8.23
N LYS A 478 -31.44 3.35 8.71
CA LYS A 478 -32.71 2.68 8.94
C LYS A 478 -33.61 3.52 9.83
N LEU A 479 -33.10 3.95 10.99
CA LEU A 479 -33.94 4.64 11.95
C LEU A 479 -34.45 5.99 11.43
N THR A 480 -33.60 6.71 10.72
CA THR A 480 -33.92 8.07 10.27
C THR A 480 -34.78 8.03 8.99
N ASP A 481 -34.42 7.17 8.02
CA ASP A 481 -35.00 7.20 6.68
C ASP A 481 -36.17 6.21 6.51
N ILE A 482 -36.05 4.98 7.01
CA ILE A 482 -37.12 4.01 6.85
C ILE A 482 -38.19 4.27 7.89
N TYR A 483 -37.75 4.26 9.14
CA TYR A 483 -38.59 4.58 10.28
C TYR A 483 -38.40 6.08 10.45
N LYS A 484 -39.27 6.74 11.16
CA LYS A 484 -39.08 8.21 11.15
C LYS A 484 -38.67 8.65 12.56
N VAL A 485 -37.69 7.94 13.13
CA VAL A 485 -37.37 8.09 14.54
C VAL A 485 -36.37 9.26 14.68
N PRO A 486 -36.68 10.29 15.49
CA PRO A 486 -35.67 11.31 15.82
C PRO A 486 -34.62 10.74 16.80
N LEU A 487 -33.36 11.08 16.56
CA LEU A 487 -32.25 10.52 17.31
C LEU A 487 -31.76 11.44 18.45
N ASP A 488 -32.30 12.66 18.52
CA ASP A 488 -31.68 13.73 19.26
C ASP A 488 -31.87 13.56 20.79
N GLY A 489 -32.72 12.62 21.22
CA GLY A 489 -32.90 12.29 22.63
C GLY A 489 -32.25 10.96 23.05
N TYR A 490 -31.55 10.29 22.13
CA TYR A 490 -31.04 8.96 22.38
C TYR A 490 -29.61 9.00 22.96
N GLY A 491 -28.93 10.13 22.86
CA GLY A 491 -27.71 10.30 23.63
C GLY A 491 -28.01 10.59 25.10
N ARG A 492 -27.04 11.18 25.79
CA ARG A 492 -27.20 11.50 27.19
C ARG A 492 -28.30 12.53 27.39
N MET A 493 -28.34 13.57 26.53
CA MET A 493 -29.37 14.61 26.63
C MET A 493 -30.74 13.99 26.32
N ASN A 494 -31.80 14.42 26.98
CA ASN A 494 -33.13 13.87 26.78
C ASN A 494 -33.82 14.41 25.51
N GLY A 495 -33.33 15.51 24.95
CA GLY A 495 -33.70 15.94 23.61
C GLY A 495 -32.73 17.00 23.10
N ARG A 496 -32.75 17.26 21.80
CA ARG A 496 -32.01 18.35 21.17
C ARG A 496 -30.50 18.16 21.27
N GLY A 497 -30.03 16.94 21.53
CA GLY A 497 -28.62 16.63 21.59
C GLY A 497 -28.09 16.14 20.25
N VAL A 498 -26.76 16.16 20.10
CA VAL A 498 -26.11 15.74 18.87
C VAL A 498 -26.10 14.21 18.81
N PHE A 499 -26.54 13.67 17.67
CA PHE A 499 -26.55 12.25 17.40
C PHE A 499 -26.45 12.08 15.89
N ARG A 500 -25.22 12.04 15.37
CA ARG A 500 -25.02 12.21 13.93
C ARG A 500 -23.75 11.51 13.49
N VAL A 501 -23.85 10.92 12.30
CA VAL A 501 -22.73 10.34 11.57
C VAL A 501 -22.54 11.18 10.30
N TRP A 502 -21.28 11.40 9.92
CA TRP A 502 -21.01 12.02 8.62
C TRP A 502 -19.73 11.46 8.02
N ASP A 503 -19.73 11.30 6.69
CA ASP A 503 -18.59 10.72 5.99
C ASP A 503 -17.49 11.77 5.80
N ILE A 504 -16.25 11.29 5.78
CA ILE A 504 -15.07 12.13 5.60
C ILE A 504 -14.85 12.34 4.10
N ARG A 512 -13.97 6.69 4.72
CA ARG A 512 -14.07 6.73 6.21
C ARG A 512 -15.16 7.72 6.64
N SER A 513 -15.42 7.73 7.96
CA SER A 513 -16.61 8.36 8.52
C SER A 513 -16.35 8.79 9.97
N LYS A 514 -17.18 9.71 10.49
CA LYS A 514 -17.09 10.19 11.88
C LYS A 514 -18.48 10.10 12.55
N ILE A 515 -18.50 9.93 13.88
CA ILE A 515 -19.74 9.92 14.63
C ILE A 515 -19.62 10.85 15.83
N LYS A 516 -20.70 11.56 16.14
CA LYS A 516 -20.77 12.28 17.41
C LYS A 516 -22.16 12.03 18.03
N VAL A 517 -22.13 11.47 19.23
CA VAL A 517 -23.29 11.13 20.01
C VAL A 517 -23.02 11.72 21.39
N ASN A 518 -23.82 12.70 21.77
CA ASN A 518 -23.57 13.41 23.01
C ASN A 518 -23.55 12.42 24.21
N GLY A 519 -22.48 12.52 25.01
CA GLY A 519 -22.35 11.73 26.22
C GLY A 519 -21.83 10.31 25.96
N MET A 520 -21.54 9.99 24.69
CA MET A 520 -21.15 8.63 24.34
C MET A 520 -19.83 8.69 23.58
N VAL A 521 -18.84 8.00 24.08
CA VAL A 521 -17.53 8.02 23.48
C VAL A 521 -17.38 6.80 22.58
N ASN A 522 -17.53 7.02 21.27
CA ASN A 522 -17.39 5.95 20.30
C ASN A 522 -15.91 5.75 19.95
N ILE A 523 -15.41 4.56 20.24
CA ILE A 523 -14.06 4.17 19.90
C ILE A 523 -14.12 2.93 19.01
N ASP A 524 -13.83 3.10 17.71
CA ASP A 524 -13.87 1.99 16.79
C ASP A 524 -12.53 1.27 16.78
N MET A 525 -12.53 -0.01 17.13
CA MET A 525 -11.29 -0.76 17.25
C MET A 525 -10.57 -0.91 15.90
N TYR A 526 -11.28 -0.80 14.79
CA TYR A 526 -10.67 -0.85 13.47
C TYR A 526 -9.66 0.30 13.31
N GLY A 527 -10.07 1.51 13.68
CA GLY A 527 -9.20 2.66 13.71
C GLY A 527 -8.01 2.46 14.63
N ILE A 528 -8.26 1.97 15.85
CA ILE A 528 -7.23 1.77 16.85
C ILE A 528 -6.17 0.80 16.31
N ILE A 529 -6.61 -0.28 15.67
CA ILE A 529 -5.70 -1.35 15.30
C ILE A 529 -4.91 -0.99 14.03
N THR A 530 -5.57 -0.36 13.06
CA THR A 530 -4.89 0.08 11.85
C THR A 530 -3.86 1.17 12.16
N ASP A 531 -4.12 1.98 13.19
CA ASP A 531 -3.19 3.03 13.61
C ASP A 531 -2.04 2.49 14.45
N LYS A 532 -2.04 1.18 14.79
CA LYS A 532 -1.16 0.69 15.84
C LYS A 532 -0.37 -0.56 15.42
N ILE A 533 -0.93 -1.44 14.58
CA ILE A 533 -0.31 -2.69 14.17
C ILE A 533 -0.29 -2.76 12.64
N LYS A 534 0.82 -3.25 12.05
CA LYS A 534 0.93 -3.46 10.61
C LYS A 534 0.54 -4.90 10.26
N LEU A 535 -0.40 -5.06 9.32
CA LEU A 535 -0.97 -6.35 8.95
C LEU A 535 -1.25 -6.42 7.44
N SER A 536 -1.26 -7.64 6.90
CA SER A 536 -1.59 -7.90 5.51
C SER A 536 -3.08 -7.68 5.25
N SER A 537 -3.90 -8.01 6.26
CA SER A 537 -5.35 -7.80 6.25
C SER A 537 -5.81 -7.35 7.63
N TYR A 538 -6.77 -6.42 7.65
CA TYR A 538 -7.40 -5.98 8.88
C TYR A 538 -8.82 -6.50 9.03
N LYS A 539 -9.16 -7.59 8.32
CA LYS A 539 -10.38 -8.32 8.62
C LYS A 539 -10.30 -8.80 10.05
N LEU A 540 -11.42 -8.78 10.78
CA LEU A 540 -11.40 -9.07 12.21
C LEU A 540 -10.79 -10.44 12.50
N ASN A 541 -11.07 -11.45 11.67
CA ASN A 541 -10.53 -12.79 11.89
C ASN A 541 -9.01 -12.79 11.75
N ALA A 542 -8.47 -12.11 10.72
CA ALA A 542 -7.04 -12.00 10.51
C ALA A 542 -6.39 -11.29 11.69
N VAL A 543 -7.05 -10.24 12.20
CA VAL A 543 -6.59 -9.49 13.35
C VAL A 543 -6.58 -10.38 14.59
N ALA A 544 -7.63 -11.18 14.78
CA ALA A 544 -7.75 -12.03 15.95
C ALA A 544 -6.67 -13.12 15.93
N GLU A 545 -6.34 -13.65 14.76
CA GLU A 545 -5.20 -14.56 14.58
C GLU A 545 -3.88 -13.87 14.93
N ALA A 546 -3.66 -12.66 14.40
CA ALA A 546 -2.40 -11.94 14.55
C ALA A 546 -2.17 -11.42 15.96
N VAL A 547 -3.24 -11.03 16.68
CA VAL A 547 -3.13 -10.26 17.91
C VAL A 547 -3.45 -11.12 19.14
N LEU A 548 -4.59 -11.84 19.14
CA LEU A 548 -5.03 -12.63 20.28
C LEU A 548 -4.48 -14.05 20.20
N LYS A 549 -3.87 -14.40 19.06
CA LYS A 549 -3.51 -15.76 18.67
C LYS A 549 -4.74 -16.67 18.66
N ASP A 550 -5.92 -16.09 18.42
CA ASP A 550 -7.19 -16.80 18.54
C ASP A 550 -7.74 -17.13 17.16
N LYS A 551 -7.22 -18.21 16.56
CA LYS A 551 -7.71 -18.72 15.29
C LYS A 551 -9.12 -19.29 15.47
N LYS A 552 -10.07 -18.85 14.61
CA LYS A 552 -11.45 -19.32 14.68
C LYS A 552 -12.13 -19.28 13.31
N LYS A 553 -13.33 -19.88 13.25
CA LYS A 553 -14.09 -20.02 12.02
C LYS A 553 -14.98 -18.78 11.79
N ASP A 554 -15.23 -18.49 10.52
CA ASP A 554 -16.12 -17.41 10.09
C ASP A 554 -17.32 -18.03 9.39
N LEU A 555 -18.51 -17.42 9.59
CA LEU A 555 -19.69 -17.76 8.80
C LEU A 555 -19.76 -16.74 7.66
N SER A 556 -19.67 -17.22 6.43
CA SER A 556 -19.70 -16.33 5.28
C SER A 556 -21.04 -15.60 5.23
N TYR A 557 -21.00 -14.35 4.77
CA TYR A 557 -22.23 -13.66 4.39
C TYR A 557 -22.99 -14.49 3.36
N ARG A 558 -22.28 -15.30 2.56
CA ARG A 558 -22.94 -16.15 1.58
C ARG A 558 -23.79 -17.19 2.29
N ASP A 559 -23.42 -17.55 3.53
CA ASP A 559 -24.15 -18.55 4.29
C ASP A 559 -25.41 -17.97 4.92
N ILE A 560 -25.35 -16.70 5.38
CA ILE A 560 -26.42 -16.12 6.17
C ILE A 560 -27.79 -16.41 5.55
N PRO A 561 -28.09 -16.05 4.29
CA PRO A 561 -29.45 -16.21 3.78
C PRO A 561 -29.92 -17.64 3.95
N ALA A 562 -29.03 -18.61 3.75
CA ALA A 562 -29.40 -20.02 3.85
C ALA A 562 -29.68 -20.42 5.31
N TYR A 563 -28.76 -20.06 6.21
CA TYR A 563 -28.99 -20.29 7.63
C TYR A 563 -30.25 -19.56 8.11
N TYR A 564 -30.45 -18.32 7.66
CA TYR A 564 -31.53 -17.49 8.16
C TYR A 564 -32.87 -18.15 7.86
N ALA A 565 -33.05 -18.59 6.61
CA ALA A 565 -34.26 -19.23 6.11
C ALA A 565 -34.55 -20.56 6.80
N ALA A 566 -33.51 -21.28 7.24
CA ALA A 566 -33.64 -22.67 7.66
C ALA A 566 -34.46 -22.84 8.94
N GLY A 567 -34.37 -21.90 9.90
CA GLY A 567 -35.12 -22.03 11.13
C GLY A 567 -34.38 -21.51 12.35
N PRO A 568 -34.98 -21.61 13.56
CA PRO A 568 -34.44 -20.97 14.75
C PRO A 568 -33.09 -21.53 15.20
N ALA A 569 -32.82 -22.81 14.93
CA ALA A 569 -31.54 -23.45 15.25
C ALA A 569 -30.40 -22.88 14.42
N GLN A 570 -30.65 -22.68 13.11
CA GLN A 570 -29.66 -22.14 12.19
C GLN A 570 -29.52 -20.61 12.38
N ARG A 571 -30.62 -19.91 12.67
CA ARG A 571 -30.51 -18.51 13.10
C ARG A 571 -29.69 -18.40 14.39
N GLY A 572 -29.81 -19.41 15.26
CA GLY A 572 -28.96 -19.52 16.44
C GLY A 572 -27.48 -19.62 16.11
N VAL A 573 -27.12 -20.33 15.03
CA VAL A 573 -25.75 -20.39 14.59
C VAL A 573 -25.27 -19.02 14.13
N ILE A 574 -26.12 -18.24 13.43
CA ILE A 574 -25.77 -16.87 13.08
C ILE A 574 -25.42 -16.13 14.38
N GLY A 575 -26.30 -16.27 15.39
CA GLY A 575 -26.18 -15.60 16.68
C GLY A 575 -24.87 -15.89 17.41
N GLU A 576 -24.52 -17.17 17.54
CA GLU A 576 -23.21 -17.58 18.04
C GLU A 576 -22.08 -16.79 17.38
N TYR A 577 -22.04 -16.76 16.05
N TYR A 577 -22.07 -16.76 16.03
CA TYR A 577 -20.93 -16.10 15.37
CA TYR A 577 -20.99 -16.13 15.30
C TYR A 577 -20.96 -14.58 15.58
C TYR A 577 -20.96 -14.62 15.61
N CYS A 578 -22.14 -14.00 15.74
N CYS A 578 -22.13 -14.01 15.73
CA CYS A 578 -22.25 -12.59 16.04
C CYS A 578 -21.69 -12.29 17.44
N ILE A 579 -22.08 -13.11 18.42
CA ILE A 579 -21.57 -12.97 19.78
C ILE A 579 -20.04 -13.15 19.81
N GLN A 580 -19.54 -14.19 19.14
N GLN A 580 -19.55 -14.20 19.15
CA GLN A 580 -18.11 -14.46 19.14
CA GLN A 580 -18.12 -14.47 19.07
C GLN A 580 -17.36 -13.23 18.60
C GLN A 580 -17.37 -13.22 18.60
N ASP A 581 -17.91 -12.56 17.57
N ASP A 581 -17.91 -12.56 17.56
CA ASP A 581 -17.24 -11.40 16.98
C ASP A 581 -17.14 -10.28 18.02
N SER A 582 -18.24 -9.97 18.73
CA SER A 582 -18.20 -8.95 19.76
C SER A 582 -17.25 -9.33 20.91
N LEU A 583 -17.19 -10.61 21.30
CA LEU A 583 -16.25 -11.06 22.32
C LEU A 583 -14.78 -10.78 21.90
N LEU A 584 -14.44 -11.06 20.64
CA LEU A 584 -13.11 -10.79 20.16
C LEU A 584 -12.81 -9.30 20.20
N VAL A 585 -13.78 -8.47 19.79
CA VAL A 585 -13.55 -7.04 19.79
C VAL A 585 -13.28 -6.58 21.21
N GLY A 586 -14.05 -7.10 22.17
CA GLY A 586 -13.85 -6.77 23.57
C GLY A 586 -12.44 -7.10 24.04
N GLN A 587 -11.92 -8.27 23.66
CA GLN A 587 -10.55 -8.64 23.95
C GLN A 587 -9.55 -7.64 23.35
N LEU A 588 -9.78 -7.23 22.10
CA LEU A 588 -8.92 -6.24 21.46
C LEU A 588 -8.96 -4.93 22.26
N PHE A 589 -10.16 -4.52 22.66
CA PHE A 589 -10.36 -3.28 23.40
C PHE A 589 -9.55 -3.33 24.71
N PHE A 590 -9.69 -4.41 25.48
CA PHE A 590 -9.01 -4.49 26.77
C PHE A 590 -7.51 -4.82 26.63
N LYS A 591 -7.05 -5.23 25.46
CA LYS A 591 -5.62 -5.33 25.20
C LYS A 591 -5.03 -3.93 24.99
N PHE A 592 -5.64 -3.12 24.12
CA PHE A 592 -5.05 -1.86 23.71
C PHE A 592 -5.44 -0.70 24.63
N LEU A 593 -6.54 -0.84 25.40
CA LEU A 593 -7.02 0.15 26.35
C LEU A 593 -7.03 1.54 25.71
N PRO A 594 -7.71 1.70 24.55
CA PRO A 594 -7.67 2.95 23.81
C PRO A 594 -8.22 4.14 24.59
N HIS A 595 -9.17 3.89 25.47
CA HIS A 595 -9.76 4.93 26.30
C HIS A 595 -8.72 5.63 27.18
N LEU A 596 -7.69 4.89 27.63
CA LEU A 596 -6.64 5.44 28.47
C LEU A 596 -5.71 6.37 27.68
N GLU A 597 -5.32 6.02 26.45
CA GLU A 597 -4.48 6.93 25.69
C GLU A 597 -5.29 8.16 25.28
N LEU A 598 -6.55 7.97 24.87
CA LEU A 598 -7.36 9.09 24.40
C LEU A 598 -7.63 10.08 25.55
N SER A 599 -7.93 9.57 26.74
CA SER A 599 -8.13 10.40 27.91
C SER A 599 -6.84 11.13 28.32
N ALA A 600 -5.69 10.47 28.18
CA ALA A 600 -4.41 11.12 28.44
C ALA A 600 -4.27 12.37 27.55
N VAL A 601 -4.52 12.23 26.25
CA VAL A 601 -4.42 13.33 25.31
C VAL A 601 -5.45 14.41 25.64
N ALA A 602 -6.70 14.02 25.94
CA ALA A 602 -7.73 14.96 26.31
C ALA A 602 -7.28 15.85 27.48
N ARG A 603 -6.77 15.22 28.55
CA ARG A 603 -6.27 15.92 29.73
C ARG A 603 -5.12 16.89 29.39
N LEU A 604 -4.15 16.43 28.61
CA LEU A 604 -3.01 17.26 28.24
C LEU A 604 -3.44 18.45 27.37
N ALA A 605 -4.27 18.18 26.37
CA ALA A 605 -4.59 19.16 25.35
C ALA A 605 -5.68 20.13 25.81
N GLY A 606 -6.37 19.81 26.91
CA GLY A 606 -7.48 20.61 27.37
C GLY A 606 -8.68 20.62 26.43
N ILE A 607 -8.92 19.51 25.74
CA ILE A 607 -10.12 19.32 24.94
C ILE A 607 -10.83 18.03 25.38
N ASN A 608 -12.13 17.92 25.10
CA ASN A 608 -12.86 16.74 25.53
C ASN A 608 -12.43 15.52 24.70
N ILE A 609 -12.69 14.33 25.24
CA ILE A 609 -12.26 13.08 24.64
C ILE A 609 -12.90 12.88 23.25
N THR A 610 -14.13 13.33 23.05
CA THR A 610 -14.78 13.21 21.75
C THR A 610 -14.04 14.02 20.68
N ARG A 611 -13.69 15.26 20.99
CA ARG A 611 -12.94 16.07 20.05
C ARG A 611 -11.55 15.47 19.87
N THR A 612 -11.01 14.86 20.93
CA THR A 612 -9.71 14.21 20.86
C THR A 612 -9.72 13.13 19.77
N ILE A 613 -10.77 12.32 19.74
CA ILE A 613 -10.88 11.22 18.80
C ILE A 613 -11.08 11.74 17.37
N TYR A 614 -11.96 12.72 17.18
CA TYR A 614 -12.49 13.02 15.86
C TYR A 614 -11.95 14.31 15.23
N ASP A 615 -11.58 15.31 16.02
CA ASP A 615 -11.07 16.54 15.42
C ASP A 615 -9.61 16.24 15.07
N GLY A 616 -8.91 17.09 14.35
CA GLY A 616 -7.56 16.69 13.96
C GLY A 616 -6.52 16.95 15.05
N GLN A 617 -5.25 16.91 14.64
CA GLN A 617 -4.12 17.22 15.51
C GLN A 617 -4.07 18.70 15.87
N GLN A 618 -4.50 19.57 14.96
CA GLN A 618 -4.26 21.00 15.12
C GLN A 618 -4.86 21.54 16.41
N ILE A 619 -6.11 21.15 16.71
CA ILE A 619 -6.82 21.71 17.84
C ILE A 619 -6.09 21.45 19.17
N ARG A 620 -5.37 20.34 19.25
CA ARG A 620 -4.60 20.00 20.44
C ARG A 620 -3.53 21.06 20.70
N VAL A 621 -2.67 21.34 19.70
CA VAL A 621 -1.62 22.36 19.89
C VAL A 621 -2.26 23.73 20.07
N PHE A 622 -3.31 24.01 19.30
CA PHE A 622 -3.96 25.31 19.36
C PHE A 622 -4.41 25.64 20.78
N THR A 623 -5.09 24.70 21.43
CA THR A 623 -5.64 24.94 22.77
C THR A 623 -4.51 25.15 23.78
N CYS A 624 -3.44 24.37 23.72
CA CYS A 624 -2.28 24.59 24.62
C CYS A 624 -1.62 25.97 24.36
N LEU A 625 -1.49 26.33 23.08
CA LEU A 625 -0.88 27.60 22.69
C LEU A 625 -1.73 28.76 23.19
N LEU A 626 -3.05 28.62 23.05
CA LEU A 626 -3.97 29.63 23.53
C LEU A 626 -3.78 29.88 25.02
N ARG A 627 -3.58 28.81 25.80
CA ARG A 627 -3.38 28.99 27.22
C ARG A 627 -2.13 29.82 27.51
N LEU A 628 -1.01 29.41 26.91
CA LEU A 628 0.25 30.10 27.11
C LEU A 628 0.20 31.54 26.58
N ALA A 629 -0.29 31.70 25.35
CA ALA A 629 -0.36 33.01 24.70
C ALA A 629 -1.13 34.01 25.58
N ASP A 630 -2.28 33.60 26.12
CA ASP A 630 -3.03 34.45 27.02
C ASP A 630 -2.19 34.83 28.25
N GLN A 631 -1.49 33.85 28.84
CA GLN A 631 -0.65 34.12 30.00
C GLN A 631 0.41 35.18 29.69
N LYS A 632 0.93 35.16 28.45
CA LYS A 632 1.98 36.05 27.99
C LYS A 632 1.42 37.32 27.35
N GLY A 633 0.10 37.55 27.38
CA GLY A 633 -0.46 38.80 26.91
C GLY A 633 -0.69 38.89 25.40
N PHE A 634 -0.63 37.76 24.70
CA PHE A 634 -0.92 37.71 23.28
C PHE A 634 -2.39 37.34 23.03
N ILE A 635 -2.90 37.67 21.83
CA ILE A 635 -4.19 37.16 21.36
C ILE A 635 -4.01 36.60 19.96
N LEU A 636 -4.73 35.51 19.65
CA LEU A 636 -4.54 34.75 18.43
C LEU A 636 -5.56 35.17 17.37
N PRO A 637 -5.13 35.69 16.20
CA PRO A 637 -6.07 36.12 15.15
C PRO A 637 -6.79 34.95 14.49
N ASP A 638 -8.09 35.13 14.23
CA ASP A 638 -8.84 34.15 13.48
C ASP A 638 -8.38 34.22 12.01
N THR A 639 -8.25 33.06 11.37
CA THR A 639 -7.87 32.99 9.98
C THR A 639 -9.03 33.47 9.09
N ARG A 700 21.38 18.13 -1.96
CA ARG A 700 21.06 16.91 -2.76
C ARG A 700 22.19 15.86 -2.65
N VAL A 701 23.32 16.22 -2.03
CA VAL A 701 24.49 15.35 -1.91
C VAL A 701 24.18 14.16 -0.98
N LEU A 702 23.07 14.25 -0.22
CA LEU A 702 22.64 13.20 0.69
C LEU A 702 21.87 12.11 -0.06
N ASP A 703 21.64 12.29 -1.37
CA ASP A 703 20.86 11.34 -2.14
C ASP A 703 21.71 10.09 -2.42
N PRO A 704 21.13 8.89 -2.24
CA PRO A 704 21.88 7.63 -2.32
C PRO A 704 22.20 7.13 -3.73
N THR A 705 23.48 6.76 -3.93
CA THR A 705 23.85 5.90 -5.03
C THR A 705 23.35 4.51 -4.66
N SER A 706 22.32 4.03 -5.36
CA SER A 706 21.78 2.72 -5.10
C SER A 706 22.94 1.72 -5.21
N GLY A 707 22.92 0.69 -4.36
CA GLY A 707 24.02 -0.24 -4.31
C GLY A 707 24.01 -1.08 -3.04
N PHE A 708 24.96 -2.02 -2.99
CA PHE A 708 25.05 -3.01 -1.94
C PHE A 708 26.34 -2.80 -1.15
N HIS A 709 26.19 -2.66 0.16
CA HIS A 709 27.29 -2.42 1.09
C HIS A 709 27.47 -3.62 2.01
N VAL A 710 28.70 -4.14 2.06
CA VAL A 710 29.10 -5.20 2.98
C VAL A 710 29.99 -4.65 4.10
N ASN A 711 30.37 -3.37 4.01
CA ASN A 711 30.97 -2.65 5.14
C ASN A 711 29.84 -2.14 6.03
N PRO A 712 30.08 -2.00 7.35
CA PRO A 712 29.04 -1.57 8.25
C PRO A 712 28.57 -0.14 7.99
N VAL A 713 27.25 0.03 8.15
CA VAL A 713 26.63 1.31 7.98
C VAL A 713 26.02 1.70 9.32
N VAL A 714 26.51 2.79 9.89
CA VAL A 714 25.99 3.31 11.14
C VAL A 714 24.89 4.31 10.83
N VAL A 715 23.76 4.16 11.52
CA VAL A 715 22.64 5.06 11.37
C VAL A 715 22.69 6.05 12.53
N PHE A 716 22.87 7.33 12.19
CA PHE A 716 22.74 8.41 13.13
C PHE A 716 21.36 9.04 12.96
N ASP A 717 20.68 9.26 14.07
CA ASP A 717 19.31 9.70 14.07
C ASP A 717 19.20 10.88 15.03
N PHE A 718 18.61 11.99 14.58
CA PHE A 718 18.33 13.11 15.46
C PHE A 718 17.11 12.81 16.31
N ALA A 719 17.22 13.02 17.63
CA ALA A 719 16.10 12.80 18.53
C ALA A 719 15.12 13.98 18.48
N SER A 720 13.86 13.71 18.14
CA SER A 720 12.84 14.73 17.99
C SER A 720 13.45 15.97 17.32
N LEU A 721 13.87 15.80 16.06
CA LEU A 721 14.60 16.82 15.34
C LEU A 721 13.81 18.14 15.25
N TYR A 722 12.60 18.10 14.71
CA TYR A 722 11.84 19.30 14.45
C TYR A 722 11.55 20.03 15.76
N PRO A 723 10.97 19.36 16.79
CA PRO A 723 10.82 19.99 18.11
C PRO A 723 12.13 20.59 18.64
N SER A 724 13.23 19.84 18.53
CA SER A 724 14.51 20.35 19.01
C SER A 724 14.97 21.63 18.27
N ILE A 725 14.76 21.71 16.96
CA ILE A 725 15.10 22.90 16.19
C ILE A 725 14.27 24.09 16.68
N ILE A 726 12.96 23.87 16.82
CA ILE A 726 12.06 24.92 17.29
C ILE A 726 12.59 25.50 18.62
N GLN A 727 12.99 24.61 19.55
CA GLN A 727 13.48 25.05 20.84
C GLN A 727 14.86 25.70 20.73
N ALA A 728 15.80 25.06 20.03
CA ALA A 728 17.16 25.54 19.93
C ALA A 728 17.24 26.93 19.27
N HIS A 729 16.42 27.15 18.25
CA HIS A 729 16.45 28.38 17.45
C HIS A 729 15.34 29.32 17.85
N ASN A 730 14.61 28.98 18.92
CA ASN A 730 13.65 29.90 19.48
C ASN A 730 12.68 30.36 18.37
N LEU A 731 12.23 29.45 17.52
CA LEU A 731 11.29 29.78 16.44
C LEU A 731 9.89 29.96 17.02
N CYS A 732 9.13 30.91 16.50
CA CYS A 732 7.77 31.15 16.92
C CYS A 732 7.15 32.21 16.02
N PHE A 733 5.83 32.26 16.04
CA PHE A 733 5.08 33.37 15.51
C PHE A 733 5.65 34.71 16.03
N SER A 734 5.98 34.73 17.31
CA SER A 734 6.23 35.94 18.05
C SER A 734 7.69 36.37 18.01
N THR A 735 8.59 35.52 17.55
CA THR A 735 10.01 35.85 17.52
C THR A 735 10.41 36.23 16.11
N LEU A 736 9.53 35.95 15.16
CA LEU A 736 9.85 36.05 13.74
C LEU A 736 9.71 37.51 13.34
N SER A 737 10.53 37.93 12.39
CA SER A 737 10.31 39.20 11.70
C SER A 737 10.71 39.05 10.24
N LEU A 738 9.91 39.61 9.33
CA LEU A 738 10.27 39.71 7.93
C LEU A 738 10.96 41.06 7.61
N ARG A 739 11.34 41.84 8.63
CA ARG A 739 11.81 43.21 8.43
C ARG A 739 13.14 43.44 9.15
N ALA A 740 14.12 44.03 8.44
CA ALA A 740 15.44 44.29 9.01
C ALA A 740 15.33 45.36 10.10
N ASP A 741 14.47 46.38 9.90
CA ASP A 741 14.31 47.46 10.84
C ASP A 741 13.70 46.99 12.16
N ALA A 742 13.08 45.80 12.16
CA ALA A 742 12.55 45.19 13.38
C ALA A 742 13.66 44.83 14.35
N VAL A 743 14.85 44.47 13.83
CA VAL A 743 15.94 43.98 14.66
C VAL A 743 17.23 44.80 14.50
N ALA A 744 17.14 45.96 13.83
CA ALA A 744 18.29 46.85 13.66
C ALA A 744 18.82 47.37 15.00
N HIS A 745 18.00 47.31 16.06
CA HIS A 745 18.39 47.68 17.41
C HIS A 745 19.06 46.53 18.17
N LEU A 746 19.27 45.38 17.50
CA LEU A 746 19.80 44.17 18.11
C LEU A 746 21.12 43.77 17.43
N GLU A 747 21.98 43.03 18.14
CA GLU A 747 23.26 42.61 17.59
C GLU A 747 23.12 41.34 16.75
N ALA A 748 23.53 41.37 15.48
CA ALA A 748 23.42 40.21 14.60
C ALA A 748 24.21 39.02 15.13
N GLY A 749 23.65 37.82 14.98
CA GLY A 749 24.22 36.63 15.57
C GLY A 749 23.86 36.53 17.05
N LYS A 750 24.31 37.50 17.85
CA LYS A 750 24.18 37.45 19.29
C LYS A 750 22.70 37.48 19.73
N ASP A 751 21.86 38.32 19.10
CA ASP A 751 20.50 38.61 19.55
C ASP A 751 19.43 38.02 18.64
N TYR A 752 19.79 37.66 17.40
CA TYR A 752 18.84 37.06 16.47
C TYR A 752 19.56 36.21 15.43
N LEU A 753 18.81 35.24 14.90
CA LEU A 753 19.20 34.47 13.75
C LEU A 753 18.70 35.14 12.49
N GLU A 754 19.61 35.38 11.54
CA GLU A 754 19.23 35.68 10.17
C GLU A 754 19.29 34.40 9.35
N ILE A 755 18.26 34.12 8.55
CA ILE A 755 18.27 32.91 7.73
C ILE A 755 17.42 33.12 6.47
N GLU A 756 17.98 32.69 5.33
CA GLU A 756 17.29 32.74 4.06
C GLU A 756 16.38 31.51 3.96
N VAL A 757 15.09 31.76 3.74
CA VAL A 757 14.09 30.72 3.70
C VAL A 757 13.17 31.00 2.52
N GLY A 758 13.14 30.05 1.57
CA GLY A 758 12.32 30.19 0.37
C GLY A 758 12.62 31.44 -0.45
N GLY A 759 13.85 31.96 -0.34
CA GLY A 759 14.25 33.15 -1.07
C GLY A 759 14.11 34.45 -0.26
N ARG A 760 13.39 34.42 0.86
CA ARG A 760 13.28 35.58 1.74
C ARG A 760 14.31 35.53 2.86
N ARG A 761 14.77 36.70 3.32
CA ARG A 761 15.46 36.79 4.58
C ARG A 761 14.44 36.82 5.74
N LEU A 762 14.60 35.89 6.69
CA LEU A 762 13.80 35.85 7.92
C LEU A 762 14.69 36.12 9.12
N PHE A 763 14.15 36.81 10.14
CA PHE A 763 14.84 37.04 11.39
C PHE A 763 14.06 36.33 12.51
N PHE A 764 14.79 35.64 13.39
CA PHE A 764 14.19 35.11 14.62
C PHE A 764 15.01 35.57 15.81
N VAL A 765 14.44 36.40 16.66
CA VAL A 765 15.16 36.90 17.82
C VAL A 765 15.37 35.74 18.79
N LYS A 766 16.45 35.78 19.57
CA LYS A 766 16.82 34.70 20.47
C LYS A 766 16.08 34.79 21.78
N ALA A 767 16.22 33.77 22.62
CA ALA A 767 15.37 33.58 23.79
C ALA A 767 15.52 34.73 24.81
N HIS A 768 16.73 35.31 24.90
CA HIS A 768 16.98 36.40 25.84
C HIS A 768 16.34 37.70 25.39
N VAL A 769 16.10 37.86 24.09
CA VAL A 769 15.30 38.97 23.57
C VAL A 769 13.81 38.68 23.84
N ARG A 770 13.31 37.53 23.39
CA ARG A 770 11.93 37.12 23.63
C ARG A 770 11.85 35.59 23.49
N GLU A 771 11.18 34.93 24.42
CA GLU A 771 11.12 33.48 24.43
C GLU A 771 9.97 32.97 23.54
N SER A 772 10.29 32.06 22.64
CA SER A 772 9.32 31.45 21.75
C SER A 772 8.21 30.73 22.57
N LEU A 773 6.94 31.07 22.29
CA LEU A 773 5.83 30.31 22.87
C LEU A 773 5.95 28.82 22.52
N LEU A 774 6.24 28.49 21.26
CA LEU A 774 6.35 27.10 20.85
C LEU A 774 7.46 26.39 21.64
N SER A 775 8.56 27.13 21.86
CA SER A 775 9.67 26.65 22.64
C SER A 775 9.24 26.27 24.07
N ILE A 776 8.52 27.17 24.70
CA ILE A 776 8.01 26.96 26.06
C ILE A 776 7.13 25.72 26.11
N LEU A 777 6.17 25.59 25.19
CA LEU A 777 5.29 24.42 25.16
C LEU A 777 6.11 23.13 25.09
N LEU A 778 7.05 23.06 24.15
CA LEU A 778 7.86 21.89 23.92
C LEU A 778 8.75 21.61 25.14
N ARG A 779 9.45 22.63 25.63
CA ARG A 779 10.32 22.48 26.77
C ARG A 779 9.53 21.82 27.92
N ASP A 780 8.38 22.39 28.24
CA ASP A 780 7.58 22.00 29.39
C ASP A 780 7.04 20.58 29.23
N TRP A 781 6.55 20.23 28.04
CA TRP A 781 6.11 18.87 27.72
C TRP A 781 7.25 17.87 27.85
N LEU A 782 8.41 18.19 27.30
CA LEU A 782 9.57 17.30 27.38
C LEU A 782 10.01 17.08 28.84
N ALA A 783 10.05 18.14 29.64
CA ALA A 783 10.38 18.05 31.07
C ALA A 783 9.35 17.16 31.81
N MET A 784 8.07 17.34 31.51
CA MET A 784 7.02 16.51 32.06
C MET A 784 7.22 15.04 31.64
N ARG A 785 7.53 14.79 30.38
CA ARG A 785 7.70 13.44 29.87
C ARG A 785 8.87 12.74 30.56
N LYS A 786 9.91 13.52 30.89
CA LYS A 786 11.07 12.98 31.59
C LYS A 786 10.71 12.59 33.02
N GLN A 787 9.93 13.45 33.69
CA GLN A 787 9.48 13.18 35.05
C GLN A 787 8.65 11.90 35.11
N ILE A 788 7.74 11.69 34.14
CA ILE A 788 6.87 10.53 34.08
C ILE A 788 7.70 9.26 33.85
N ARG A 789 8.57 9.27 32.84
CA ARG A 789 9.36 8.09 32.52
C ARG A 789 10.34 7.76 33.65
N SER A 790 10.70 8.72 34.50
CA SER A 790 11.55 8.46 35.66
C SER A 790 10.79 7.69 36.74
N ARG A 791 9.49 7.98 36.90
CA ARG A 791 8.65 7.40 37.93
C ARG A 791 8.27 5.95 37.63
N ILE A 792 8.39 5.49 36.37
CA ILE A 792 7.83 4.20 35.98
C ILE A 792 8.61 3.04 36.63
N PRO A 793 9.96 2.99 36.61
CA PRO A 793 10.65 1.83 37.19
C PRO A 793 10.21 1.55 38.63
N GLN A 794 9.67 2.56 39.33
CA GLN A 794 9.32 2.42 40.74
C GLN A 794 7.81 2.39 40.98
N SER A 795 7.02 2.20 39.92
CA SER A 795 5.57 2.31 40.03
C SER A 795 4.92 0.92 40.08
N SER A 796 3.73 0.85 40.70
CA SER A 796 2.96 -0.40 40.76
C SER A 796 2.42 -0.76 39.38
N PRO A 797 2.09 -2.05 39.10
CA PRO A 797 1.74 -2.48 37.75
C PRO A 797 0.64 -1.69 37.03
N GLU A 798 -0.35 -1.16 37.77
CA GLU A 798 -1.44 -0.38 37.21
C GLU A 798 -1.00 1.08 37.02
N GLU A 799 -0.17 1.60 37.93
CA GLU A 799 0.44 2.92 37.76
C GLU A 799 1.30 2.93 36.50
N ALA A 800 2.05 1.86 36.26
CA ALA A 800 2.88 1.72 35.08
C ALA A 800 2.06 1.87 33.80
N VAL A 801 0.86 1.27 33.75
CA VAL A 801 -0.04 1.41 32.61
C VAL A 801 -0.41 2.88 32.41
N LEU A 802 -0.81 3.57 33.48
CA LEU A 802 -1.28 4.95 33.37
C LEU A 802 -0.13 5.90 32.99
N LEU A 803 1.02 5.78 33.66
CA LEU A 803 2.20 6.59 33.35
C LEU A 803 2.65 6.40 31.91
N ASP A 804 2.57 5.17 31.40
CA ASP A 804 2.97 4.87 30.03
C ASP A 804 2.05 5.58 29.04
N LYS A 805 0.74 5.59 29.32
CA LYS A 805 -0.21 6.25 28.44
C LYS A 805 0.05 7.77 28.45
N GLN A 806 0.35 8.33 29.63
CA GLN A 806 0.64 9.74 29.78
C GLN A 806 1.87 10.14 28.94
N GLN A 807 2.99 9.41 29.09
CA GLN A 807 4.21 9.78 28.39
C GLN A 807 3.99 9.67 26.88
N ALA A 808 3.20 8.68 26.45
CA ALA A 808 2.87 8.51 25.04
C ALA A 808 2.01 9.66 24.49
N ALA A 809 1.05 10.13 25.29
CA ALA A 809 0.24 11.28 24.91
C ALA A 809 1.12 12.52 24.69
N ILE A 810 2.10 12.73 25.57
CA ILE A 810 2.97 13.89 25.46
C ILE A 810 3.79 13.82 24.16
N LYS A 811 4.27 12.64 23.81
CA LYS A 811 5.07 12.45 22.61
C LYS A 811 4.26 12.82 21.36
N VAL A 812 3.01 12.37 21.26
CA VAL A 812 2.20 12.65 20.08
C VAL A 812 1.91 14.15 19.97
N VAL A 813 1.71 14.85 21.10
CA VAL A 813 1.44 16.28 21.04
C VAL A 813 2.71 17.03 20.63
N CYS A 814 3.87 16.76 21.25
CA CYS A 814 5.14 17.36 20.83
C CYS A 814 5.41 17.23 19.34
N ASN A 815 5.23 16.01 18.81
CA ASN A 815 5.53 15.71 17.42
C ASN A 815 4.54 16.39 16.46
N SER A 816 3.42 16.91 16.95
CA SER A 816 2.46 17.61 16.10
C SER A 816 2.76 19.11 15.95
N VAL A 817 3.69 19.68 16.75
CA VAL A 817 3.86 21.12 16.73
C VAL A 817 4.33 21.58 15.34
N TYR A 818 5.28 20.86 14.76
CA TYR A 818 5.80 21.25 13.45
C TYR A 818 4.66 21.32 12.44
N GLY A 819 3.89 20.24 12.36
CA GLY A 819 2.76 20.12 11.44
C GLY A 819 1.76 21.25 11.62
N PHE A 820 1.45 21.58 12.87
CA PHE A 820 0.59 22.70 13.20
C PHE A 820 0.99 24.00 12.50
N THR A 821 2.28 24.33 12.43
CA THR A 821 2.73 25.59 11.82
C THR A 821 2.62 25.53 10.30
N GLY A 822 2.66 24.33 9.70
CA GLY A 822 2.75 24.21 8.25
C GLY A 822 1.41 24.16 7.52
N VAL A 823 0.30 23.95 8.23
CA VAL A 823 -0.99 23.81 7.57
C VAL A 823 -1.47 25.15 7.06
N GLN A 824 -1.36 25.36 5.75
CA GLN A 824 -1.94 26.52 5.10
C GLN A 824 -3.45 26.45 5.29
N HIS A 825 -4.08 27.55 5.71
CA HIS A 825 -5.51 27.59 6.00
C HIS A 825 -5.87 26.79 7.26
N GLY A 826 -4.86 26.36 8.03
CA GLY A 826 -5.11 25.68 9.29
C GLY A 826 -5.42 26.67 10.40
N LEU A 827 -5.61 26.18 11.63
CA LEU A 827 -5.62 27.05 12.79
C LEU A 827 -4.21 27.65 12.88
N LEU A 828 -4.15 28.97 12.93
CA LEU A 828 -2.89 29.69 13.16
C LEU A 828 -1.69 29.18 12.36
N PRO A 829 -1.69 29.29 11.01
CA PRO A 829 -0.52 28.88 10.23
C PRO A 829 0.67 29.83 10.41
N CYS A 830 1.88 29.31 10.31
CA CYS A 830 3.04 30.15 10.07
C CYS A 830 4.03 29.37 9.21
N LEU A 831 3.75 29.38 7.91
CA LEU A 831 4.56 28.68 6.93
C LEU A 831 6.02 29.10 7.01
N HIS A 832 6.30 30.33 7.49
CA HIS A 832 7.66 30.81 7.66
C HIS A 832 8.38 29.99 8.74
N VAL A 833 7.70 29.69 9.85
CA VAL A 833 8.27 28.83 10.86
C VAL A 833 8.50 27.43 10.32
N ALA A 834 7.48 26.86 9.67
CA ALA A 834 7.55 25.50 9.14
C ALA A 834 8.73 25.36 8.16
N ALA A 835 8.84 26.33 7.24
CA ALA A 835 9.89 26.37 6.23
C ALA A 835 11.27 26.55 6.86
N THR A 836 11.35 27.42 7.87
CA THR A 836 12.59 27.60 8.60
C THR A 836 13.01 26.27 9.23
N VAL A 837 12.09 25.54 9.84
CA VAL A 837 12.42 24.26 10.47
C VAL A 837 13.06 23.31 9.47
N THR A 838 12.43 23.11 8.32
CA THR A 838 12.95 22.20 7.30
C THR A 838 14.28 22.70 6.76
N THR A 839 14.42 24.00 6.54
CA THR A 839 15.65 24.60 6.04
C THR A 839 16.79 24.37 7.03
N ILE A 840 16.56 24.64 8.32
CA ILE A 840 17.56 24.37 9.36
C ILE A 840 17.85 22.86 9.41
N GLY A 841 16.81 22.02 9.35
CA GLY A 841 16.93 20.57 9.27
C GLY A 841 17.95 20.15 8.21
N ARG A 842 17.71 20.63 6.98
CA ARG A 842 18.56 20.32 5.83
C ARG A 842 19.98 20.77 6.08
N GLU A 843 20.18 22.00 6.56
CA GLU A 843 21.52 22.51 6.82
C GLU A 843 22.23 21.71 7.92
N MET A 844 21.52 21.28 8.95
CA MET A 844 22.12 20.46 10.01
C MET A 844 22.63 19.12 9.46
N LEU A 845 21.89 18.50 8.54
CA LEU A 845 22.30 17.25 7.96
C LEU A 845 23.56 17.43 7.14
N LEU A 846 23.65 18.54 6.40
CA LEU A 846 24.82 18.83 5.61
C LEU A 846 25.99 19.16 6.52
N ALA A 847 25.75 19.89 7.60
CA ALA A 847 26.77 20.20 8.58
C ALA A 847 27.29 18.91 9.24
N THR A 848 26.39 17.97 9.52
CA THR A 848 26.76 16.69 10.09
C THR A 848 27.66 15.94 9.12
N ARG A 849 27.29 15.92 7.84
CA ARG A 849 28.09 15.27 6.81
C ARG A 849 29.48 15.89 6.71
N GLU A 850 29.58 17.23 6.60
CA GLU A 850 30.87 17.88 6.43
C GLU A 850 31.72 17.71 7.68
N TYR A 851 31.12 17.74 8.87
CA TYR A 851 31.88 17.53 10.10
C TYR A 851 32.48 16.13 10.15
N VAL A 852 31.66 15.10 9.85
CA VAL A 852 32.11 13.72 9.81
C VAL A 852 33.27 13.59 8.83
N HIS A 853 33.08 14.16 7.63
CA HIS A 853 34.05 14.06 6.55
C HIS A 853 35.37 14.76 6.90
N ALA A 854 35.28 15.90 7.57
CA ALA A 854 36.46 16.70 7.89
C ALA A 854 37.20 16.11 9.09
N ARG A 855 36.47 15.77 10.15
CA ARG A 855 37.07 15.42 11.44
C ARG A 855 37.60 13.99 11.43
N TRP A 856 37.01 13.09 10.62
CA TRP A 856 37.37 11.67 10.69
C TRP A 856 37.71 11.08 9.32
N ALA A 857 38.41 11.84 8.48
CA ALA A 857 38.85 11.39 7.18
C ALA A 857 39.87 10.26 7.30
N ALA A 858 40.65 10.27 8.39
CA ALA A 858 41.67 9.26 8.63
C ALA A 858 41.42 8.57 9.96
N PHE A 859 41.82 7.29 10.04
CA PHE A 859 41.60 6.47 11.21
C PHE A 859 42.28 7.07 12.45
N GLU A 860 43.44 7.71 12.26
CA GLU A 860 44.21 8.29 13.37
C GLU A 860 43.44 9.40 14.08
N GLN A 861 42.63 10.15 13.32
CA GLN A 861 41.81 11.21 13.87
C GLN A 861 40.69 10.61 14.72
N LEU A 862 40.09 9.51 14.23
CA LEU A 862 39.02 8.82 14.94
C LEU A 862 39.56 8.24 16.24
N LEU A 863 40.71 7.55 16.16
CA LEU A 863 41.35 6.92 17.31
C LEU A 863 41.75 7.96 18.37
N ALA A 864 42.17 9.15 17.94
CA ALA A 864 42.50 10.24 18.84
C ALA A 864 41.29 10.70 19.67
N ASP A 865 40.07 10.55 19.12
CA ASP A 865 38.84 10.92 19.81
C ASP A 865 38.28 9.72 20.59
N PHE A 866 38.41 8.51 20.01
CA PHE A 866 37.81 7.30 20.54
C PHE A 866 38.86 6.18 20.50
N PRO A 867 39.77 6.09 21.51
CA PRO A 867 40.90 5.16 21.44
C PRO A 867 40.53 3.68 21.37
N GLU A 868 39.32 3.32 21.78
CA GLU A 868 38.84 1.93 21.65
C GLU A 868 38.74 1.52 20.17
N ALA A 869 38.71 2.50 19.25
CA ALA A 869 38.70 2.22 17.83
C ALA A 869 39.94 1.41 17.40
N ALA A 870 41.01 1.43 18.21
CA ALA A 870 42.23 0.69 17.95
C ALA A 870 41.97 -0.81 17.70
N ASP A 871 41.04 -1.40 18.45
CA ASP A 871 40.75 -2.82 18.32
C ASP A 871 39.64 -3.07 17.28
N MET A 872 38.97 -1.99 16.82
CA MET A 872 37.88 -2.08 15.86
C MET A 872 38.35 -2.09 14.42
N ARG A 873 39.64 -1.80 14.17
CA ARG A 873 40.19 -1.66 12.83
C ARG A 873 40.10 -3.00 12.07
N ALA A 874 39.35 -3.00 10.96
CA ALA A 874 39.27 -4.11 10.02
C ALA A 874 40.43 -4.01 9.01
N PRO A 875 40.75 -5.10 8.25
CA PRO A 875 41.99 -5.14 7.46
C PRO A 875 42.22 -4.14 6.32
N GLY A 876 41.14 -3.70 5.65
CA GLY A 876 41.27 -2.98 4.40
C GLY A 876 41.44 -1.47 4.59
N PRO A 877 41.18 -0.65 3.54
CA PRO A 877 41.28 0.80 3.65
C PRO A 877 40.19 1.41 4.53
N TYR A 878 40.61 2.35 5.37
CA TYR A 878 39.69 3.10 6.20
C TYR A 878 38.99 4.19 5.37
N SER A 879 37.68 4.32 5.58
CA SER A 879 36.94 5.48 5.11
C SER A 879 35.68 5.66 5.96
N MET A 880 35.22 6.89 6.07
CA MET A 880 33.99 7.20 6.79
C MET A 880 33.22 8.25 6.00
N ARG A 881 32.16 7.82 5.30
CA ARG A 881 31.43 8.66 4.37
C ARG A 881 29.93 8.53 4.57
N ILE A 882 29.23 9.64 4.43
CA ILE A 882 27.78 9.61 4.40
C ILE A 882 27.34 9.08 3.04
N ILE A 883 26.52 8.02 3.03
CA ILE A 883 26.03 7.39 1.80
C ILE A 883 24.54 7.67 1.61
N TYR A 884 23.85 8.11 2.66
CA TYR A 884 22.43 8.40 2.58
C TYR A 884 22.05 9.31 3.72
N GLY A 885 21.00 10.11 3.51
CA GLY A 885 20.36 10.86 4.58
C GLY A 885 18.93 11.23 4.21
N ASP A 886 17.99 11.00 5.13
CA ASP A 886 16.61 11.41 4.94
C ASP A 886 16.41 12.73 5.67
N THR A 887 15.26 12.93 6.31
CA THR A 887 14.95 14.22 6.93
C THR A 887 15.66 14.38 8.27
N ASP A 888 16.05 13.26 8.91
CA ASP A 888 16.51 13.33 10.28
C ASP A 888 17.50 12.21 10.64
N SER A 889 17.91 11.42 9.65
CA SER A 889 18.88 10.39 9.86
C SER A 889 19.95 10.44 8.78
N ILE A 890 21.13 9.97 9.14
CA ILE A 890 22.26 9.87 8.22
C ILE A 890 22.80 8.46 8.34
N PHE A 891 23.17 7.91 7.20
CA PHE A 891 23.82 6.62 7.11
C PHE A 891 25.29 6.84 6.82
N VAL A 892 26.16 6.30 7.68
CA VAL A 892 27.60 6.50 7.54
C VAL A 892 28.24 5.15 7.29
N LEU A 893 28.79 5.01 6.08
CA LEU A 893 29.53 3.85 5.69
C LEU A 893 30.94 3.92 6.27
N CYS A 894 31.33 2.85 6.96
CA CYS A 894 32.53 2.82 7.75
C CYS A 894 33.45 1.73 7.23
N ARG A 895 34.09 1.99 6.08
CA ARG A 895 35.04 1.05 5.51
C ARG A 895 36.25 0.95 6.44
N GLY A 896 36.75 -0.27 6.63
CA GLY A 896 37.94 -0.46 7.46
C GLY A 896 37.66 -0.51 8.95
N LEU A 897 36.38 -0.46 9.36
CA LEU A 897 36.02 -0.72 10.74
C LEU A 897 35.16 -1.98 10.84
N THR A 898 35.27 -2.70 11.96
CA THR A 898 34.43 -3.84 12.28
C THR A 898 33.10 -3.36 12.88
N ALA A 899 32.04 -4.18 12.73
CA ALA A 899 30.69 -3.82 13.15
C ALA A 899 30.49 -3.92 14.67
N ALA A 900 31.35 -4.70 15.34
CA ALA A 900 31.16 -5.08 16.74
C ALA A 900 31.18 -3.89 17.70
N GLY A 901 32.30 -3.15 17.75
CA GLY A 901 32.42 -2.04 18.68
C GLY A 901 31.78 -0.75 18.16
N LEU A 902 31.30 -0.77 16.92
CA LEU A 902 31.01 0.43 16.15
C LEU A 902 29.71 1.08 16.59
N THR A 903 28.76 0.33 17.15
CA THR A 903 27.54 0.96 17.64
C THR A 903 27.84 1.80 18.89
N ALA A 904 28.72 1.30 19.76
CA ALA A 904 29.15 2.01 20.96
C ALA A 904 29.99 3.23 20.61
N VAL A 905 30.99 3.08 19.74
CA VAL A 905 31.78 4.22 19.28
C VAL A 905 30.86 5.21 18.54
N GLY A 906 29.93 4.68 17.73
CA GLY A 906 28.87 5.47 17.12
C GLY A 906 28.14 6.39 18.08
N ASP A 907 27.77 5.93 19.28
CA ASP A 907 27.04 6.81 20.18
C ASP A 907 27.93 7.89 20.81
N LYS A 908 29.24 7.63 20.90
CA LYS A 908 30.19 8.63 21.36
C LYS A 908 30.54 9.61 20.24
N MET A 909 30.62 9.12 18.98
CA MET A 909 30.63 9.99 17.81
C MET A 909 29.40 10.91 17.83
N ALA A 910 28.21 10.34 18.03
CA ALA A 910 26.95 11.06 18.01
C ALA A 910 26.93 12.16 19.07
N SER A 911 27.42 11.82 20.29
CA SER A 911 27.54 12.76 21.39
C SER A 911 28.50 13.90 21.03
N HIS A 912 29.66 13.53 20.50
CA HIS A 912 30.68 14.47 20.11
C HIS A 912 30.21 15.42 19.01
N ILE A 913 29.54 14.88 17.98
CA ILE A 913 28.96 15.68 16.92
C ILE A 913 27.97 16.67 17.51
N SER A 914 27.06 16.16 18.37
CA SER A 914 26.04 16.99 18.98
C SER A 914 26.70 18.18 19.66
N ARG A 915 27.70 17.90 20.49
CA ARG A 915 28.42 18.89 21.28
C ARG A 915 29.03 19.97 20.40
N ALA A 916 29.67 19.55 19.30
CA ALA A 916 30.49 20.42 18.47
C ALA A 916 29.65 21.30 17.54
N LEU A 917 28.45 20.86 17.17
CA LEU A 917 27.77 21.51 16.06
C LEU A 917 26.46 22.16 16.48
N PHE A 918 25.75 21.62 17.45
CA PHE A 918 24.35 22.01 17.61
C PHE A 918 24.04 22.42 19.03
N LEU A 919 22.98 23.23 19.16
CA LEU A 919 22.54 23.74 20.43
C LEU A 919 21.63 22.74 21.11
N PRO A 920 21.75 22.51 22.44
CA PRO A 920 20.74 21.73 23.15
C PRO A 920 19.40 22.41 22.90
N PRO A 921 18.27 21.70 22.94
CA PRO A 921 18.26 20.26 23.17
C PRO A 921 18.46 19.38 21.94
N ILE A 922 19.03 19.92 20.85
CA ILE A 922 19.28 19.10 19.67
C ILE A 922 20.24 18.00 20.08
N LYS A 923 19.94 16.76 19.68
CA LYS A 923 20.73 15.58 20.01
C LYS A 923 20.75 14.64 18.82
N LEU A 924 21.96 14.31 18.39
CA LEU A 924 22.20 13.23 17.45
C LEU A 924 22.52 11.97 18.25
N GLU A 925 21.94 10.84 17.83
CA GLU A 925 22.06 9.58 18.56
C GLU A 925 22.40 8.47 17.58
N CYS A 926 23.17 7.48 18.05
CA CYS A 926 23.49 6.33 17.23
C CYS A 926 22.36 5.31 17.38
N GLU A 927 21.68 5.02 16.27
CA GLU A 927 20.39 4.33 16.31
C GLU A 927 20.63 2.82 16.15
N LYS A 928 21.35 2.44 15.08
CA LYS A 928 21.66 1.05 14.80
C LYS A 928 22.84 0.96 13.84
N THR A 929 23.37 -0.24 13.67
CA THR A 929 24.42 -0.53 12.72
C THR A 929 23.99 -1.68 11.81
N PHE A 930 23.99 -1.44 10.50
CA PHE A 930 23.82 -2.47 9.51
C PHE A 930 25.14 -3.15 9.26
N THR A 931 25.14 -4.48 9.16
CA THR A 931 26.30 -5.19 8.64
C THR A 931 26.23 -5.26 7.11
N LYS A 932 25.02 -5.39 6.58
CA LYS A 932 24.80 -5.42 5.13
C LYS A 932 23.62 -4.52 4.81
N LEU A 933 23.70 -3.84 3.68
CA LEU A 933 22.67 -2.88 3.29
C LEU A 933 22.58 -2.76 1.78
N LEU A 934 21.37 -3.00 1.27
CA LEU A 934 21.01 -2.68 -0.09
C LEU A 934 20.23 -1.37 -0.10
N LEU A 935 20.90 -0.28 -0.51
CA LEU A 935 20.21 0.97 -0.80
C LEU A 935 19.59 0.85 -2.18
N ILE A 936 18.26 0.98 -2.24
CA ILE A 936 17.52 0.83 -3.47
C ILE A 936 17.24 2.22 -4.05
N ALA A 937 16.68 3.09 -3.20
CA ALA A 937 16.34 4.45 -3.56
C ALA A 937 16.04 5.26 -2.30
N LYS A 938 15.63 6.52 -2.45
CA LYS A 938 15.14 7.30 -1.33
C LYS A 938 14.04 6.52 -0.61
N LYS A 939 14.25 6.28 0.70
CA LYS A 939 13.31 5.63 1.60
C LYS A 939 13.08 4.15 1.25
N LYS A 940 13.93 3.57 0.41
CA LYS A 940 13.82 2.15 0.07
C LYS A 940 15.16 1.45 0.31
N TYR A 941 15.16 0.50 1.26
CA TYR A 941 16.35 -0.31 1.50
C TYR A 941 16.01 -1.59 2.25
N ILE A 942 16.94 -2.54 2.13
CA ILE A 942 16.93 -3.78 2.89
C ILE A 942 18.27 -3.85 3.59
N GLY A 943 18.26 -4.11 4.89
CA GLY A 943 19.50 -4.21 5.62
C GLY A 943 19.45 -5.27 6.70
N VAL A 944 20.61 -5.82 7.03
CA VAL A 944 20.73 -6.68 8.18
C VAL A 944 21.46 -5.92 9.29
N ILE A 945 20.79 -5.84 10.46
CA ILE A 945 21.32 -5.24 11.68
C ILE A 945 22.37 -6.18 12.27
N TYR A 946 23.29 -5.63 13.08
CA TYR A 946 24.43 -6.39 13.60
C TYR A 946 23.99 -7.68 14.32
N GLY A 947 22.82 -7.67 14.97
CA GLY A 947 22.29 -8.86 15.62
C GLY A 947 21.79 -9.96 14.67
N GLY A 948 21.83 -9.72 13.35
CA GLY A 948 21.46 -10.72 12.35
C GLY A 948 20.06 -10.52 11.78
N LYS A 949 19.26 -9.66 12.45
CA LYS A 949 17.88 -9.41 12.06
C LYS A 949 17.83 -8.61 10.76
N MET A 950 16.84 -8.93 9.89
CA MET A 950 16.67 -8.21 8.64
C MET A 950 15.58 -7.15 8.80
N LEU A 951 15.86 -5.96 8.26
CA LEU A 951 14.94 -4.83 8.24
C LEU A 951 14.68 -4.43 6.80
N ILE A 952 13.38 -4.41 6.44
CA ILE A 952 12.93 -4.05 5.11
C ILE A 952 12.15 -2.74 5.25
N LYS A 953 12.53 -1.72 4.46
CA LYS A 953 11.83 -0.45 4.48
C LYS A 953 11.48 -0.03 3.05
N GLY A 954 10.22 0.35 2.85
CA GLY A 954 9.76 0.97 1.61
C GLY A 954 9.61 0.00 0.45
N VAL A 955 9.72 -1.32 0.69
CA VAL A 955 9.49 -2.32 -0.33
C VAL A 955 8.70 -3.50 0.26
N ASP A 956 7.91 -4.14 -0.62
CA ASP A 956 7.25 -5.41 -0.33
C ASP A 956 7.85 -6.49 -1.21
N LEU A 957 8.32 -7.57 -0.58
CA LEU A 957 8.96 -8.67 -1.29
C LEU A 957 7.92 -9.67 -1.81
N VAL A 958 6.78 -9.78 -1.11
CA VAL A 958 5.81 -10.85 -1.36
C VAL A 958 4.44 -10.25 -1.69
N ARG A 959 4.35 -9.68 -2.89
CA ARG A 959 3.17 -8.97 -3.38
C ARG A 959 1.99 -9.91 -3.56
N LYS A 960 0.77 -9.38 -3.36
CA LYS A 960 -0.46 -10.16 -3.34
C LYS A 960 -0.86 -10.66 -4.73
N ASN A 961 -0.32 -10.01 -5.78
CA ASN A 961 -0.67 -10.33 -7.16
C ASN A 961 0.01 -11.63 -7.62
N ASN A 962 1.10 -12.02 -6.94
CA ASN A 962 1.91 -13.17 -7.33
C ASN A 962 1.34 -14.46 -6.75
N CYS A 963 1.71 -15.57 -7.39
CA CYS A 963 1.53 -16.91 -6.83
C CYS A 963 2.61 -17.19 -5.79
N ALA A 964 2.41 -18.25 -5.01
CA ALA A 964 3.30 -18.62 -3.92
C ALA A 964 4.70 -18.95 -4.44
N PHE A 965 4.79 -19.53 -5.63
CA PHE A 965 6.05 -19.85 -6.28
C PHE A 965 6.95 -18.62 -6.42
N ILE A 966 6.42 -17.53 -6.99
CA ILE A 966 7.20 -16.32 -7.21
C ILE A 966 7.57 -15.65 -5.88
N ASN A 967 6.62 -15.58 -4.95
CA ASN A 967 6.85 -14.93 -3.66
C ASN A 967 7.93 -15.66 -2.87
N ARG A 968 7.87 -16.98 -2.83
CA ARG A 968 8.82 -17.79 -2.09
C ARG A 968 10.21 -17.69 -2.73
N THR A 969 10.27 -17.73 -4.07
CA THR A 969 11.54 -17.69 -4.77
C THR A 969 12.19 -16.30 -4.65
N SER A 970 11.37 -15.25 -4.72
CA SER A 970 11.85 -13.88 -4.58
C SER A 970 12.51 -13.70 -3.23
N ARG A 971 11.84 -14.18 -2.17
CA ARG A 971 12.34 -14.07 -0.82
C ARG A 971 13.62 -14.88 -0.67
N ALA A 972 13.68 -16.07 -1.29
CA ALA A 972 14.88 -16.89 -1.24
C ALA A 972 16.10 -16.18 -1.86
N LEU A 973 15.90 -15.45 -2.95
CA LEU A 973 16.97 -14.68 -3.59
C LEU A 973 17.46 -13.55 -2.68
N VAL A 974 16.53 -12.85 -2.01
CA VAL A 974 16.89 -11.81 -1.06
C VAL A 974 17.68 -12.41 0.10
N ASP A 975 17.18 -13.50 0.67
CA ASP A 975 17.84 -14.16 1.78
C ASP A 975 19.23 -14.59 1.37
N LEU A 976 19.41 -14.97 0.11
CA LEU A 976 20.72 -15.41 -0.35
C LEU A 976 21.71 -14.23 -0.43
N LEU A 977 21.25 -13.08 -0.93
CA LEU A 977 22.05 -11.88 -1.00
C LEU A 977 22.56 -11.46 0.38
N PHE A 978 21.73 -11.62 1.41
CA PHE A 978 22.03 -11.15 2.75
C PHE A 978 22.71 -12.20 3.63
N TYR A 979 22.48 -13.49 3.40
CA TYR A 979 22.92 -14.50 4.34
C TYR A 979 23.96 -15.47 3.76
N ASP A 980 24.23 -15.43 2.45
CA ASP A 980 25.39 -16.12 1.90
C ASP A 980 26.49 -15.08 1.63
N ASP A 981 27.55 -15.11 2.45
CA ASP A 981 28.65 -14.15 2.35
C ASP A 981 29.33 -14.21 0.98
N THR A 982 29.30 -15.37 0.34
CA THR A 982 29.86 -15.53 -1.00
C THR A 982 29.10 -14.66 -2.00
N VAL A 983 27.76 -14.73 -1.93
CA VAL A 983 26.88 -13.95 -2.75
C VAL A 983 27.00 -12.48 -2.38
N SER A 984 27.02 -12.17 -1.07
CA SER A 984 27.14 -10.80 -0.56
C SER A 984 28.37 -10.10 -1.14
N GLY A 985 29.52 -10.74 -1.04
CA GLY A 985 30.78 -10.18 -1.50
C GLY A 985 30.85 -10.02 -3.02
N ALA A 986 30.29 -10.99 -3.74
CA ALA A 986 30.17 -10.93 -5.19
C ALA A 986 29.20 -9.82 -5.63
N ALA A 987 28.09 -9.65 -4.90
CA ALA A 987 27.13 -8.60 -5.18
C ALA A 987 27.75 -7.22 -4.93
N ALA A 988 28.56 -7.08 -3.87
CA ALA A 988 29.29 -5.84 -3.61
C ALA A 988 30.26 -5.53 -4.75
N ALA A 989 30.92 -6.57 -5.28
CA ALA A 989 31.88 -6.42 -6.36
C ALA A 989 31.26 -5.84 -7.64
N LEU A 990 29.92 -5.90 -7.79
CA LEU A 990 29.26 -5.34 -8.95
C LEU A 990 29.40 -3.82 -9.00
N ALA A 991 29.60 -3.18 -7.83
CA ALA A 991 29.67 -1.72 -7.75
C ALA A 991 30.97 -1.17 -8.34
N GLU A 992 31.99 -2.04 -8.51
CA GLU A 992 33.31 -1.62 -8.96
C GLU A 992 33.32 -1.23 -10.45
N ARG A 993 32.25 -1.58 -11.19
CA ARG A 993 32.17 -1.34 -12.63
C ARG A 993 30.79 -0.79 -12.98
N PRO A 994 30.66 0.04 -14.05
CA PRO A 994 29.35 0.51 -14.49
C PRO A 994 28.52 -0.64 -15.06
N ALA A 995 27.19 -0.48 -15.00
CA ALA A 995 26.25 -1.56 -15.23
C ALA A 995 26.40 -2.16 -16.64
N GLU A 996 26.68 -1.32 -17.65
CA GLU A 996 26.78 -1.78 -19.03
C GLU A 996 27.97 -2.72 -19.23
N GLU A 997 29.02 -2.57 -18.41
CA GLU A 997 30.24 -3.34 -18.57
C GLU A 997 30.01 -4.81 -18.21
N TRP A 998 29.09 -5.08 -17.27
CA TRP A 998 28.76 -6.44 -16.85
C TRP A 998 28.09 -7.26 -17.96
N LEU A 999 27.58 -6.61 -19.02
CA LEU A 999 27.05 -7.32 -20.18
C LEU A 999 28.17 -7.98 -20.97
N ALA A 1000 29.41 -7.46 -20.86
CA ALA A 1000 30.50 -7.82 -21.76
C ALA A 1000 31.57 -8.67 -21.09
N ARG A 1001 31.41 -8.98 -19.80
CA ARG A 1001 32.42 -9.75 -19.05
C ARG A 1001 31.72 -10.71 -18.11
N PRO A 1002 32.41 -11.79 -17.64
CA PRO A 1002 31.83 -12.68 -16.63
C PRO A 1002 31.55 -11.94 -15.32
N LEU A 1003 30.38 -12.22 -14.75
CA LEU A 1003 29.95 -11.61 -13.49
C LEU A 1003 30.86 -12.10 -12.35
N PRO A 1004 30.92 -11.37 -11.21
CA PRO A 1004 31.78 -11.75 -10.09
C PRO A 1004 31.55 -13.18 -9.62
N GLU A 1005 32.65 -13.92 -9.44
CA GLU A 1005 32.58 -15.26 -8.87
C GLU A 1005 32.01 -15.15 -7.45
N GLY A 1006 31.04 -16.00 -7.16
CA GLY A 1006 30.30 -15.90 -5.90
C GLY A 1006 28.81 -15.65 -6.13
N LEU A 1007 28.43 -15.19 -7.33
CA LEU A 1007 27.01 -15.07 -7.69
C LEU A 1007 26.45 -16.40 -8.21
N GLN A 1008 27.27 -17.45 -8.30
CA GLN A 1008 26.86 -18.75 -8.83
C GLN A 1008 25.64 -19.29 -8.12
N ALA A 1009 25.55 -19.11 -6.80
CA ALA A 1009 24.45 -19.65 -6.01
C ALA A 1009 23.15 -18.91 -6.29
N PHE A 1010 23.25 -17.61 -6.59
CA PHE A 1010 22.11 -16.77 -6.91
C PHE A 1010 21.51 -17.21 -8.25
N GLY A 1011 22.39 -17.45 -9.23
CA GLY A 1011 22.03 -18.08 -10.49
C GLY A 1011 21.37 -19.45 -10.30
N ALA A 1012 21.89 -20.27 -9.38
CA ALA A 1012 21.37 -21.61 -9.13
C ALA A 1012 19.93 -21.58 -8.65
N VAL A 1013 19.54 -20.57 -7.87
CA VAL A 1013 18.17 -20.43 -7.39
C VAL A 1013 17.24 -20.19 -8.58
N LEU A 1014 17.68 -19.38 -9.56
CA LEU A 1014 16.88 -19.07 -10.73
C LEU A 1014 16.74 -20.28 -11.64
N VAL A 1015 17.83 -21.05 -11.81
CA VAL A 1015 17.82 -22.25 -12.62
C VAL A 1015 16.92 -23.33 -12.00
N ASP A 1016 16.99 -23.47 -10.68
CA ASP A 1016 16.12 -24.37 -9.94
C ASP A 1016 14.65 -23.96 -10.05
N ALA A 1017 14.36 -22.66 -9.93
CA ALA A 1017 13.02 -22.12 -10.05
C ALA A 1017 12.47 -22.35 -11.46
N HIS A 1018 13.32 -22.16 -12.47
CA HIS A 1018 12.95 -22.39 -13.86
C HIS A 1018 12.56 -23.86 -14.06
N ARG A 1019 13.40 -24.76 -13.54
CA ARG A 1019 13.20 -26.19 -13.60
C ARG A 1019 11.93 -26.60 -12.86
N ARG A 1020 11.62 -25.93 -11.74
CA ARG A 1020 10.46 -26.26 -10.93
C ARG A 1020 9.14 -25.96 -11.66
N ILE A 1021 9.12 -25.00 -12.58
CA ILE A 1021 7.91 -24.68 -13.34
C ILE A 1021 7.52 -25.85 -14.24
N THR A 1022 8.50 -26.51 -14.88
CA THR A 1022 8.24 -27.52 -15.90
C THR A 1022 8.13 -28.93 -15.32
N ASP A 1023 8.40 -29.09 -14.02
CA ASP A 1023 8.46 -30.37 -13.34
C ASP A 1023 7.08 -31.03 -13.30
N PRO A 1024 6.90 -32.27 -13.83
CA PRO A 1024 5.60 -32.94 -13.76
C PRO A 1024 5.17 -33.39 -12.36
N GLU A 1025 6.11 -33.38 -11.40
CA GLU A 1025 5.84 -33.77 -10.02
C GLU A 1025 5.43 -32.57 -9.16
N ARG A 1026 5.25 -31.40 -9.78
CA ARG A 1026 5.13 -30.13 -9.07
C ARG A 1026 3.72 -29.94 -8.49
N ASP A 1027 3.65 -29.25 -7.34
CA ASP A 1027 2.38 -28.84 -6.74
C ASP A 1027 1.79 -27.66 -7.51
N ILE A 1028 0.66 -27.90 -8.20
CA ILE A 1028 -0.03 -26.89 -8.99
C ILE A 1028 -0.40 -25.71 -8.09
N GLN A 1029 -0.68 -25.97 -6.81
CA GLN A 1029 -1.17 -24.95 -5.89
C GLN A 1029 -0.16 -23.82 -5.66
N ASP A 1030 1.13 -24.09 -5.85
CA ASP A 1030 2.17 -23.05 -5.77
C ASP A 1030 2.02 -22.02 -6.89
N PHE A 1031 1.42 -22.44 -8.01
CA PHE A 1031 1.33 -21.63 -9.22
C PHE A 1031 -0.03 -21.02 -9.42
N VAL A 1032 -0.96 -21.20 -8.48
CA VAL A 1032 -2.32 -20.73 -8.61
C VAL A 1032 -2.41 -19.23 -8.37
N LEU A 1033 -2.99 -18.52 -9.35
CA LEU A 1033 -3.49 -17.16 -9.22
C LEU A 1033 -4.98 -17.21 -8.94
N THR A 1034 -5.58 -16.10 -8.51
CA THR A 1034 -6.99 -16.07 -8.15
C THR A 1034 -7.58 -14.71 -8.49
N ALA A 1035 -8.84 -14.69 -8.88
CA ALA A 1035 -9.53 -13.45 -9.20
C ALA A 1035 -11.00 -13.66 -8.87
N GLU A 1036 -11.63 -12.67 -8.24
CA GLU A 1036 -13.05 -12.73 -7.91
C GLU A 1036 -13.88 -12.45 -9.17
N LEU A 1037 -15.15 -12.85 -9.16
CA LEU A 1037 -16.11 -12.47 -10.19
C LEU A 1037 -16.89 -11.26 -9.72
N SER A 1038 -16.47 -10.06 -10.14
CA SER A 1038 -17.13 -8.84 -9.68
C SER A 1038 -18.59 -8.81 -10.13
N ARG A 1039 -18.87 -9.42 -11.30
CA ARG A 1039 -20.20 -9.41 -11.89
C ARG A 1039 -20.25 -10.51 -12.96
N HIS A 1040 -21.44 -10.74 -13.52
CA HIS A 1040 -21.62 -11.79 -14.50
C HIS A 1040 -20.73 -11.52 -15.72
N PRO A 1041 -20.00 -12.53 -16.27
CA PRO A 1041 -19.07 -12.31 -17.38
C PRO A 1041 -19.56 -11.55 -18.62
N ARG A 1042 -20.87 -11.55 -18.90
CA ARG A 1042 -21.42 -10.82 -20.04
C ARG A 1042 -21.37 -9.31 -19.84
N ALA A 1043 -21.24 -8.84 -18.58
CA ALA A 1043 -21.27 -7.43 -18.23
C ALA A 1043 -19.89 -6.78 -18.29
N TYR A 1044 -18.84 -7.55 -18.59
CA TYR A 1044 -17.49 -7.03 -18.70
C TYR A 1044 -17.28 -6.33 -20.04
N THR A 1045 -16.37 -5.34 -20.03
CA THR A 1045 -15.88 -4.67 -21.24
C THR A 1045 -14.61 -5.36 -21.72
N ASN A 1046 -13.63 -5.49 -20.81
CA ASN A 1046 -12.38 -6.19 -21.11
C ASN A 1046 -12.59 -7.70 -20.90
N LYS A 1047 -13.20 -8.34 -21.90
CA LYS A 1047 -13.60 -9.74 -21.77
C LYS A 1047 -12.39 -10.67 -21.87
N ARG A 1048 -11.23 -10.17 -22.32
CA ARG A 1048 -9.98 -10.92 -22.19
C ARG A 1048 -9.44 -10.78 -20.78
N LEU A 1049 -9.98 -11.62 -19.87
CA LEU A 1049 -9.45 -11.80 -18.53
C LEU A 1049 -9.36 -13.29 -18.22
N ALA A 1050 -8.25 -13.68 -17.56
CA ALA A 1050 -7.92 -15.06 -17.27
C ALA A 1050 -9.08 -15.78 -16.59
N HIS A 1051 -9.67 -15.14 -15.59
CA HIS A 1051 -10.72 -15.77 -14.79
C HIS A 1051 -12.02 -15.92 -15.58
N LEU A 1052 -12.25 -15.05 -16.58
CA LEU A 1052 -13.38 -15.21 -17.48
C LEU A 1052 -13.14 -16.33 -18.48
N THR A 1053 -11.91 -16.46 -18.99
CA THR A 1053 -11.53 -17.62 -19.79
C THR A 1053 -11.82 -18.92 -19.03
N VAL A 1054 -11.47 -18.96 -17.75
CA VAL A 1054 -11.67 -20.16 -16.96
C VAL A 1054 -13.16 -20.39 -16.76
N TYR A 1055 -13.93 -19.34 -16.45
CA TYR A 1055 -15.37 -19.45 -16.32
C TYR A 1055 -16.02 -20.16 -17.53
N TYR A 1056 -15.66 -19.75 -18.75
CA TYR A 1056 -16.25 -20.32 -19.94
C TYR A 1056 -15.69 -21.71 -20.25
N LYS A 1057 -14.42 -21.99 -19.90
CA LYS A 1057 -13.87 -23.33 -20.05
C LYS A 1057 -14.58 -24.32 -19.12
N LEU A 1058 -14.89 -23.90 -17.89
CA LEU A 1058 -15.61 -24.73 -16.94
C LEU A 1058 -16.94 -25.16 -17.57
N MET A 1059 -17.67 -24.19 -18.16
CA MET A 1059 -18.94 -24.43 -18.83
C MET A 1059 -18.79 -25.34 -20.06
N ALA A 1060 -17.79 -25.04 -20.91
CA ALA A 1060 -17.66 -25.63 -22.23
C ALA A 1060 -17.38 -27.13 -22.20
N ARG A 1061 -16.47 -27.59 -21.32
CA ARG A 1061 -15.93 -28.93 -21.39
C ARG A 1061 -16.87 -29.96 -20.73
N ARG A 1062 -17.12 -29.77 -19.42
CA ARG A 1062 -17.81 -30.77 -18.62
C ARG A 1062 -18.82 -30.11 -17.66
N ALA A 1063 -19.23 -28.87 -17.96
CA ALA A 1063 -20.16 -28.11 -17.13
C ALA A 1063 -19.70 -28.13 -15.67
N GLN A 1064 -18.42 -27.82 -15.44
CA GLN A 1064 -17.80 -27.88 -14.13
C GLN A 1064 -18.48 -26.86 -13.20
N VAL A 1065 -18.33 -27.07 -11.88
CA VAL A 1065 -19.09 -26.33 -10.89
C VAL A 1065 -18.85 -24.83 -11.09
N PRO A 1066 -19.88 -24.03 -11.48
CA PRO A 1066 -19.68 -22.61 -11.82
C PRO A 1066 -19.47 -21.69 -10.62
N SER A 1067 -19.54 -20.36 -10.85
CA SER A 1067 -19.21 -19.39 -9.82
C SER A 1067 -20.02 -18.11 -10.01
N ILE A 1068 -20.17 -17.31 -8.95
CA ILE A 1068 -20.84 -16.00 -9.02
C ILE A 1068 -20.37 -15.14 -7.84
N LYS A 1069 -19.87 -13.92 -8.11
CA LYS A 1069 -19.35 -13.04 -7.07
C LYS A 1069 -18.42 -13.80 -6.13
N ASP A 1070 -17.54 -14.65 -6.69
CA ASP A 1070 -16.65 -15.50 -5.89
C ASP A 1070 -15.29 -15.59 -6.59
N ARG A 1071 -14.29 -16.13 -5.87
CA ARG A 1071 -12.91 -16.20 -6.36
C ARG A 1071 -12.70 -17.45 -7.22
N ILE A 1072 -12.36 -17.21 -8.49
CA ILE A 1072 -11.98 -18.22 -9.45
C ILE A 1072 -10.46 -18.40 -9.38
N PRO A 1073 -9.95 -19.60 -9.01
CA PRO A 1073 -8.52 -19.88 -9.09
C PRO A 1073 -8.14 -20.29 -10.51
N TYR A 1074 -6.92 -19.98 -10.92
CA TYR A 1074 -6.44 -20.36 -12.24
C TYR A 1074 -4.93 -20.53 -12.25
N VAL A 1075 -4.46 -21.25 -13.26
CA VAL A 1075 -3.06 -21.43 -13.54
C VAL A 1075 -2.85 -21.07 -15.02
N ILE A 1076 -1.66 -20.60 -15.39
CA ILE A 1076 -1.38 -20.27 -16.77
C ILE A 1076 -0.64 -21.43 -17.40
N VAL A 1077 -1.09 -21.85 -18.57
CA VAL A 1077 -0.77 -23.16 -19.14
C VAL A 1077 0.00 -22.97 -20.45
N ALA A 1078 0.87 -23.92 -20.79
CA ALA A 1078 1.59 -23.92 -22.06
C ALA A 1078 0.62 -24.17 -23.23
N GLN A 1079 0.95 -23.62 -24.41
CA GLN A 1079 0.09 -23.70 -25.58
C GLN A 1079 0.27 -25.05 -26.28
N THR A 1080 -0.38 -26.10 -25.75
CA THR A 1080 -0.15 -27.48 -26.15
C THR A 1080 -1.09 -27.91 -27.29
N ARG A 1081 -1.53 -26.96 -28.13
CA ARG A 1081 -2.37 -27.21 -29.30
C ARG A 1081 -3.82 -27.54 -28.94
N GLU A 1082 -4.06 -28.41 -27.94
CA GLU A 1082 -5.42 -28.70 -27.49
C GLU A 1082 -6.09 -27.43 -26.95
N VAL A 1083 -5.27 -26.53 -26.39
CA VAL A 1083 -5.74 -25.24 -25.87
C VAL A 1083 -6.24 -24.38 -27.04
N GLU A 1084 -5.51 -24.42 -28.19
CA GLU A 1084 -5.91 -23.70 -29.39
C GLU A 1084 -7.26 -24.21 -29.90
N GLU A 1085 -7.44 -25.54 -29.91
CA GLU A 1085 -8.66 -26.16 -30.39
C GLU A 1085 -9.85 -25.79 -29.49
N THR A 1086 -9.61 -25.60 -28.18
CA THR A 1086 -10.66 -25.33 -27.21
C THR A 1086 -10.84 -23.83 -26.94
N VAL A 1087 -10.17 -22.96 -27.72
CA VAL A 1087 -10.21 -21.52 -27.50
C VAL A 1087 -11.56 -20.93 -27.91
N ALA A 1088 -12.42 -21.71 -28.60
CA ALA A 1088 -13.73 -21.25 -29.05
C ALA A 1088 -14.73 -21.19 -27.88
N ARG A 1089 -14.61 -20.13 -27.06
CA ARG A 1089 -15.37 -19.99 -25.83
C ARG A 1089 -16.84 -19.66 -26.13
N LEU A 1090 -17.73 -20.05 -25.20
CA LEU A 1090 -19.18 -19.95 -25.37
C LEU A 1090 -19.67 -18.50 -25.23
N ALA A 1091 -18.79 -17.56 -24.87
CA ALA A 1091 -19.16 -16.17 -24.64
C ALA A 1091 -19.88 -15.56 -25.85
N ALA A 1092 -19.60 -16.09 -27.05
CA ALA A 1092 -20.18 -15.59 -28.29
C ALA A 1092 -21.70 -15.76 -28.34
N LEU A 1093 -22.26 -16.61 -27.47
CA LEU A 1093 -23.70 -16.83 -27.41
C LEU A 1093 -24.41 -15.66 -26.73
N ARG A 1094 -23.66 -14.81 -26.00
CA ARG A 1094 -24.13 -13.55 -25.44
C ARG A 1094 -25.52 -13.71 -24.80
N LYS A 1133 -7.72 -15.37 -29.12
CA LYS A 1133 -7.14 -15.30 -30.49
C LYS A 1133 -6.90 -16.72 -31.02
N PRO A 1134 -7.13 -17.00 -32.32
CA PRO A 1134 -6.93 -18.36 -32.86
C PRO A 1134 -5.51 -18.92 -32.88
N ARG A 1135 -4.50 -18.04 -32.92
CA ARG A 1135 -3.09 -18.44 -32.91
C ARG A 1135 -2.38 -17.69 -31.78
N LYS A 1136 -1.04 -17.79 -31.70
CA LYS A 1136 -0.25 -17.15 -30.66
C LYS A 1136 -1.19 -16.63 -29.56
N LEU A 1137 -1.57 -17.50 -28.62
CA LEU A 1137 -2.58 -17.19 -27.62
C LEU A 1137 -2.10 -16.13 -26.62
N LEU A 1138 -3.05 -15.36 -26.07
CA LEU A 1138 -2.76 -14.39 -25.02
C LEU A 1138 -2.74 -15.11 -23.66
N VAL A 1139 -2.14 -14.49 -22.64
CA VAL A 1139 -2.13 -15.05 -21.29
C VAL A 1139 -3.57 -15.27 -20.81
N SER A 1140 -4.45 -14.30 -21.09
CA SER A 1140 -5.89 -14.40 -20.88
C SER A 1140 -6.45 -15.74 -21.33
N GLU A 1141 -6.05 -16.20 -22.53
CA GLU A 1141 -6.64 -17.38 -23.15
C GLU A 1141 -6.00 -18.66 -22.61
N LEU A 1142 -4.73 -18.58 -22.18
CA LEU A 1142 -3.99 -19.72 -21.67
C LEU A 1142 -4.27 -19.98 -20.19
N ALA A 1143 -5.25 -19.28 -19.60
CA ALA A 1143 -5.66 -19.52 -18.24
C ALA A 1143 -6.46 -20.82 -18.16
N GLU A 1144 -6.30 -21.56 -17.04
CA GLU A 1144 -6.89 -22.87 -16.89
C GLU A 1144 -7.29 -23.13 -15.43
N ASP A 1145 -8.36 -23.89 -15.27
CA ASP A 1145 -8.83 -24.40 -13.99
C ASP A 1145 -7.77 -25.32 -13.39
N PRO A 1146 -7.32 -25.10 -12.13
CA PRO A 1146 -6.27 -25.95 -11.57
C PRO A 1146 -6.69 -27.41 -11.41
N ALA A 1147 -7.98 -27.68 -11.16
CA ALA A 1147 -8.46 -29.06 -11.06
C ALA A 1147 -8.30 -29.79 -12.40
N TYR A 1148 -8.68 -29.12 -13.50
CA TYR A 1148 -8.46 -29.66 -14.84
C TYR A 1148 -6.97 -29.86 -15.11
N ALA A 1149 -6.14 -28.86 -14.78
CA ALA A 1149 -4.72 -28.88 -15.07
C ALA A 1149 -4.01 -30.04 -14.35
N ILE A 1150 -4.41 -30.28 -13.09
CA ILE A 1150 -3.95 -31.41 -12.28
C ILE A 1150 -4.39 -32.72 -12.94
N ALA A 1151 -5.68 -32.81 -13.27
CA ALA A 1151 -6.31 -34.05 -13.73
C ALA A 1151 -5.73 -34.54 -15.05
N HIS A 1152 -5.20 -33.64 -15.89
CA HIS A 1152 -4.71 -33.99 -17.23
C HIS A 1152 -3.20 -33.79 -17.37
N GLY A 1153 -2.50 -33.54 -16.26
CA GLY A 1153 -1.05 -33.41 -16.26
C GLY A 1153 -0.56 -32.30 -17.19
N VAL A 1154 -1.30 -31.18 -17.23
CA VAL A 1154 -1.04 -30.12 -18.19
C VAL A 1154 0.21 -29.34 -17.77
N ALA A 1155 1.04 -28.99 -18.75
CA ALA A 1155 2.25 -28.22 -18.51
C ALA A 1155 1.92 -26.75 -18.20
N LEU A 1156 2.57 -26.20 -17.17
CA LEU A 1156 2.50 -24.78 -16.84
C LEU A 1156 3.24 -23.95 -17.89
N ASN A 1157 2.84 -22.69 -18.01
CA ASN A 1157 3.43 -21.75 -18.95
C ASN A 1157 4.75 -21.20 -18.39
N THR A 1158 5.88 -21.71 -18.90
CA THR A 1158 7.20 -21.40 -18.37
C THR A 1158 7.50 -19.91 -18.51
N ASP A 1159 7.18 -19.35 -19.68
CA ASP A 1159 7.46 -17.95 -20.00
C ASP A 1159 6.70 -17.02 -19.06
N TYR A 1160 5.43 -17.31 -18.80
CA TYR A 1160 4.62 -16.49 -17.92
C TYR A 1160 5.21 -16.48 -16.49
N TYR A 1161 5.44 -17.66 -15.91
CA TYR A 1161 5.88 -17.75 -14.52
C TYR A 1161 7.30 -17.23 -14.36
N PHE A 1162 8.19 -17.57 -15.30
CA PHE A 1162 9.58 -17.21 -15.17
C PHE A 1162 9.77 -15.71 -15.43
N SER A 1163 9.01 -15.12 -16.35
CA SER A 1163 9.09 -13.68 -16.57
C SER A 1163 8.55 -12.91 -15.37
N HIS A 1164 7.53 -13.42 -14.69
CA HIS A 1164 7.05 -12.78 -13.48
C HIS A 1164 8.05 -12.92 -12.33
N LEU A 1165 8.77 -14.04 -12.26
CA LEU A 1165 9.86 -14.18 -11.31
C LEU A 1165 10.99 -13.18 -11.61
N LEU A 1166 11.39 -13.04 -12.88
CA LEU A 1166 12.44 -12.09 -13.22
C LEU A 1166 11.98 -10.65 -12.99
N GLY A 1167 10.69 -10.38 -13.21
CA GLY A 1167 10.11 -9.09 -12.90
C GLY A 1167 10.25 -8.75 -11.42
N ALA A 1168 9.85 -9.69 -10.56
CA ALA A 1168 9.92 -9.55 -9.12
C ALA A 1168 11.37 -9.33 -8.68
N ALA A 1169 12.30 -10.11 -9.26
CA ALA A 1169 13.72 -9.99 -8.95
C ALA A 1169 14.26 -8.62 -9.36
N CYS A 1170 13.85 -8.11 -10.53
CA CYS A 1170 14.29 -6.80 -10.98
C CYS A 1170 13.77 -5.64 -10.11
N VAL A 1171 12.74 -5.84 -9.29
CA VAL A 1171 12.33 -4.79 -8.36
C VAL A 1171 13.45 -4.55 -7.34
N THR A 1172 14.09 -5.63 -6.87
CA THR A 1172 15.04 -5.57 -5.77
C THR A 1172 16.47 -5.42 -6.27
N PHE A 1173 16.90 -6.29 -7.20
CA PHE A 1173 18.31 -6.47 -7.50
C PHE A 1173 18.81 -5.48 -8.55
N LYS A 1174 17.90 -4.67 -9.08
CA LYS A 1174 18.18 -3.58 -10.01
C LYS A 1174 19.19 -2.58 -9.42
N ALA A 1175 19.17 -2.39 -8.09
CA ALA A 1175 20.12 -1.57 -7.38
C ALA A 1175 21.56 -2.07 -7.50
N LEU A 1176 21.77 -3.35 -7.85
CA LEU A 1176 23.10 -3.88 -8.07
C LEU A 1176 23.67 -3.44 -9.42
N PHE A 1177 22.84 -2.88 -10.31
CA PHE A 1177 23.26 -2.52 -11.65
C PHE A 1177 22.70 -1.15 -12.03
N GLY A 1178 23.04 -0.12 -11.23
CA GLY A 1178 22.72 1.27 -11.55
C GLY A 1178 21.23 1.58 -11.58
N ASN A 1179 20.41 0.73 -10.94
CA ASN A 1179 18.96 0.85 -10.99
C ASN A 1179 18.43 0.67 -12.43
N ASN A 1180 19.19 -0.03 -13.29
CA ASN A 1180 18.82 -0.25 -14.68
C ASN A 1180 18.13 -1.60 -14.84
N ALA A 1181 16.80 -1.61 -14.93
CA ALA A 1181 15.99 -2.81 -14.95
C ALA A 1181 16.25 -3.74 -16.16
N LYS A 1182 16.65 -3.17 -17.31
CA LYS A 1182 16.84 -3.96 -18.53
C LYS A 1182 18.13 -4.79 -18.45
N ILE A 1183 19.21 -4.18 -17.95
CA ILE A 1183 20.46 -4.90 -17.74
C ILE A 1183 20.24 -6.02 -16.73
N THR A 1184 19.55 -5.70 -15.62
CA THR A 1184 19.26 -6.66 -14.57
C THR A 1184 18.53 -7.87 -15.15
N GLU A 1185 17.41 -7.63 -15.84
CA GLU A 1185 16.63 -8.69 -16.49
C GLU A 1185 17.51 -9.55 -17.40
N SER A 1186 18.35 -8.90 -18.22
CA SER A 1186 19.23 -9.59 -19.15
C SER A 1186 20.21 -10.52 -18.43
N LEU A 1187 20.90 -9.98 -17.41
CA LEU A 1187 21.91 -10.73 -16.68
C LEU A 1187 21.28 -11.86 -15.88
N LEU A 1188 20.07 -11.66 -15.33
CA LEU A 1188 19.40 -12.72 -14.61
C LEU A 1188 18.93 -13.81 -15.58
N LYS A 1189 18.43 -13.41 -16.75
CA LYS A 1189 17.99 -14.35 -17.77
C LYS A 1189 19.15 -15.20 -18.27
N ARG A 1190 20.35 -14.63 -18.39
CA ARG A 1190 21.52 -15.35 -18.87
C ARG A 1190 21.86 -16.62 -18.06
N PHE A 1191 21.50 -16.69 -16.78
CA PHE A 1191 21.78 -17.87 -15.97
C PHE A 1191 21.08 -19.12 -16.49
N ILE A 1192 19.92 -18.96 -17.12
CA ILE A 1192 19.05 -20.08 -17.47
C ILE A 1192 19.63 -20.85 -18.67
N PRO A 1193 19.72 -22.20 -18.58
CA PRO A 1193 20.24 -22.98 -19.70
C PRO A 1193 19.33 -22.91 -20.93
N GLU A 1194 19.93 -22.56 -22.07
CA GLU A 1194 19.23 -22.57 -23.35
C GLU A 1194 19.48 -23.91 -24.05
N VAL A 1195 18.44 -24.39 -24.71
CA VAL A 1195 18.52 -25.58 -25.56
C VAL A 1195 17.89 -25.27 -26.92
N TRP A 1196 18.35 -25.97 -27.95
CA TRP A 1196 17.76 -25.84 -29.28
C TRP A 1196 17.58 -27.21 -29.92
N HIS A 1197 16.39 -27.42 -30.49
CA HIS A 1197 16.07 -28.60 -31.30
C HIS A 1197 15.16 -28.15 -32.43
N PRO A 1198 15.22 -28.79 -33.63
CA PRO A 1198 14.17 -28.60 -34.63
C PRO A 1198 12.86 -29.17 -34.10
N PRO A 1199 11.68 -28.65 -34.51
CA PRO A 1199 10.39 -29.25 -34.15
C PRO A 1199 10.27 -30.71 -34.59
N ASP A 1200 9.42 -31.47 -33.88
CA ASP A 1200 9.35 -32.93 -34.00
C ASP A 1200 9.05 -33.37 -35.44
N ASP A 1201 8.09 -32.70 -36.09
CA ASP A 1201 7.69 -33.03 -37.45
C ASP A 1201 8.83 -32.74 -38.43
N VAL A 1202 9.45 -31.56 -38.27
CA VAL A 1202 10.57 -31.15 -39.10
C VAL A 1202 11.70 -32.16 -38.95
N ALA A 1203 12.02 -32.53 -37.71
CA ALA A 1203 13.11 -33.44 -37.41
C ALA A 1203 12.89 -34.80 -38.07
N ALA A 1204 11.66 -35.32 -38.00
CA ALA A 1204 11.29 -36.59 -38.64
C ALA A 1204 11.46 -36.50 -40.16
N ARG A 1205 10.95 -35.42 -40.77
CA ARG A 1205 11.05 -35.21 -42.21
C ARG A 1205 12.51 -35.18 -42.64
N LEU A 1206 13.34 -34.39 -41.95
CA LEU A 1206 14.74 -34.22 -42.30
C LEU A 1206 15.49 -35.54 -42.14
N ARG A 1207 15.17 -36.35 -41.13
CA ARG A 1207 15.76 -37.67 -40.98
C ARG A 1207 15.41 -38.57 -42.18
N THR A 1208 14.15 -38.52 -42.65
CA THR A 1208 13.75 -39.29 -43.83
C THR A 1208 14.39 -38.71 -45.11
N ALA A 1209 14.82 -37.44 -45.09
CA ALA A 1209 15.57 -36.84 -46.19
C ALA A 1209 17.07 -37.14 -46.11
N GLY A 1210 17.51 -37.89 -45.10
CA GLY A 1210 18.89 -38.33 -45.02
C GLY A 1210 19.81 -37.37 -44.26
N PHE A 1211 19.24 -36.36 -43.58
CA PHE A 1211 20.03 -35.42 -42.78
C PHE A 1211 20.63 -36.17 -41.58
N GLY A 1212 21.86 -35.84 -41.22
CA GLY A 1212 22.50 -36.38 -40.03
C GLY A 1212 22.28 -35.52 -38.78
N ALA A 1213 22.42 -36.15 -37.61
CA ALA A 1213 22.25 -35.47 -36.33
C ALA A 1213 23.58 -34.96 -35.81
N VAL A 1214 23.58 -33.70 -35.35
CA VAL A 1214 24.73 -33.02 -34.78
C VAL A 1214 24.39 -32.67 -33.33
N GLY A 1215 25.34 -32.90 -32.41
CA GLY A 1215 25.15 -32.56 -31.01
C GLY A 1215 24.40 -33.67 -30.27
N ALA A 1216 23.17 -33.36 -29.81
CA ALA A 1216 22.24 -34.35 -29.32
C ALA A 1216 22.92 -35.27 -28.30
N GLY A 1217 22.59 -36.57 -28.36
CA GLY A 1217 23.26 -37.59 -27.59
C GLY A 1217 24.35 -38.30 -28.38
N ALA A 1218 24.52 -37.94 -29.66
CA ALA A 1218 25.62 -38.49 -30.44
C ALA A 1218 26.92 -38.25 -29.67
N THR A 1219 27.96 -39.04 -29.98
CA THR A 1219 29.26 -38.82 -29.36
C THR A 1219 29.92 -37.58 -29.96
N ALA A 1220 30.98 -37.12 -29.31
CA ALA A 1220 31.78 -36.01 -29.80
C ALA A 1220 32.34 -36.33 -31.18
N GLU A 1221 32.81 -37.58 -31.36
CA GLU A 1221 33.39 -38.04 -32.61
C GLU A 1221 32.33 -38.09 -33.72
N GLU A 1222 31.14 -38.63 -33.41
CA GLU A 1222 30.04 -38.68 -34.36
C GLU A 1222 29.67 -37.27 -34.83
N THR A 1223 29.59 -36.34 -33.87
CA THR A 1223 29.24 -34.95 -34.13
C THR A 1223 30.28 -34.28 -35.02
N ARG A 1224 31.57 -34.45 -34.66
CA ARG A 1224 32.68 -33.87 -35.39
C ARG A 1224 32.67 -34.35 -36.84
N ARG A 1225 32.55 -35.67 -37.04
CA ARG A 1225 32.54 -36.27 -38.36
C ARG A 1225 31.32 -35.79 -39.16
N MET A 1226 30.16 -35.67 -38.49
CA MET A 1226 28.94 -35.29 -39.17
C MET A 1226 29.07 -33.86 -39.70
N LEU A 1227 29.69 -32.95 -38.92
CA LEU A 1227 29.92 -31.59 -39.38
C LEU A 1227 30.89 -31.60 -40.57
N HIS A 1228 31.92 -32.46 -40.54
CA HIS A 1228 32.81 -32.57 -41.68
C HIS A 1228 32.03 -32.99 -42.94
N ARG A 1229 31.05 -33.89 -42.80
CA ARG A 1229 30.19 -34.26 -43.92
C ARG A 1229 29.38 -33.05 -44.39
N ALA A 1230 28.82 -32.29 -43.45
CA ALA A 1230 28.00 -31.13 -43.76
C ALA A 1230 28.78 -30.12 -44.60
N PHE A 1231 30.00 -29.78 -44.17
CA PHE A 1231 30.84 -28.83 -44.86
C PHE A 1231 31.16 -29.33 -46.27
N ASP A 1232 31.38 -30.64 -46.45
CA ASP A 1232 31.66 -31.23 -47.75
C ASP A 1232 30.45 -31.12 -48.70
N THR A 1233 29.24 -31.36 -48.17
CA THR A 1233 28.02 -31.34 -48.97
C THR A 1233 27.63 -29.90 -49.34
N LEU A 1234 27.72 -28.99 -48.35
CA LEU A 1234 27.22 -27.63 -48.50
C LEU A 1234 28.14 -26.79 -49.39
N ALA A 1235 29.45 -27.04 -49.34
CA ALA A 1235 30.38 -26.45 -50.30
C ALA A 1235 30.00 -26.89 -51.73
N GLY B 28 45.67 -18.49 -21.97
CA GLY B 28 44.94 -18.08 -23.20
C GLY B 28 43.72 -18.94 -23.45
N ALA B 29 42.78 -18.39 -24.24
CA ALA B 29 41.52 -19.07 -24.54
C ALA B 29 41.78 -20.32 -25.38
N PRO B 30 41.15 -21.48 -25.07
CA PRO B 30 41.38 -22.71 -25.84
C PRO B 30 41.06 -22.53 -27.33
N CYS B 31 39.89 -21.93 -27.62
CA CYS B 31 39.51 -21.64 -29.00
C CYS B 31 39.64 -20.15 -29.29
N GLN B 32 40.27 -19.83 -30.44
CA GLN B 32 40.51 -18.46 -30.87
C GLN B 32 40.21 -18.35 -32.36
N VAL B 33 39.44 -17.32 -32.74
CA VAL B 33 39.14 -17.03 -34.14
C VAL B 33 39.44 -15.56 -34.39
N VAL B 34 40.14 -15.26 -35.50
CA VAL B 34 40.49 -13.89 -35.86
C VAL B 34 40.08 -13.62 -37.31
N LEU B 35 39.50 -12.44 -37.54
CA LEU B 35 39.36 -11.87 -38.86
C LEU B 35 39.99 -10.48 -38.89
N GLN B 36 41.00 -10.32 -39.76
CA GLN B 36 41.60 -9.03 -40.06
C GLN B 36 41.92 -8.99 -41.56
N GLY B 37 42.12 -7.78 -42.11
CA GLY B 37 42.60 -7.60 -43.46
C GLY B 37 41.80 -8.36 -44.52
N ALA B 38 42.50 -9.19 -45.30
CA ALA B 38 41.95 -9.84 -46.48
C ALA B 38 40.85 -10.84 -46.12
N GLU B 39 41.03 -11.58 -45.02
CA GLU B 39 40.05 -12.56 -44.58
C GLU B 39 38.79 -11.85 -44.08
N LEU B 40 38.95 -10.76 -43.34
CA LEU B 40 37.81 -9.97 -42.90
C LEU B 40 37.05 -9.42 -44.10
N ASN B 41 37.77 -8.95 -45.13
CA ASN B 41 37.15 -8.46 -46.35
C ASN B 41 36.37 -9.57 -47.05
N GLY B 42 36.94 -10.78 -47.10
CA GLY B 42 36.28 -11.94 -47.69
C GLY B 42 34.96 -12.29 -46.99
N ILE B 43 34.98 -12.27 -45.64
CA ILE B 43 33.79 -12.56 -44.85
C ILE B 43 32.77 -11.45 -45.03
N LEU B 44 33.19 -10.18 -45.05
CA LEU B 44 32.27 -9.07 -45.22
C LEU B 44 31.55 -9.16 -46.57
N GLN B 45 32.30 -9.52 -47.62
CA GLN B 45 31.75 -9.70 -48.95
C GLN B 45 30.75 -10.87 -48.97
N ALA B 46 31.06 -11.96 -48.26
CA ALA B 46 30.17 -13.11 -48.16
C ALA B 46 28.83 -12.74 -47.50
N PHE B 47 28.85 -11.86 -46.50
CA PHE B 47 27.65 -11.50 -45.78
C PHE B 47 26.86 -10.39 -46.46
N ALA B 48 27.50 -9.61 -47.35
CA ALA B 48 26.90 -8.43 -47.96
C ALA B 48 25.53 -8.71 -48.59
N PRO B 49 25.35 -9.75 -49.46
CA PRO B 49 24.04 -10.07 -50.02
C PRO B 49 23.02 -10.65 -49.05
N LEU B 50 23.49 -11.17 -47.91
CA LEU B 50 22.63 -11.89 -46.99
C LEU B 50 21.81 -10.94 -46.13
N ARG B 51 22.19 -9.67 -46.05
CA ARG B 51 21.42 -8.62 -45.38
C ARG B 51 21.16 -9.00 -43.92
N THR B 52 19.90 -9.01 -43.48
CA THR B 52 19.53 -9.43 -42.13
C THR B 52 19.19 -10.92 -42.04
N SER B 53 19.29 -11.67 -43.16
CA SER B 53 18.67 -12.99 -43.29
C SER B 53 19.13 -14.00 -42.24
N LEU B 54 20.39 -13.89 -41.80
CA LEU B 54 21.01 -14.87 -40.93
C LEU B 54 21.22 -14.32 -39.51
N LEU B 55 20.73 -13.12 -39.18
CA LEU B 55 21.08 -12.50 -37.92
C LEU B 55 20.56 -13.29 -36.74
N ASP B 56 19.36 -13.86 -36.88
CA ASP B 56 18.84 -14.83 -35.92
C ASP B 56 19.12 -16.23 -36.49
N SER B 57 20.08 -16.92 -35.89
CA SER B 57 20.56 -18.19 -36.40
C SER B 57 21.24 -18.98 -35.29
N LEU B 58 21.48 -20.25 -35.59
CA LEU B 58 22.37 -21.08 -34.82
C LEU B 58 23.76 -20.98 -35.42
N LEU B 59 24.77 -20.70 -34.58
CA LEU B 59 26.16 -20.83 -34.97
C LEU B 59 26.67 -22.14 -34.36
N VAL B 60 27.21 -23.02 -35.20
CA VAL B 60 27.77 -24.29 -34.75
C VAL B 60 29.27 -24.25 -35.04
N MET B 61 30.06 -24.34 -33.97
CA MET B 61 31.49 -24.08 -34.02
C MET B 61 32.24 -25.36 -33.66
N GLY B 62 33.18 -25.72 -34.51
CA GLY B 62 34.06 -26.84 -34.26
C GLY B 62 35.38 -26.63 -35.00
N ASP B 63 36.14 -27.72 -35.16
CA ASP B 63 37.47 -27.64 -35.74
C ASP B 63 37.44 -27.15 -37.20
N ARG B 64 36.42 -27.54 -37.96
CA ARG B 64 36.39 -27.24 -39.39
C ARG B 64 35.85 -25.83 -39.68
N GLY B 65 35.23 -25.17 -38.71
CA GLY B 65 34.77 -23.81 -38.90
C GLY B 65 33.43 -23.57 -38.24
N ILE B 66 32.77 -22.48 -38.65
CA ILE B 66 31.47 -22.09 -38.15
C ILE B 66 30.44 -22.44 -39.20
N LEU B 67 29.48 -23.29 -38.84
CA LEU B 67 28.33 -23.53 -39.66
C LEU B 67 27.17 -22.71 -39.13
N ILE B 68 26.62 -21.85 -39.97
CA ILE B 68 25.51 -21.01 -39.59
C ILE B 68 24.23 -21.63 -40.15
N HIS B 69 23.21 -21.76 -39.31
CA HIS B 69 22.00 -22.47 -39.66
C HIS B 69 20.79 -21.66 -39.24
N ASN B 70 19.80 -21.61 -40.13
CA ASN B 70 18.56 -20.91 -39.90
C ASN B 70 17.47 -21.59 -40.74
N THR B 71 16.21 -21.26 -40.46
CA THR B 71 15.12 -21.59 -41.37
C THR B 71 14.50 -20.29 -41.91
N ILE B 72 14.31 -20.26 -43.23
CA ILE B 72 13.69 -19.14 -43.92
C ILE B 72 12.51 -19.69 -44.70
N PHE B 73 11.31 -19.14 -44.43
CA PHE B 73 10.03 -19.58 -44.99
C PHE B 73 9.86 -21.10 -44.84
N GLY B 74 10.29 -21.64 -43.69
CA GLY B 74 10.11 -23.05 -43.38
C GLY B 74 11.19 -23.95 -43.96
N GLU B 75 12.13 -23.38 -44.74
CA GLU B 75 13.13 -24.15 -45.45
C GLU B 75 14.50 -24.03 -44.77
N GLN B 76 15.30 -25.10 -44.86
CA GLN B 76 16.58 -25.16 -44.17
C GLN B 76 17.63 -24.32 -44.90
N VAL B 77 18.33 -23.44 -44.18
CA VAL B 77 19.34 -22.56 -44.75
C VAL B 77 20.65 -22.70 -43.98
N PHE B 78 21.76 -22.83 -44.71
CA PHE B 78 23.08 -23.04 -44.17
C PHE B 78 24.10 -22.09 -44.80
N LEU B 79 25.06 -21.63 -43.98
CA LEU B 79 26.25 -20.95 -44.45
C LEU B 79 27.49 -21.52 -43.77
N PRO B 80 28.27 -22.40 -44.45
CA PRO B 80 29.53 -22.88 -43.91
C PRO B 80 30.68 -21.88 -44.09
N LEU B 81 31.16 -21.33 -42.97
CA LEU B 81 32.38 -20.56 -42.94
C LEU B 81 33.53 -21.47 -42.52
N GLU B 82 34.33 -21.91 -43.50
CA GLU B 82 35.45 -22.80 -43.29
C GLU B 82 36.52 -22.13 -42.42
N HIS B 83 37.17 -22.94 -41.59
CA HIS B 83 38.29 -22.53 -40.76
C HIS B 83 39.34 -21.75 -41.56
N SER B 84 39.57 -22.18 -42.81
CA SER B 84 40.58 -21.60 -43.69
C SER B 84 40.22 -20.18 -44.14
N GLN B 85 38.95 -19.79 -44.00
CA GLN B 85 38.51 -18.45 -44.40
C GLN B 85 38.80 -17.42 -43.32
N PHE B 86 39.23 -17.85 -42.12
CA PHE B 86 39.56 -16.94 -41.03
C PHE B 86 41.07 -16.70 -40.99
N SER B 87 41.49 -15.51 -40.51
CA SER B 87 42.91 -15.14 -40.43
C SER B 87 43.66 -16.11 -39.51
N ARG B 88 43.03 -16.42 -38.37
CA ARG B 88 43.49 -17.45 -37.46
C ARG B 88 42.27 -18.25 -36.98
N TYR B 89 42.41 -19.57 -36.91
CA TYR B 89 41.34 -20.42 -36.41
C TYR B 89 41.91 -21.57 -35.60
N ARG B 90 41.59 -21.58 -34.30
CA ARG B 90 41.96 -22.67 -33.40
C ARG B 90 40.74 -23.11 -32.62
N TRP B 91 40.51 -24.43 -32.60
CA TRP B 91 39.40 -25.01 -31.84
C TRP B 91 39.91 -26.16 -30.97
N ARG B 92 39.34 -26.28 -29.76
CA ARG B 92 39.63 -27.36 -28.84
C ARG B 92 38.36 -27.76 -28.09
N GLY B 93 38.30 -29.02 -27.66
CA GLY B 93 37.14 -29.51 -26.92
C GLY B 93 35.98 -29.85 -27.86
N PRO B 94 34.78 -30.16 -27.34
CA PRO B 94 33.66 -30.54 -28.20
C PRO B 94 33.17 -29.42 -29.12
N THR B 95 32.25 -29.78 -30.03
CA THR B 95 31.51 -28.80 -30.81
C THR B 95 30.71 -27.93 -29.84
N ALA B 96 30.68 -26.63 -30.13
CA ALA B 96 29.87 -25.67 -29.38
C ALA B 96 28.80 -25.10 -30.30
N ALA B 97 27.61 -24.87 -29.76
CA ALA B 97 26.56 -24.23 -30.51
C ALA B 97 26.06 -23.01 -29.74
N PHE B 98 25.87 -21.91 -30.46
CA PHE B 98 25.45 -20.66 -29.88
C PHE B 98 24.27 -20.12 -30.67
N LEU B 99 23.27 -19.61 -29.97
CA LEU B 99 22.31 -18.73 -30.62
C LEU B 99 23.01 -17.40 -30.92
N SER B 100 22.81 -16.90 -32.15
CA SER B 100 23.47 -15.70 -32.63
C SER B 100 23.00 -14.45 -31.86
N LEU B 101 21.75 -14.46 -31.38
CA LEU B 101 21.21 -13.32 -30.65
C LEU B 101 21.67 -13.32 -29.19
N VAL B 102 22.13 -12.15 -28.73
CA VAL B 102 22.48 -11.90 -27.34
C VAL B 102 21.38 -11.03 -26.74
N ASP B 103 20.84 -11.46 -25.59
CA ASP B 103 19.76 -10.78 -24.88
C ASP B 103 18.59 -10.45 -25.82
N GLN B 104 18.34 -11.34 -26.79
CA GLN B 104 17.27 -11.23 -27.78
C GLN B 104 17.29 -9.91 -28.56
N LYS B 105 18.46 -9.25 -28.67
CA LYS B 105 18.59 -7.95 -29.32
C LYS B 105 19.69 -7.98 -30.39
N ARG B 106 20.94 -7.79 -29.98
CA ARG B 106 22.08 -7.72 -30.88
C ARG B 106 22.46 -9.11 -31.35
N SER B 107 23.03 -9.20 -32.56
CA SER B 107 23.46 -10.46 -33.13
C SER B 107 24.99 -10.51 -33.19
N LEU B 108 25.54 -11.70 -32.96
CA LEU B 108 26.95 -11.97 -33.18
C LEU B 108 27.33 -11.70 -34.64
N LEU B 109 26.36 -11.77 -35.56
CA LEU B 109 26.64 -11.58 -36.97
C LEU B 109 26.34 -10.15 -37.42
N SER B 110 25.81 -9.29 -36.54
CA SER B 110 25.60 -7.88 -36.86
C SER B 110 26.88 -7.18 -37.32
N VAL B 111 28.05 -7.64 -36.85
CA VAL B 111 29.34 -7.07 -37.21
C VAL B 111 29.63 -7.27 -38.72
N PHE B 112 28.95 -8.24 -39.37
CA PHE B 112 29.22 -8.54 -40.77
C PHE B 112 28.16 -7.95 -41.72
N ARG B 113 27.15 -7.24 -41.19
CA ARG B 113 26.30 -6.38 -42.02
C ARG B 113 27.19 -5.36 -42.76
N ALA B 114 26.75 -4.97 -43.97
CA ALA B 114 27.58 -4.24 -44.92
C ALA B 114 28.09 -2.90 -44.39
N ASN B 115 27.26 -2.13 -43.65
CA ASN B 115 27.62 -0.79 -43.24
C ASN B 115 27.38 -0.53 -41.75
N GLN B 116 27.29 -1.61 -40.94
CA GLN B 116 26.96 -1.50 -39.52
C GLN B 116 28.15 -0.94 -38.74
N TYR B 117 29.37 -1.26 -39.19
CA TYR B 117 30.61 -0.73 -38.64
C TYR B 117 31.50 -0.26 -39.79
N PRO B 118 31.33 0.99 -40.30
CA PRO B 118 32.03 1.46 -41.50
C PRO B 118 33.56 1.37 -41.48
N ASP B 119 34.17 1.51 -40.30
CA ASP B 119 35.62 1.58 -40.15
C ASP B 119 36.19 0.28 -39.59
N LEU B 120 35.47 -0.84 -39.75
CA LEU B 120 35.83 -2.11 -39.14
C LEU B 120 37.20 -2.58 -39.62
N ARG B 121 38.00 -3.10 -38.68
CA ARG B 121 39.40 -3.41 -38.89
C ARG B 121 39.71 -4.85 -38.46
N ARG B 122 39.10 -5.31 -37.36
CA ARG B 122 39.41 -6.62 -36.82
C ARG B 122 38.23 -7.13 -35.99
N VAL B 123 38.04 -8.47 -35.99
CA VAL B 123 37.05 -9.13 -35.16
C VAL B 123 37.69 -10.38 -34.58
N GLU B 124 37.45 -10.62 -33.27
CA GLU B 124 37.93 -11.81 -32.61
C GLU B 124 36.78 -12.55 -31.93
N LEU B 125 36.83 -13.89 -31.98
CA LEU B 125 36.02 -14.76 -31.13
C LEU B 125 36.95 -15.56 -30.23
N ALA B 126 36.76 -15.41 -28.91
CA ALA B 126 37.43 -16.25 -27.93
C ALA B 126 36.39 -17.11 -27.22
N ILE B 127 36.59 -18.44 -27.19
CA ILE B 127 35.67 -19.32 -26.47
C ILE B 127 36.42 -19.91 -25.28
N THR B 128 35.80 -19.79 -24.09
CA THR B 128 36.47 -20.05 -22.82
C THR B 128 35.58 -20.89 -21.90
N GLY B 129 36.22 -21.59 -20.96
CA GLY B 129 35.52 -22.44 -20.00
C GLY B 129 35.50 -23.89 -20.47
N GLN B 130 34.56 -24.68 -19.92
CA GLN B 130 34.44 -26.10 -20.22
C GLN B 130 33.00 -26.45 -20.58
N ALA B 131 32.84 -27.43 -21.48
CA ALA B 131 31.54 -27.86 -21.94
C ALA B 131 30.76 -28.52 -20.82
N PRO B 132 29.42 -28.44 -20.76
CA PRO B 132 28.58 -27.61 -21.64
C PRO B 132 28.26 -26.18 -21.19
N PHE B 133 29.29 -25.45 -20.74
CA PHE B 133 29.10 -24.14 -20.12
C PHE B 133 30.16 -23.13 -20.59
N ARG B 134 30.70 -23.30 -21.81
CA ARG B 134 31.65 -22.37 -22.37
C ARG B 134 31.00 -21.06 -22.77
N THR B 135 31.77 -19.96 -22.68
CA THR B 135 31.33 -18.65 -23.14
C THR B 135 32.18 -18.18 -24.32
N LEU B 136 31.49 -17.78 -25.39
CA LEU B 136 32.06 -17.03 -26.50
C LEU B 136 32.08 -15.55 -26.14
N VAL B 137 33.21 -14.89 -26.40
CA VAL B 137 33.31 -13.44 -26.40
C VAL B 137 33.69 -12.99 -27.81
N GLN B 138 32.96 -12.00 -28.34
CA GLN B 138 33.27 -11.34 -29.59
C GLN B 138 33.75 -9.91 -29.34
N ARG B 139 34.94 -9.58 -29.84
CA ARG B 139 35.51 -8.23 -29.74
C ARG B 139 35.71 -7.64 -31.13
N ILE B 140 35.60 -6.30 -31.20
CA ILE B 140 35.51 -5.55 -32.45
C ILE B 140 36.51 -4.39 -32.39
N TRP B 141 37.26 -4.17 -33.48
CA TRP B 141 38.18 -3.04 -33.62
C TRP B 141 37.88 -2.27 -34.90
N THR B 142 38.08 -0.94 -34.85
CA THR B 142 38.00 -0.08 -36.02
C THR B 142 39.33 0.63 -36.22
N THR B 143 39.77 0.75 -37.47
CA THR B 143 40.96 1.51 -37.79
C THR B 143 40.63 2.98 -37.59
N THR B 144 41.43 3.71 -36.78
CA THR B 144 41.21 5.13 -36.56
C THR B 144 42.25 5.93 -37.35
N SER B 145 42.27 7.26 -37.17
CA SER B 145 43.17 8.14 -37.91
C SER B 145 44.59 7.56 -37.91
N ASP B 146 45.19 7.47 -39.11
CA ASP B 146 46.55 6.96 -39.29
C ASP B 146 46.59 5.43 -39.16
N GLY B 147 45.42 4.78 -39.19
CA GLY B 147 45.35 3.33 -39.13
C GLY B 147 45.59 2.79 -37.72
N GLU B 148 45.03 3.47 -36.71
CA GLU B 148 45.15 3.00 -35.35
C GLU B 148 44.00 2.05 -35.05
N ALA B 149 44.33 0.80 -34.71
CA ALA B 149 43.33 -0.21 -34.40
C ALA B 149 42.81 0.00 -32.98
N VAL B 150 41.65 0.66 -32.86
CA VAL B 150 41.03 0.94 -31.57
C VAL B 150 39.87 -0.03 -31.34
N GLU B 151 39.81 -0.63 -30.15
CA GLU B 151 38.75 -1.55 -29.78
C GLU B 151 37.47 -0.81 -29.39
N LEU B 152 36.34 -1.27 -29.95
CA LEU B 152 35.01 -0.81 -29.57
C LEU B 152 34.52 -1.66 -28.40
N ALA B 153 35.04 -1.35 -27.21
CA ALA B 153 34.80 -2.15 -26.01
C ALA B 153 33.31 -2.25 -25.70
N SER B 154 32.58 -1.14 -25.92
CA SER B 154 31.15 -1.06 -25.66
C SER B 154 30.33 -1.96 -26.59
N GLU B 155 30.91 -2.37 -27.72
CA GLU B 155 30.23 -3.20 -28.70
C GLU B 155 30.53 -4.70 -28.48
N THR B 156 31.37 -5.03 -27.48
CA THR B 156 31.70 -6.41 -27.14
C THR B 156 30.45 -7.25 -26.87
N LEU B 157 30.44 -8.50 -27.37
CA LEU B 157 29.32 -9.41 -27.17
C LEU B 157 29.78 -10.67 -26.46
N MET B 158 28.91 -11.20 -25.60
CA MET B 158 29.22 -12.34 -24.75
C MET B 158 28.03 -13.31 -24.79
N LYS B 159 28.33 -14.59 -25.00
CA LYS B 159 27.28 -15.59 -25.15
C LYS B 159 27.74 -16.93 -24.58
N ARG B 160 26.98 -17.52 -23.64
CA ARG B 160 27.24 -18.88 -23.21
C ARG B 160 26.67 -19.84 -24.26
N GLU B 161 27.34 -20.98 -24.46
CA GLU B 161 26.89 -21.99 -25.40
C GLU B 161 25.53 -22.55 -24.97
N LEU B 162 24.80 -23.10 -25.97
CA LEU B 162 23.66 -23.95 -25.69
C LEU B 162 24.14 -25.13 -24.85
N THR B 163 23.48 -25.36 -23.72
CA THR B 163 23.90 -26.44 -22.84
C THR B 163 23.49 -27.78 -23.44
N SER B 164 22.41 -27.76 -24.25
CA SER B 164 22.03 -28.91 -25.07
C SER B 164 21.48 -28.43 -26.42
N PHE B 165 21.86 -29.10 -27.52
CA PHE B 165 21.35 -28.75 -28.84
C PHE B 165 21.31 -29.97 -29.75
N VAL B 166 20.32 -29.99 -30.65
CA VAL B 166 20.27 -30.92 -31.77
C VAL B 166 20.09 -30.11 -33.05
N VAL B 167 20.96 -30.32 -34.04
CA VAL B 167 20.68 -29.79 -35.37
C VAL B 167 20.91 -30.90 -36.41
N LEU B 168 20.01 -30.94 -37.40
CA LEU B 168 20.06 -31.94 -38.45
C LEU B 168 20.61 -31.28 -39.71
N VAL B 169 21.58 -31.95 -40.33
CA VAL B 169 22.46 -31.31 -41.31
C VAL B 169 22.57 -32.17 -42.57
N PRO B 170 22.59 -31.57 -43.78
CA PRO B 170 22.84 -32.33 -45.01
C PRO B 170 24.16 -33.10 -45.00
N GLN B 171 24.14 -34.28 -45.62
CA GLN B 171 25.33 -35.13 -45.77
C GLN B 171 25.23 -35.89 -47.09
N GLY B 172 26.38 -36.41 -47.53
CA GLY B 172 26.44 -37.21 -48.75
C GLY B 172 26.74 -36.36 -49.98
N THR B 173 27.02 -37.06 -51.09
CA THR B 173 27.27 -36.41 -52.38
C THR B 173 25.95 -36.40 -53.16
N PRO B 174 25.56 -35.26 -53.79
CA PRO B 174 24.35 -35.24 -54.61
C PRO B 174 24.49 -36.13 -55.83
N ASP B 175 23.33 -36.59 -56.31
CA ASP B 175 23.26 -37.48 -57.45
C ASP B 175 23.49 -36.70 -58.75
N VAL B 176 23.00 -35.45 -58.80
CA VAL B 176 23.19 -34.57 -59.95
C VAL B 176 23.49 -33.15 -59.46
N GLN B 177 24.42 -32.48 -60.14
CA GLN B 177 24.71 -31.07 -59.91
C GLN B 177 24.59 -30.30 -61.23
N LEU B 178 23.82 -29.20 -61.23
CA LEU B 178 23.67 -28.32 -62.37
C LEU B 178 23.97 -26.89 -61.95
N ARG B 179 25.00 -26.28 -62.57
CA ARG B 179 25.40 -24.91 -62.28
C ARG B 179 24.65 -23.94 -63.17
N LEU B 180 23.82 -23.07 -62.56
CA LEU B 180 23.08 -22.04 -63.26
C LEU B 180 23.70 -20.67 -62.99
N THR B 181 23.94 -19.89 -64.06
CA THR B 181 24.23 -18.47 -63.96
C THR B 181 23.02 -17.72 -63.42
N ARG B 182 23.20 -16.43 -63.08
CA ARG B 182 22.16 -15.61 -62.47
C ARG B 182 20.90 -15.50 -63.35
N PRO B 183 21.01 -15.24 -64.68
CA PRO B 183 19.85 -15.28 -65.56
C PRO B 183 19.15 -16.65 -65.62
N GLN B 184 19.93 -17.75 -65.65
CA GLN B 184 19.38 -19.09 -65.73
C GLN B 184 18.59 -19.43 -64.47
N LEU B 185 19.12 -19.11 -63.28
CA LEU B 185 18.44 -19.43 -62.04
C LEU B 185 17.15 -18.61 -61.93
N THR B 186 17.20 -17.31 -62.27
CA THR B 186 16.01 -16.47 -62.19
C THR B 186 14.90 -16.98 -63.12
N LYS B 187 15.25 -17.49 -64.31
CA LYS B 187 14.31 -18.19 -65.17
C LYS B 187 13.67 -19.38 -64.46
N VAL B 188 14.46 -20.20 -63.76
CA VAL B 188 13.97 -21.37 -63.03
C VAL B 188 13.03 -20.93 -61.91
N LEU B 189 13.39 -19.87 -61.18
CA LEU B 189 12.55 -19.40 -60.09
C LEU B 189 11.22 -18.87 -60.64
N ASN B 190 11.23 -18.27 -61.85
CA ASN B 190 10.01 -17.80 -62.51
C ASN B 190 9.15 -18.99 -62.96
N ALA B 191 9.79 -20.10 -63.37
CA ALA B 191 9.08 -21.31 -63.79
C ALA B 191 8.49 -22.09 -62.60
N THR B 192 9.00 -21.82 -61.39
CA THR B 192 8.58 -22.50 -60.16
C THR B 192 7.15 -22.08 -59.79
N GLY B 193 6.40 -23.03 -59.20
CA GLY B 193 4.97 -22.89 -58.96
C GLY B 193 4.63 -21.83 -57.90
N ALA B 194 3.48 -21.18 -58.09
CA ALA B 194 3.07 -20.03 -57.30
C ALA B 194 2.40 -20.43 -55.99
N ASP B 195 1.90 -21.68 -55.91
CA ASP B 195 1.24 -22.19 -54.72
C ASP B 195 1.18 -23.72 -54.80
N SER B 196 0.93 -24.33 -53.63
CA SER B 196 0.66 -25.75 -53.45
C SER B 196 -0.35 -26.32 -54.46
N ALA B 197 -1.28 -25.48 -54.93
CA ALA B 197 -2.32 -25.88 -55.86
C ALA B 197 -1.78 -26.02 -57.29
N THR B 198 -0.57 -25.50 -57.54
CA THR B 198 0.08 -25.58 -58.84
C THR B 198 1.55 -25.99 -58.66
N PRO B 199 1.83 -27.27 -58.30
CA PRO B 199 3.21 -27.71 -58.03
C PRO B 199 4.10 -27.67 -59.27
N THR B 200 5.41 -27.84 -59.07
CA THR B 200 6.36 -27.75 -60.17
C THR B 200 7.25 -29.00 -60.21
N THR B 201 7.61 -29.39 -61.44
CA THR B 201 8.40 -30.57 -61.72
C THR B 201 9.77 -30.15 -62.25
N PHE B 202 10.82 -30.76 -61.70
CA PHE B 202 12.18 -30.67 -62.23
C PHE B 202 12.52 -31.99 -62.91
N GLU B 203 13.00 -31.94 -64.16
CA GLU B 203 13.31 -33.16 -64.89
C GLU B 203 14.63 -33.02 -65.65
N LEU B 204 15.38 -34.13 -65.68
CA LEU B 204 16.54 -34.27 -66.52
C LEU B 204 16.35 -35.50 -67.41
N GLY B 205 16.37 -35.31 -68.74
CA GLY B 205 16.06 -36.35 -69.70
C GLY B 205 17.30 -37.04 -70.26
N VAL B 206 17.07 -38.09 -71.06
CA VAL B 206 18.10 -38.99 -71.58
C VAL B 206 19.09 -38.26 -72.48
N ASN B 207 18.64 -37.14 -73.09
CA ASN B 207 19.42 -36.38 -74.05
C ASN B 207 20.20 -35.24 -73.37
N GLY B 208 20.09 -35.12 -72.04
CA GLY B 208 20.71 -34.03 -71.29
C GLY B 208 19.84 -32.78 -71.25
N LYS B 209 18.59 -32.87 -71.68
CA LYS B 209 17.67 -31.75 -71.56
C LYS B 209 17.22 -31.64 -70.10
N PHE B 210 17.47 -30.48 -69.49
CA PHE B 210 16.99 -30.15 -68.15
C PHE B 210 15.81 -29.21 -68.28
N SER B 211 14.75 -29.42 -67.49
CA SER B 211 13.52 -28.64 -67.63
C SER B 211 12.81 -28.47 -66.29
N VAL B 212 12.13 -27.33 -66.14
CA VAL B 212 11.33 -27.02 -64.96
C VAL B 212 9.98 -26.48 -65.45
N PHE B 213 8.88 -27.03 -64.92
CA PHE B 213 7.56 -26.66 -65.42
C PHE B 213 6.47 -26.80 -64.35
N THR B 214 5.34 -26.15 -64.62
CA THR B 214 4.17 -26.14 -63.75
C THR B 214 2.93 -25.98 -64.65
N THR B 215 1.77 -25.66 -64.06
CA THR B 215 0.50 -25.75 -64.75
C THR B 215 0.38 -24.73 -65.89
N SER B 216 1.18 -23.64 -65.86
CA SER B 216 1.01 -22.53 -66.78
C SER B 216 2.32 -22.07 -67.45
N THR B 217 3.47 -22.67 -67.11
CA THR B 217 4.75 -22.20 -67.65
C THR B 217 5.80 -23.32 -67.63
N CYS B 218 6.80 -23.17 -68.51
CA CYS B 218 7.87 -24.14 -68.69
C CYS B 218 9.15 -23.44 -69.13
N VAL B 219 10.29 -23.93 -68.61
CA VAL B 219 11.62 -23.44 -68.93
C VAL B 219 12.53 -24.65 -69.16
N THR B 220 13.50 -24.52 -70.08
CA THR B 220 14.31 -25.66 -70.53
C THR B 220 15.75 -25.22 -70.82
N PHE B 221 16.69 -26.15 -70.63
CA PHE B 221 18.12 -25.91 -70.79
C PHE B 221 18.81 -27.16 -71.35
N ALA B 222 19.96 -26.95 -72.00
CA ALA B 222 20.81 -28.05 -72.45
C ALA B 222 21.94 -28.27 -71.45
N ALA B 223 21.84 -29.34 -70.65
CA ALA B 223 22.84 -29.64 -69.64
C ALA B 223 24.00 -30.43 -70.26
N ARG B 224 25.21 -30.25 -69.71
CA ARG B 224 26.40 -30.94 -70.20
C ARG B 224 27.42 -31.09 -69.07
N GLU B 225 28.23 -32.17 -69.16
CA GLU B 225 29.30 -32.42 -68.19
C GLU B 225 30.43 -31.40 -68.36
N GLU B 226 31.00 -30.98 -67.22
CA GLU B 226 32.20 -30.14 -67.23
C GLU B 226 33.40 -30.96 -67.73
N ASN B 252 24.02 -19.45 -76.61
CA ASN B 252 24.68 -20.33 -75.60
C ASN B 252 24.04 -20.16 -74.22
N ALA B 253 23.05 -19.26 -74.09
CA ALA B 253 22.44 -18.95 -72.80
C ALA B 253 21.67 -20.15 -72.23
N LYS B 254 21.37 -21.15 -73.07
CA LYS B 254 20.65 -22.34 -72.64
C LYS B 254 21.60 -23.44 -72.14
N THR B 255 22.91 -23.27 -72.32
CA THR B 255 23.89 -24.26 -71.88
C THR B 255 24.06 -24.21 -70.35
N VAL B 256 23.88 -25.36 -69.70
CA VAL B 256 24.05 -25.51 -68.26
C VAL B 256 25.15 -26.55 -68.01
N TYR B 257 26.20 -26.16 -67.30
CA TYR B 257 27.28 -27.07 -66.95
C TYR B 257 26.88 -27.87 -65.72
N GLY B 258 27.44 -29.07 -65.57
CA GLY B 258 27.07 -29.92 -64.44
C GLY B 258 27.94 -31.15 -64.24
N GLU B 259 27.42 -32.02 -63.36
CA GLU B 259 27.99 -33.31 -63.00
C GLU B 259 26.87 -34.35 -62.94
N ASN B 260 27.17 -35.53 -63.50
CA ASN B 260 26.26 -36.67 -63.60
C ASN B 260 25.01 -36.31 -64.43
N THR B 261 25.21 -35.51 -65.49
CA THR B 261 24.15 -35.09 -66.40
C THR B 261 23.40 -36.29 -66.99
N HIS B 262 24.06 -37.45 -67.03
CA HIS B 262 23.52 -38.68 -67.59
C HIS B 262 22.47 -39.33 -66.67
N ARG B 263 22.46 -38.97 -65.38
CA ARG B 263 21.52 -39.52 -64.41
C ARG B 263 20.17 -38.81 -64.57
N THR B 264 19.28 -39.43 -65.34
CA THR B 264 17.95 -38.88 -65.58
C THR B 264 17.11 -38.94 -64.30
N PHE B 265 16.16 -38.01 -64.17
CA PHE B 265 15.27 -37.98 -63.02
C PHE B 265 14.02 -37.16 -63.32
N SER B 266 12.98 -37.36 -62.51
CA SER B 266 11.84 -36.46 -62.41
C SER B 266 11.45 -36.34 -60.93
N VAL B 267 11.34 -35.10 -60.44
CA VAL B 267 10.97 -34.83 -59.06
C VAL B 267 10.00 -33.64 -59.01
N VAL B 268 9.20 -33.55 -57.95
CA VAL B 268 8.19 -32.51 -57.82
C VAL B 268 8.35 -31.79 -56.47
N VAL B 269 8.02 -30.49 -56.46
CA VAL B 269 7.91 -29.73 -55.22
C VAL B 269 6.63 -28.90 -55.25
N ASP B 270 5.94 -28.86 -54.10
CA ASP B 270 4.63 -28.24 -53.96
C ASP B 270 4.76 -26.74 -53.63
N ASP B 271 5.72 -26.41 -52.75
CA ASP B 271 5.81 -25.09 -52.15
C ASP B 271 6.40 -24.07 -53.14
N CYS B 272 5.88 -22.84 -53.07
CA CYS B 272 6.42 -21.67 -53.77
C CYS B 272 7.64 -21.11 -53.04
N SER B 273 8.02 -21.74 -51.92
CA SER B 273 9.06 -21.27 -51.03
C SER B 273 10.40 -21.11 -51.74
N MET B 274 10.69 -21.97 -52.71
CA MET B 274 12.01 -21.99 -53.34
C MET B 274 12.29 -20.64 -54.01
N ARG B 275 11.29 -20.00 -54.64
CA ARG B 275 11.50 -18.68 -55.22
C ARG B 275 11.70 -17.64 -54.11
N ALA B 276 10.83 -17.65 -53.10
CA ALA B 276 10.85 -16.66 -52.03
C ALA B 276 12.17 -16.70 -51.24
N VAL B 277 12.65 -17.91 -50.90
CA VAL B 277 13.85 -18.13 -50.12
C VAL B 277 15.09 -17.64 -50.89
N LEU B 278 15.19 -18.00 -52.16
CA LEU B 278 16.40 -17.74 -52.93
C LEU B 278 16.48 -16.27 -53.33
N ARG B 279 15.35 -15.58 -53.44
CA ARG B 279 15.33 -14.14 -53.63
C ARG B 279 15.68 -13.43 -52.32
N ARG B 280 15.10 -13.88 -51.19
CA ARG B 280 15.41 -13.36 -49.86
C ARG B 280 16.94 -13.37 -49.62
N LEU B 281 17.59 -14.48 -49.93
CA LEU B 281 19.02 -14.65 -49.74
C LEU B 281 19.86 -13.97 -50.83
N GLN B 282 19.20 -13.42 -51.86
CA GLN B 282 19.81 -12.69 -52.98
C GLN B 282 20.81 -13.58 -53.70
N VAL B 283 20.38 -14.80 -54.03
CA VAL B 283 21.26 -15.76 -54.70
C VAL B 283 21.45 -15.37 -56.16
N GLY B 284 22.68 -14.96 -56.50
CA GLY B 284 22.99 -14.53 -57.85
C GLY B 284 23.58 -15.66 -58.68
N GLY B 285 22.75 -16.64 -59.00
CA GLY B 285 23.22 -17.86 -59.63
C GLY B 285 23.75 -18.87 -58.63
N GLY B 286 23.56 -20.16 -58.93
CA GLY B 286 23.86 -21.21 -57.98
C GLY B 286 23.86 -22.60 -58.60
N THR B 287 24.41 -23.56 -57.85
CA THR B 287 24.35 -24.97 -58.21
C THR B 287 23.07 -25.59 -57.64
N LEU B 288 22.24 -26.16 -58.52
CA LEU B 288 21.20 -27.10 -58.10
C LEU B 288 21.86 -28.45 -57.80
N LYS B 289 21.71 -28.93 -56.56
CA LYS B 289 22.24 -30.21 -56.11
C LYS B 289 21.06 -31.13 -55.76
N PHE B 290 20.92 -32.24 -56.50
CA PHE B 290 19.77 -33.14 -56.35
C PHE B 290 20.19 -34.38 -55.56
N PHE B 291 19.43 -34.69 -54.50
CA PHE B 291 19.62 -35.89 -53.71
C PHE B 291 18.37 -36.76 -53.87
N LEU B 292 18.54 -37.93 -54.49
CA LEU B 292 17.43 -38.69 -55.05
C LEU B 292 17.29 -40.05 -54.35
N THR B 293 18.41 -40.64 -53.91
CA THR B 293 18.42 -41.97 -53.30
C THR B 293 18.10 -41.89 -51.80
N THR B 294 17.04 -41.18 -51.44
CA THR B 294 16.54 -41.12 -50.08
C THR B 294 15.01 -41.20 -50.10
N PRO B 295 14.34 -41.60 -49.00
CA PRO B 295 12.89 -41.74 -48.98
C PRO B 295 12.18 -40.46 -49.40
N VAL B 296 12.57 -39.34 -48.78
CA VAL B 296 12.16 -38.04 -49.26
C VAL B 296 13.32 -37.52 -50.09
N PRO B 297 13.15 -37.22 -51.40
CA PRO B 297 14.23 -36.60 -52.18
C PRO B 297 14.45 -35.16 -51.70
N SER B 298 15.62 -34.59 -51.98
CA SER B 298 15.88 -33.20 -51.62
C SER B 298 16.67 -32.45 -52.69
N LEU B 299 16.38 -31.14 -52.79
CA LEU B 299 17.12 -30.23 -53.63
C LEU B 299 17.85 -29.20 -52.75
N CYS B 300 19.18 -29.16 -52.84
CA CYS B 300 19.96 -28.11 -52.22
C CYS B 300 20.40 -27.12 -53.30
N VAL B 301 20.10 -25.84 -53.10
CA VAL B 301 20.59 -24.78 -53.97
C VAL B 301 21.70 -24.03 -53.24
N THR B 302 22.93 -24.12 -53.78
CA THR B 302 24.11 -23.47 -53.22
C THR B 302 24.49 -22.29 -54.11
N ALA B 303 24.60 -21.09 -53.51
CA ALA B 303 24.97 -19.87 -54.21
C ALA B 303 26.40 -19.95 -54.76
N THR B 304 26.70 -19.13 -55.78
CA THR B 304 28.02 -19.10 -56.39
C THR B 304 28.64 -17.71 -56.40
N GLY B 305 27.97 -16.72 -55.77
CA GLY B 305 28.46 -15.36 -55.70
C GLY B 305 29.46 -15.16 -54.56
N PRO B 306 29.46 -13.99 -53.89
CA PRO B 306 30.27 -13.80 -52.68
C PRO B 306 29.86 -14.75 -51.55
N ASN B 307 28.55 -15.01 -51.43
CA ASN B 307 28.04 -15.87 -50.38
C ASN B 307 28.18 -17.32 -50.83
N ALA B 308 28.45 -18.20 -49.86
CA ALA B 308 28.40 -19.65 -50.07
C ALA B 308 27.13 -20.23 -49.46
N VAL B 309 26.05 -19.45 -49.36
CA VAL B 309 24.83 -19.85 -48.68
C VAL B 309 24.11 -20.94 -49.47
N SER B 310 23.39 -21.82 -48.75
CA SER B 310 22.67 -22.96 -49.31
C SER B 310 21.29 -23.06 -48.69
N ALA B 311 20.27 -23.31 -49.52
CA ALA B 311 18.92 -23.61 -49.07
C ALA B 311 18.57 -25.03 -49.49
N VAL B 312 17.93 -25.80 -48.58
CA VAL B 312 17.56 -27.18 -48.87
C VAL B 312 16.05 -27.33 -48.79
N PHE B 313 15.49 -27.86 -49.89
CA PHE B 313 14.06 -28.02 -50.08
C PHE B 313 13.75 -29.52 -50.19
N LEU B 314 12.73 -29.99 -49.48
CA LEU B 314 12.30 -31.38 -49.58
C LEU B 314 11.48 -31.57 -50.86
N LEU B 315 11.72 -32.70 -51.54
CA LEU B 315 11.06 -33.05 -52.79
C LEU B 315 10.04 -34.17 -52.53
N LYS B 316 8.94 -34.16 -53.31
CA LYS B 316 7.87 -35.14 -53.21
C LYS B 316 8.43 -36.53 -53.55
N PRO B 317 8.27 -37.56 -52.69
CA PRO B 317 8.75 -38.92 -52.99
C PRO B 317 8.28 -39.50 -54.32
N GLN B 318 9.18 -40.23 -54.98
CA GLN B 318 8.94 -40.77 -56.31
C GLN B 318 8.08 -42.04 -56.20
P AS C 47 -19.79 -8.44 9.38
OP1 AS C 47 -19.25 -8.58 7.99
S2P AS C 47 -19.07 -9.73 10.67
O5' AS C 47 -21.39 -8.54 9.32
C5' AS C 47 -22.22 -7.39 8.95
C4' AS C 47 -23.18 -7.75 7.86
O4' AS C 47 -22.72 -7.17 6.63
C3' AS C 47 -23.35 -9.25 7.57
O3' AS C 47 -24.37 -9.81 8.38
C2' AS C 47 -23.74 -9.26 6.10
C1' AS C 47 -23.06 -8.02 5.53
N9 AS C 47 -21.82 -8.30 4.81
C8 AS C 47 -20.58 -8.47 5.35
N7 AS C 47 -19.65 -8.68 4.44
C5 AS C 47 -20.34 -8.64 3.23
C6 AS C 47 -19.93 -8.79 1.89
N6 AS C 47 -18.66 -9.03 1.53
N1 AS C 47 -20.88 -8.70 0.93
C2 AS C 47 -22.15 -8.47 1.30
N3 AS C 47 -22.64 -8.30 2.52
C4 AS C 47 -21.68 -8.40 3.45
CA CA E . -19.13 -4.31 12.97
CA CA F . -21.14 -7.95 11.81
#